data_2G0U
#
_entry.id   2G0U
#
_entity_poly.entity_id   1
_entity_poly.type   'polypeptide(L)'
_entity_poly.pdbx_seq_one_letter_code
;MSNPPTPLLADYEWSGYLTGIGRAFDDGVKDLNKQLQDAQANLTKNPSDPTALANYQMIMSEYNLYRNAQSSAVKSMKDI
DSSILEHHHHHH
;
_entity_poly.pdbx_strand_id   A
#
# COMPACT_ATOMS: atom_id res chain seq x y z
N MET A 1 10.76 17.04 5.19
CA MET A 1 10.54 18.30 5.95
C MET A 1 11.69 19.29 5.76
N SER A 2 12.87 19.05 6.34
CA SER A 2 14.03 19.97 6.32
C SER A 2 14.68 20.17 4.94
N ASN A 3 14.37 19.30 3.96
CA ASN A 3 14.84 19.40 2.57
C ASN A 3 14.39 20.71 1.86
N PRO A 4 15.14 21.16 0.82
CA PRO A 4 14.70 22.24 -0.07
C PRO A 4 13.32 21.99 -0.70
N PRO A 5 12.56 23.03 -1.06
CA PRO A 5 11.27 22.90 -1.75
C PRO A 5 11.44 22.35 -3.19
N THR A 6 10.38 21.73 -3.71
CA THR A 6 10.31 21.18 -5.07
C THR A 6 8.93 21.41 -5.71
N PRO A 7 8.85 21.39 -7.06
CA PRO A 7 7.61 21.58 -7.83
C PRO A 7 6.46 20.66 -7.40
N LEU A 8 5.23 21.21 -7.39
CA LEU A 8 4.02 20.54 -6.90
C LEU A 8 2.76 20.91 -7.71
N LEU A 9 2.93 21.53 -8.89
CA LEU A 9 1.85 22.12 -9.72
C LEU A 9 0.82 21.10 -10.26
N ALA A 10 1.18 19.82 -10.32
CA ALA A 10 0.37 18.74 -10.92
C ALA A 10 0.46 17.42 -10.12
N ASP A 11 0.69 17.49 -8.80
CA ASP A 11 0.92 16.33 -7.93
C ASP A 11 -0.22 15.28 -7.93
N TYR A 12 -1.47 15.73 -8.08
CA TYR A 12 -2.67 14.91 -8.28
C TYR A 12 -3.78 15.74 -8.94
N GLU A 13 -4.48 15.15 -9.92
CA GLU A 13 -5.70 15.72 -10.53
C GLU A 13 -6.55 14.65 -11.25
N TRP A 14 -5.90 13.74 -11.98
CA TRP A 14 -6.56 12.76 -12.85
C TRP A 14 -6.17 11.29 -12.58
N SER A 15 -5.16 11.02 -11.75
CA SER A 15 -4.63 9.67 -11.49
C SER A 15 -5.66 8.67 -10.95
N GLY A 16 -6.75 9.15 -10.34
CA GLY A 16 -7.92 8.35 -9.96
C GLY A 16 -8.49 7.49 -11.10
N TYR A 17 -8.40 8.00 -12.35
CA TYR A 17 -8.82 7.32 -13.59
C TYR A 17 -8.17 5.94 -13.81
N LEU A 18 -6.98 5.71 -13.25
CA LEU A 18 -6.26 4.43 -13.33
C LEU A 18 -5.93 3.82 -11.95
N THR A 19 -5.92 4.62 -10.87
CA THR A 19 -5.85 4.11 -9.48
C THR A 19 -7.11 3.33 -9.12
N GLY A 20 -8.27 3.77 -9.64
CA GLY A 20 -9.59 3.14 -9.47
C GLY A 20 -9.67 1.66 -9.89
N ILE A 21 -8.83 1.26 -10.84
CA ILE A 21 -8.69 -0.13 -11.32
C ILE A 21 -7.38 -0.79 -10.85
N GLY A 22 -6.29 -0.03 -10.76
CA GLY A 22 -4.98 -0.51 -10.27
C GLY A 22 -5.03 -1.08 -8.85
N ARG A 23 -5.81 -0.46 -7.96
CA ARG A 23 -6.06 -0.92 -6.58
C ARG A 23 -6.61 -2.34 -6.47
N ALA A 24 -7.31 -2.83 -7.51
CA ALA A 24 -7.92 -4.17 -7.50
C ALA A 24 -6.94 -5.31 -7.84
N PHE A 25 -5.71 -4.98 -8.27
CA PHE A 25 -4.59 -5.92 -8.42
C PHE A 25 -3.58 -5.74 -7.26
N ASP A 26 -4.03 -5.12 -6.17
CA ASP A 26 -3.25 -4.63 -5.04
C ASP A 26 -3.99 -4.80 -3.70
N ASP A 27 -5.01 -5.67 -3.66
CA ASP A 27 -5.99 -5.82 -2.56
C ASP A 27 -5.42 -6.01 -1.13
N GLY A 28 -4.21 -6.56 -0.98
CA GLY A 28 -3.51 -6.70 0.31
C GLY A 28 -2.77 -5.45 0.78
N VAL A 29 -2.76 -4.38 -0.03
CA VAL A 29 -2.22 -3.05 0.30
C VAL A 29 -3.23 -1.92 0.00
N LYS A 30 -4.29 -2.21 -0.77
CA LYS A 30 -5.43 -1.31 -1.02
C LYS A 30 -5.93 -0.59 0.23
N ASP A 31 -5.88 -1.26 1.38
CA ASP A 31 -6.13 -0.74 2.73
C ASP A 31 -5.32 0.51 3.11
N LEU A 32 -3.99 0.44 2.96
CA LEU A 32 -3.07 1.54 3.24
C LEU A 32 -3.03 2.53 2.07
N ASN A 33 -3.23 2.05 0.85
CA ASN A 33 -3.35 2.89 -0.35
C ASN A 33 -4.55 3.84 -0.26
N LYS A 34 -5.68 3.37 0.28
CA LYS A 34 -6.87 4.18 0.60
C LYS A 34 -6.58 5.24 1.66
N GLN A 35 -5.86 4.86 2.72
CA GLN A 35 -5.40 5.80 3.75
C GLN A 35 -4.49 6.89 3.18
N LEU A 36 -3.61 6.53 2.25
CA LEU A 36 -2.70 7.47 1.58
C LEU A 36 -3.42 8.37 0.57
N GLN A 37 -4.38 7.84 -0.19
CA GLN A 37 -5.23 8.65 -1.08
C GLN A 37 -6.13 9.61 -0.28
N ASP A 38 -6.59 9.20 0.92
CA ASP A 38 -7.26 10.11 1.86
C ASP A 38 -6.33 11.21 2.38
N ALA A 39 -5.05 10.89 2.63
CA ALA A 39 -4.04 11.92 2.92
C ALA A 39 -3.90 12.89 1.74
N GLN A 40 -3.80 12.34 0.53
CA GLN A 40 -3.66 13.07 -0.73
C GLN A 40 -4.90 13.92 -1.05
N ALA A 41 -6.09 13.56 -0.56
CA ALA A 41 -7.30 14.40 -0.61
C ALA A 41 -7.37 15.50 0.45
N ASN A 42 -6.90 15.27 1.68
CA ASN A 42 -6.73 16.36 2.64
C ASN A 42 -5.67 17.33 2.09
N LEU A 43 -4.68 16.78 1.37
CA LEU A 43 -3.72 17.53 0.60
C LEU A 43 -4.35 18.15 -0.64
N THR A 44 -5.28 17.50 -1.33
CA THR A 44 -5.91 18.10 -2.53
C THR A 44 -6.68 19.37 -2.17
N LYS A 45 -7.32 19.36 -1.00
CA LYS A 45 -8.01 20.54 -0.45
C LYS A 45 -7.07 21.73 -0.19
N ASN A 46 -5.81 21.47 0.15
CA ASN A 46 -4.74 22.45 0.27
C ASN A 46 -3.35 21.83 0.00
N PRO A 47 -2.90 21.78 -1.28
CA PRO A 47 -1.71 21.02 -1.70
C PRO A 47 -0.43 21.11 -0.89
N SER A 48 -0.19 22.22 -0.18
CA SER A 48 0.93 22.34 0.75
C SER A 48 0.56 22.81 2.15
N ASP A 49 -0.66 22.47 2.58
CA ASP A 49 -1.08 22.61 3.99
C ASP A 49 -0.13 21.70 4.78
N PRO A 50 0.58 22.22 5.78
CA PRO A 50 1.67 21.48 6.41
C PRO A 50 1.25 20.28 7.26
N THR A 51 0.04 20.26 7.83
CA THR A 51 -0.50 19.06 8.48
C THR A 51 -1.00 18.06 7.46
N ALA A 52 -1.66 18.49 6.40
CA ALA A 52 -2.00 17.62 5.26
C ALA A 52 -0.76 16.97 4.66
N LEU A 53 0.32 17.73 4.52
CA LEU A 53 1.56 17.29 3.92
C LEU A 53 2.38 16.48 4.91
N ALA A 54 2.34 16.81 6.20
CA ALA A 54 2.89 15.99 7.28
C ALA A 54 2.16 14.64 7.36
N ASN A 55 0.84 14.66 7.21
CA ASN A 55 -0.03 13.50 7.22
C ASN A 55 0.26 12.58 6.03
N TYR A 56 0.24 13.14 4.82
CA TYR A 56 0.68 12.44 3.61
C TYR A 56 2.09 11.91 3.72
N GLN A 57 3.06 12.67 4.22
CA GLN A 57 4.44 12.17 4.38
C GLN A 57 4.55 11.05 5.43
N MET A 58 3.78 11.12 6.53
CA MET A 58 3.73 10.09 7.57
C MET A 58 3.08 8.79 7.08
N ILE A 59 1.91 8.89 6.44
CA ILE A 59 1.21 7.76 5.86
C ILE A 59 2.03 7.19 4.70
N MET A 60 2.73 8.03 3.93
CA MET A 60 3.61 7.58 2.85
C MET A 60 4.85 6.85 3.37
N SER A 61 5.39 7.27 4.52
CA SER A 61 6.45 6.55 5.22
C SER A 61 6.00 5.14 5.63
N GLU A 62 4.77 4.99 6.12
CA GLU A 62 4.17 3.67 6.41
C GLU A 62 3.83 2.88 5.15
N TYR A 63 3.28 3.53 4.13
CA TYR A 63 2.95 2.95 2.82
C TYR A 63 4.18 2.33 2.17
N ASN A 64 5.26 3.11 2.07
CA ASN A 64 6.47 2.67 1.38
C ASN A 64 7.19 1.54 2.14
N LEU A 65 7.23 1.63 3.48
CA LEU A 65 7.79 0.59 4.35
C LEU A 65 7.01 -0.72 4.27
N TYR A 66 5.68 -0.67 4.35
CA TYR A 66 4.84 -1.86 4.24
C TYR A 66 4.94 -2.51 2.85
N ARG A 67 5.00 -1.70 1.78
CA ARG A 67 5.25 -2.22 0.42
C ARG A 67 6.64 -2.87 0.29
N ASN A 68 7.69 -2.30 0.89
CA ASN A 68 9.00 -2.94 0.98
C ASN A 68 8.98 -4.27 1.77
N ALA A 69 8.21 -4.33 2.86
CA ALA A 69 8.05 -5.56 3.62
C ALA A 69 7.23 -6.63 2.86
N GLN A 70 6.22 -6.22 2.08
CA GLN A 70 5.47 -7.09 1.18
C GLN A 70 6.35 -7.64 0.05
N SER A 71 7.20 -6.81 -0.57
CA SER A 71 8.22 -7.27 -1.53
C SER A 71 9.22 -8.24 -0.90
N SER A 72 9.63 -8.00 0.36
CA SER A 72 10.49 -8.93 1.12
C SER A 72 9.81 -10.27 1.39
N ALA A 73 8.50 -10.27 1.66
CA ALA A 73 7.70 -11.49 1.80
C ALA A 73 7.61 -12.27 0.48
N VAL A 74 7.36 -11.59 -0.64
CA VAL A 74 7.32 -12.17 -1.99
C VAL A 74 8.68 -12.77 -2.39
N LYS A 75 9.79 -12.09 -2.07
CA LYS A 75 11.18 -12.58 -2.23
C LYS A 75 11.48 -13.85 -1.40
N SER A 76 10.68 -14.13 -0.38
CA SER A 76 10.86 -15.22 0.60
C SER A 76 9.72 -16.25 0.59
N MET A 77 8.78 -16.17 -0.35
CA MET A 77 7.54 -16.97 -0.33
C MET A 77 7.76 -18.49 -0.29
N LYS A 78 8.86 -19.00 -0.89
CA LYS A 78 9.26 -20.42 -0.84
C LYS A 78 9.65 -20.88 0.58
N ASP A 79 10.21 -19.98 1.39
CA ASP A 79 10.53 -20.23 2.80
C ASP A 79 9.30 -20.05 3.70
N ILE A 80 8.49 -19.01 3.46
CA ILE A 80 7.24 -18.73 4.20
C ILE A 80 6.24 -19.90 4.07
N ASP A 81 6.24 -20.61 2.95
CA ASP A 81 5.43 -21.82 2.73
C ASP A 81 5.73 -22.99 3.70
N SER A 82 6.87 -22.94 4.42
CA SER A 82 7.33 -23.95 5.41
C SER A 82 7.64 -23.35 6.79
N SER A 83 7.88 -22.04 6.87
CA SER A 83 8.29 -21.26 8.05
C SER A 83 7.47 -19.97 8.17
N ILE A 84 6.14 -20.11 8.07
CA ILE A 84 5.15 -19.03 8.06
C ILE A 84 5.37 -18.00 9.20
N LEU A 85 5.48 -16.72 8.81
CA LEU A 85 5.69 -15.57 9.71
C LEU A 85 5.14 -14.29 9.07
N GLU A 86 4.17 -13.64 9.72
CA GLU A 86 3.65 -12.34 9.29
C GLU A 86 4.74 -11.25 9.34
N HIS A 87 4.82 -10.43 8.28
CA HIS A 87 5.86 -9.41 8.12
C HIS A 87 5.45 -8.02 8.69
N HIS A 88 4.22 -7.87 9.20
CA HIS A 88 3.76 -6.66 9.90
C HIS A 88 4.61 -6.39 11.16
N HIS A 89 5.12 -5.17 11.31
CA HIS A 89 5.98 -4.77 12.42
C HIS A 89 5.97 -3.24 12.67
N HIS A 90 6.65 -2.80 13.73
CA HIS A 90 6.94 -1.40 14.03
C HIS A 90 8.41 -1.24 14.49
N HIS A 91 8.85 -2.07 15.45
CA HIS A 91 10.26 -2.21 15.82
C HIS A 91 11.03 -2.94 14.69
N HIS A 92 12.28 -2.52 14.41
CA HIS A 92 13.09 -3.04 13.29
C HIS A 92 14.59 -3.06 13.65
N MET A 1 -9.77 0.66 -19.99
CA MET A 1 -9.13 -0.19 -18.95
C MET A 1 -7.74 0.37 -18.60
N SER A 2 -7.43 0.45 -17.30
CA SER A 2 -6.16 0.98 -16.77
C SER A 2 -5.82 0.37 -15.39
N ASN A 3 -4.61 0.62 -14.89
CA ASN A 3 -4.11 0.13 -13.60
C ASN A 3 -3.13 1.12 -12.93
N PRO A 4 -2.94 1.06 -11.59
CA PRO A 4 -1.93 1.83 -10.88
C PRO A 4 -0.51 1.23 -11.09
N PRO A 5 0.57 2.01 -10.84
CA PRO A 5 1.94 1.52 -10.94
C PRO A 5 2.31 0.58 -9.78
N THR A 6 3.25 -0.33 -10.04
CA THR A 6 3.81 -1.29 -9.07
C THR A 6 5.34 -1.40 -9.17
N PRO A 7 6.01 -1.84 -8.08
CA PRO A 7 7.45 -2.06 -8.04
C PRO A 7 7.97 -3.04 -9.09
N LEU A 8 9.26 -2.93 -9.43
CA LEU A 8 9.94 -3.76 -10.45
C LEU A 8 11.30 -4.33 -10.01
N LEU A 9 11.79 -3.97 -8.81
CA LEU A 9 13.07 -4.42 -8.24
C LEU A 9 12.91 -5.80 -7.55
N ALA A 10 12.58 -6.83 -8.34
CA ALA A 10 12.50 -8.21 -7.90
C ALA A 10 13.83 -8.73 -7.31
N ASP A 11 13.73 -9.67 -6.36
CA ASP A 11 14.84 -10.23 -5.58
C ASP A 11 14.47 -11.63 -5.05
N TYR A 12 15.39 -12.32 -4.36
CA TYR A 12 15.21 -13.63 -3.71
C TYR A 12 14.13 -13.70 -2.60
N GLU A 13 13.26 -12.68 -2.47
CA GLU A 13 12.09 -12.65 -1.58
C GLU A 13 11.11 -13.83 -1.82
N TRP A 14 11.10 -14.36 -3.04
CA TRP A 14 10.23 -15.46 -3.48
C TRP A 14 10.44 -16.78 -2.72
N SER A 15 11.54 -16.95 -1.99
CA SER A 15 11.89 -18.16 -1.23
C SER A 15 11.04 -18.40 0.03
N GLY A 16 10.15 -17.47 0.42
CA GLY A 16 9.22 -17.68 1.55
C GLY A 16 8.26 -16.52 1.85
N TYR A 17 8.69 -15.27 1.66
CA TYR A 17 7.82 -14.09 1.82
C TYR A 17 6.64 -14.10 0.82
N LEU A 18 6.88 -14.63 -0.38
CA LEU A 18 5.85 -14.93 -1.38
C LEU A 18 5.24 -16.30 -1.05
N THR A 19 4.02 -16.27 -0.52
CA THR A 19 3.27 -17.43 0.01
C THR A 19 1.80 -17.02 0.21
N GLY A 20 1.00 -17.80 0.96
CA GLY A 20 -0.40 -17.46 1.34
C GLY A 20 -0.61 -16.01 1.80
N ILE A 21 0.35 -15.42 2.52
CA ILE A 21 0.43 -14.00 2.89
C ILE A 21 0.06 -13.07 1.72
N GLY A 22 0.67 -13.33 0.56
CA GLY A 22 0.61 -12.51 -0.64
C GLY A 22 -0.74 -12.48 -1.36
N ARG A 23 -1.64 -13.40 -0.98
CA ARG A 23 -2.99 -13.55 -1.53
C ARG A 23 -4.12 -13.56 -0.48
N ALA A 24 -3.80 -13.29 0.80
CA ALA A 24 -4.77 -13.30 1.90
C ALA A 24 -4.59 -12.20 2.94
N PHE A 25 -3.35 -11.92 3.35
CA PHE A 25 -3.05 -10.79 4.22
C PHE A 25 -2.96 -9.48 3.42
N ASP A 26 -2.44 -9.56 2.19
CA ASP A 26 -2.41 -8.50 1.17
C ASP A 26 -3.72 -7.70 1.05
N ASP A 27 -4.86 -8.40 0.99
CA ASP A 27 -6.20 -7.81 0.86
C ASP A 27 -6.60 -6.91 2.05
N GLY A 28 -5.96 -7.10 3.21
CA GLY A 28 -6.16 -6.28 4.42
C GLY A 28 -5.20 -5.10 4.54
N VAL A 29 -4.11 -5.04 3.76
CA VAL A 29 -3.12 -3.95 3.78
C VAL A 29 -3.25 -3.00 2.59
N LYS A 30 -3.97 -3.38 1.52
CA LYS A 30 -4.34 -2.45 0.44
C LYS A 30 -5.14 -1.23 0.97
N ASP A 31 -5.74 -1.35 2.15
CA ASP A 31 -6.35 -0.28 2.94
C ASP A 31 -5.39 0.90 3.20
N LEU A 32 -4.09 0.63 3.36
CA LEU A 32 -3.02 1.63 3.55
C LEU A 32 -2.90 2.54 2.32
N ASN A 33 -2.98 1.95 1.12
CA ASN A 33 -2.96 2.71 -0.14
C ASN A 33 -4.18 3.66 -0.25
N LYS A 34 -5.35 3.22 0.23
CA LYS A 34 -6.56 4.06 0.36
C LYS A 34 -6.38 5.18 1.39
N GLN A 35 -5.77 4.90 2.55
CA GLN A 35 -5.42 5.91 3.55
C GLN A 35 -4.48 6.99 2.99
N LEU A 36 -3.51 6.58 2.17
CA LEU A 36 -2.57 7.49 1.51
C LEU A 36 -3.23 8.33 0.42
N GLN A 37 -4.08 7.74 -0.40
CA GLN A 37 -4.86 8.49 -1.39
C GLN A 37 -5.84 9.48 -0.73
N ASP A 38 -6.37 9.13 0.46
CA ASP A 38 -7.13 10.08 1.28
C ASP A 38 -6.25 11.20 1.85
N ALA A 39 -5.02 10.90 2.29
CA ALA A 39 -4.04 11.92 2.66
C ALA A 39 -3.77 12.87 1.50
N GLN A 40 -3.57 12.30 0.31
CA GLN A 40 -3.30 13.01 -0.94
C GLN A 40 -4.50 13.87 -1.36
N ALA A 41 -5.74 13.51 -1.02
CA ALA A 41 -6.92 14.38 -1.19
C ALA A 41 -7.09 15.44 -0.11
N ASN A 42 -6.72 15.19 1.16
CA ASN A 42 -6.63 16.25 2.16
C ASN A 42 -5.57 17.26 1.69
N LEU A 43 -4.51 16.75 1.06
CA LEU A 43 -3.50 17.50 0.36
C LEU A 43 -4.02 18.13 -0.93
N THR A 44 -4.90 17.49 -1.70
CA THR A 44 -5.44 18.11 -2.92
C THR A 44 -6.23 19.37 -2.58
N LYS A 45 -6.97 19.34 -1.47
CA LYS A 45 -7.70 20.51 -0.97
C LYS A 45 -6.79 21.69 -0.63
N ASN A 46 -5.57 21.43 -0.16
CA ASN A 46 -4.51 22.40 0.04
C ASN A 46 -3.11 21.78 -0.11
N PRO A 47 -2.52 21.77 -1.34
CA PRO A 47 -1.30 21.02 -1.69
C PRO A 47 -0.10 21.16 -0.76
N SER A 48 0.03 22.25 -0.01
CA SER A 48 1.03 22.41 1.02
C SER A 48 0.53 22.88 2.38
N ASP A 49 -0.72 22.53 2.69
CA ASP A 49 -1.25 22.66 4.06
C ASP A 49 -0.38 21.76 4.94
N PRO A 50 0.23 22.28 6.01
CA PRO A 50 1.26 21.55 6.74
C PRO A 50 0.77 20.35 7.52
N THR A 51 -0.49 20.31 7.97
CA THR A 51 -1.08 19.12 8.59
C THR A 51 -1.48 18.10 7.53
N ALA A 52 -2.05 18.52 6.39
CA ALA A 52 -2.26 17.66 5.24
C ALA A 52 -0.96 17.01 4.76
N LEU A 53 0.10 17.80 4.72
CA LEU A 53 1.41 17.36 4.25
C LEU A 53 2.13 16.54 5.32
N ALA A 54 1.97 16.88 6.60
CA ALA A 54 2.42 16.06 7.73
C ALA A 54 1.71 14.70 7.74
N ASN A 55 0.40 14.71 7.46
CA ASN A 55 -0.45 13.53 7.39
C ASN A 55 -0.01 12.62 6.23
N TYR A 56 0.06 13.18 5.03
CA TYR A 56 0.64 12.51 3.86
C TYR A 56 2.06 12.00 4.10
N GLN A 57 2.95 12.76 4.73
CA GLN A 57 4.31 12.29 5.06
C GLN A 57 4.29 11.13 6.07
N MET A 58 3.43 11.17 7.09
CA MET A 58 3.30 10.12 8.11
C MET A 58 2.73 8.82 7.53
N ILE A 59 1.68 8.92 6.72
CA ILE A 59 1.06 7.78 6.05
C ILE A 59 2.00 7.25 4.95
N MET A 60 2.72 8.12 4.26
CA MET A 60 3.70 7.71 3.25
C MET A 60 4.94 7.04 3.87
N SER A 61 5.34 7.45 5.07
CA SER A 61 6.37 6.77 5.86
C SER A 61 5.97 5.32 6.18
N GLU A 62 4.68 5.06 6.42
CA GLU A 62 4.12 3.72 6.61
C GLU A 62 3.94 2.95 5.28
N TYR A 63 3.46 3.64 4.25
CA TYR A 63 3.24 3.09 2.90
C TYR A 63 4.52 2.65 2.20
N ASN A 64 5.59 3.45 2.29
CA ASN A 64 6.85 3.19 1.61
C ASN A 64 7.54 1.95 2.17
N LEU A 65 7.44 1.74 3.50
CA LEU A 65 7.87 0.52 4.18
C LEU A 65 7.08 -0.72 3.72
N TYR A 66 5.75 -0.59 3.63
CA TYR A 66 4.89 -1.65 3.07
C TYR A 66 5.14 -1.93 1.59
N ARG A 67 5.53 -0.94 0.78
CA ARG A 67 5.77 -1.11 -0.68
C ARG A 67 6.80 -2.22 -0.98
N ASN A 68 7.82 -2.36 -0.14
CA ASN A 68 8.80 -3.46 -0.20
C ASN A 68 8.16 -4.85 -0.01
N ALA A 69 7.17 -4.96 0.88
CA ALA A 69 6.41 -6.19 1.06
C ALA A 69 5.33 -6.40 -0.03
N GLN A 70 4.67 -5.31 -0.46
CA GLN A 70 3.69 -5.31 -1.54
C GLN A 70 4.28 -5.80 -2.87
N SER A 71 5.56 -5.49 -3.15
CA SER A 71 6.31 -6.03 -4.30
C SER A 71 6.31 -7.56 -4.34
N SER A 72 6.48 -8.22 -3.20
CA SER A 72 6.42 -9.69 -3.09
C SER A 72 4.99 -10.21 -3.33
N ALA A 73 4.00 -9.60 -2.67
CA ALA A 73 2.59 -9.98 -2.79
C ALA A 73 1.99 -9.75 -4.19
N VAL A 74 2.47 -8.76 -4.95
CA VAL A 74 2.13 -8.52 -6.35
C VAL A 74 2.46 -9.74 -7.23
N LYS A 75 3.56 -10.44 -6.95
CA LYS A 75 4.00 -11.64 -7.68
C LYS A 75 3.15 -12.88 -7.36
N SER A 76 2.58 -12.97 -6.16
CA SER A 76 1.61 -14.03 -5.78
C SER A 76 0.37 -14.07 -6.69
N MET A 77 -0.08 -12.93 -7.22
CA MET A 77 -1.22 -12.85 -8.13
C MET A 77 -1.01 -13.65 -9.43
N LYS A 78 0.24 -13.87 -9.86
CA LYS A 78 0.58 -14.70 -11.02
C LYS A 78 0.18 -16.17 -10.86
N ASP A 79 0.13 -16.67 -9.62
CA ASP A 79 -0.41 -18.01 -9.30
C ASP A 79 -1.95 -18.03 -9.35
N ILE A 80 -2.60 -16.96 -8.87
CA ILE A 80 -4.08 -16.78 -8.91
C ILE A 80 -4.60 -16.71 -10.34
N ASP A 81 -3.84 -16.08 -11.26
CA ASP A 81 -4.15 -16.00 -12.70
C ASP A 81 -4.31 -17.38 -13.37
N SER A 82 -3.75 -18.45 -12.80
CA SER A 82 -3.89 -19.83 -13.31
C SER A 82 -5.35 -20.32 -13.39
N SER A 83 -6.27 -19.68 -12.65
CA SER A 83 -7.72 -19.94 -12.71
C SER A 83 -8.39 -19.49 -14.02
N ILE A 84 -7.79 -18.58 -14.79
CA ILE A 84 -8.31 -18.12 -16.09
C ILE A 84 -8.07 -19.22 -17.15
N LEU A 85 -9.04 -19.44 -18.03
CA LEU A 85 -9.05 -20.49 -19.08
C LEU A 85 -8.15 -20.14 -20.31
N GLU A 86 -6.99 -19.51 -20.08
CA GLU A 86 -6.01 -19.15 -21.12
C GLU A 86 -5.18 -20.35 -21.67
N HIS A 87 -5.45 -21.56 -21.19
CA HIS A 87 -4.76 -22.81 -21.56
C HIS A 87 -4.88 -23.16 -23.07
N HIS A 88 -4.08 -24.13 -23.52
CA HIS A 88 -3.90 -24.57 -24.92
C HIS A 88 -5.11 -25.28 -25.57
N HIS A 89 -6.33 -25.04 -25.06
CA HIS A 89 -7.60 -25.45 -25.67
C HIS A 89 -7.94 -24.64 -26.94
N HIS A 90 -7.01 -23.81 -27.41
CA HIS A 90 -7.14 -22.81 -28.47
C HIS A 90 -5.90 -22.87 -29.39
N HIS A 91 -6.09 -22.67 -30.69
CA HIS A 91 -5.05 -22.85 -31.72
C HIS A 91 -5.07 -21.71 -32.76
N HIS A 92 -3.99 -21.59 -33.55
CA HIS A 92 -3.73 -20.52 -34.52
C HIS A 92 -3.13 -21.05 -35.83
N MET A 1 16.30 27.98 0.25
CA MET A 1 15.14 27.16 -0.18
C MET A 1 13.84 27.94 0.01
N SER A 2 13.17 28.30 -1.09
CA SER A 2 11.87 29.01 -1.07
C SER A 2 10.70 28.14 -0.60
N ASN A 3 10.69 26.86 -0.98
CA ASN A 3 9.76 25.82 -0.51
C ASN A 3 10.37 24.40 -0.68
N PRO A 4 9.91 23.39 0.10
CA PRO A 4 10.33 22.01 -0.09
C PRO A 4 9.78 21.40 -1.40
N PRO A 5 10.32 20.24 -1.85
CA PRO A 5 9.79 19.44 -2.95
C PRO A 5 8.27 19.16 -2.89
N THR A 6 7.68 18.88 -4.05
CA THR A 6 6.25 18.56 -4.23
C THR A 6 6.04 17.40 -5.21
N PRO A 7 4.87 16.73 -5.17
CA PRO A 7 4.49 15.62 -6.05
C PRO A 7 4.61 15.94 -7.56
N LEU A 8 4.81 14.90 -8.37
CA LEU A 8 5.03 14.98 -9.83
C LEU A 8 4.31 13.85 -10.59
N LEU A 9 4.13 14.06 -11.90
CA LEU A 9 3.50 13.13 -12.87
C LEU A 9 4.51 12.30 -13.67
N ALA A 10 5.74 12.15 -13.16
CA ALA A 10 6.84 11.40 -13.76
C ALA A 10 6.54 9.89 -13.96
N ASP A 11 7.47 9.14 -14.57
CA ASP A 11 7.32 7.73 -14.95
C ASP A 11 6.77 6.80 -13.84
N TYR A 12 7.22 7.00 -12.59
CA TYR A 12 6.77 6.24 -11.41
C TYR A 12 5.31 6.50 -10.99
N GLU A 13 4.62 7.45 -11.63
CA GLU A 13 3.20 7.78 -11.41
C GLU A 13 2.39 7.63 -12.70
N TRP A 14 2.97 8.01 -13.85
CA TRP A 14 2.40 7.81 -15.19
C TRP A 14 2.11 6.33 -15.51
N SER A 15 2.88 5.41 -14.92
CA SER A 15 2.65 3.95 -14.98
C SER A 15 1.25 3.51 -14.50
N GLY A 16 0.58 4.33 -13.66
CA GLY A 16 -0.81 4.15 -13.22
C GLY A 16 -1.82 3.86 -14.33
N TYR A 17 -1.56 4.35 -15.54
CA TYR A 17 -2.29 4.05 -16.78
C TYR A 17 -2.41 2.54 -17.10
N LEU A 18 -1.53 1.71 -16.54
CA LEU A 18 -1.50 0.24 -16.70
C LEU A 18 -1.43 -0.49 -15.34
N THR A 19 -0.64 0.00 -14.39
CA THR A 19 -0.43 -0.58 -13.04
C THR A 19 -1.73 -0.81 -12.25
N GLY A 20 -2.83 -0.15 -12.59
CA GLY A 20 -4.18 -0.43 -12.07
C GLY A 20 -4.59 -1.91 -12.13
N ILE A 21 -4.13 -2.65 -13.15
CA ILE A 21 -4.34 -4.10 -13.28
C ILE A 21 -3.67 -4.92 -12.16
N GLY A 22 -2.57 -4.41 -11.59
CA GLY A 22 -1.85 -5.00 -10.47
C GLY A 22 -2.44 -4.59 -9.11
N ARG A 23 -2.92 -3.34 -8.99
CA ARG A 23 -3.64 -2.83 -7.81
C ARG A 23 -4.86 -3.68 -7.42
N ALA A 24 -5.43 -4.46 -8.35
CA ALA A 24 -6.53 -5.37 -8.07
C ALA A 24 -6.15 -6.65 -7.32
N PHE A 25 -4.91 -7.15 -7.44
CA PHE A 25 -4.41 -8.24 -6.58
C PHE A 25 -3.74 -7.70 -5.30
N ASP A 26 -3.35 -6.42 -5.31
CA ASP A 26 -2.89 -5.64 -4.16
C ASP A 26 -4.00 -5.35 -3.11
N ASP A 27 -5.21 -5.85 -3.29
CA ASP A 27 -6.39 -5.55 -2.45
C ASP A 27 -6.19 -5.78 -0.94
N GLY A 28 -5.29 -6.70 -0.56
CA GLY A 28 -4.85 -6.93 0.83
C GLY A 28 -4.02 -5.79 1.45
N VAL A 29 -3.51 -4.86 0.63
CA VAL A 29 -2.71 -3.68 1.02
C VAL A 29 -3.32 -2.36 0.48
N LYS A 30 -4.27 -2.44 -0.46
CA LYS A 30 -5.08 -1.31 -0.93
C LYS A 30 -5.76 -0.53 0.22
N ASP A 31 -5.96 -1.18 1.36
CA ASP A 31 -6.37 -0.59 2.64
C ASP A 31 -5.47 0.56 3.12
N LEU A 32 -4.15 0.41 2.96
CA LEU A 32 -3.14 1.41 3.27
C LEU A 32 -3.06 2.46 2.15
N ASN A 33 -3.21 2.03 0.89
CA ASN A 33 -3.29 2.94 -0.25
C ASN A 33 -4.50 3.89 -0.15
N LYS A 34 -5.64 3.41 0.38
CA LYS A 34 -6.85 4.21 0.67
C LYS A 34 -6.58 5.28 1.74
N GLN A 35 -5.85 4.92 2.80
CA GLN A 35 -5.39 5.86 3.83
C GLN A 35 -4.48 6.95 3.24
N LEU A 36 -3.59 6.57 2.33
CA LEU A 36 -2.70 7.50 1.63
C LEU A 36 -3.41 8.37 0.60
N GLN A 37 -4.39 7.84 -0.12
CA GLN A 37 -5.25 8.63 -1.02
C GLN A 37 -6.16 9.59 -0.24
N ASP A 38 -6.60 9.22 0.96
CA ASP A 38 -7.28 10.16 1.88
C ASP A 38 -6.33 11.28 2.29
N ALA A 39 -5.07 10.96 2.61
CA ALA A 39 -4.05 11.96 2.87
C ALA A 39 -3.86 12.89 1.67
N GLN A 40 -3.77 12.32 0.47
CA GLN A 40 -3.59 13.04 -0.79
C GLN A 40 -4.81 13.88 -1.16
N ALA A 41 -6.02 13.53 -0.71
CA ALA A 41 -7.22 14.37 -0.81
C ALA A 41 -7.31 15.48 0.25
N ASN A 42 -6.89 15.24 1.48
CA ASN A 42 -6.74 16.32 2.46
C ASN A 42 -5.65 17.29 1.96
N LEU A 43 -4.65 16.75 1.27
CA LEU A 43 -3.66 17.50 0.52
C LEU A 43 -4.25 18.11 -0.75
N THR A 44 -5.17 17.46 -1.45
CA THR A 44 -5.79 18.06 -2.65
C THR A 44 -6.56 19.33 -2.30
N LYS A 45 -7.24 19.32 -1.14
CA LYS A 45 -7.94 20.49 -0.61
C LYS A 45 -7.00 21.67 -0.30
N ASN A 46 -5.75 21.39 0.08
CA ASN A 46 -4.68 22.37 0.23
C ASN A 46 -3.29 21.74 -0.02
N PRO A 47 -2.80 21.74 -1.28
CA PRO A 47 -1.60 21.01 -1.72
C PRO A 47 -0.33 21.13 -0.88
N SER A 48 -0.15 22.22 -0.13
CA SER A 48 0.93 22.35 0.82
C SER A 48 0.52 22.81 2.23
N ASP A 49 -0.71 22.47 2.63
CA ASP A 49 -1.15 22.58 4.02
C ASP A 49 -0.20 21.69 4.83
N PRO A 50 0.50 22.22 5.85
CA PRO A 50 1.58 21.50 6.48
C PRO A 50 1.16 20.30 7.31
N THR A 51 -0.06 20.27 7.85
CA THR A 51 -0.61 19.06 8.50
C THR A 51 -1.08 18.05 7.48
N ALA A 52 -1.72 18.47 6.39
CA ALA A 52 -2.03 17.60 5.25
C ALA A 52 -0.78 16.95 4.68
N LEU A 53 0.29 17.73 4.55
CA LEU A 53 1.55 17.30 3.98
C LEU A 53 2.35 16.48 4.98
N ALA A 54 2.30 16.83 6.27
CA ALA A 54 2.83 16.01 7.36
C ALA A 54 2.11 14.66 7.42
N ASN A 55 0.78 14.68 7.24
CA ASN A 55 -0.08 13.51 7.24
C ASN A 55 0.24 12.57 6.07
N TYR A 56 0.23 13.13 4.85
CA TYR A 56 0.67 12.42 3.65
C TYR A 56 2.10 11.91 3.78
N GLN A 57 3.06 12.67 4.28
CA GLN A 57 4.43 12.18 4.49
C GLN A 57 4.51 11.06 5.53
N MET A 58 3.76 11.15 6.64
CA MET A 58 3.69 10.14 7.70
C MET A 58 3.05 8.83 7.24
N ILE A 59 1.92 8.91 6.54
CA ILE A 59 1.23 7.76 5.96
C ILE A 59 2.06 7.19 4.81
N MET A 60 2.75 8.04 4.04
CA MET A 60 3.62 7.59 2.95
C MET A 60 4.87 6.87 3.45
N SER A 61 5.41 7.28 4.61
CA SER A 61 6.48 6.57 5.31
C SER A 61 6.03 5.14 5.66
N GLU A 62 4.82 4.97 6.22
CA GLU A 62 4.22 3.66 6.47
C GLU A 62 3.91 2.87 5.19
N TYR A 63 3.35 3.54 4.17
CA TYR A 63 3.04 2.94 2.87
C TYR A 63 4.28 2.38 2.18
N ASN A 64 5.34 3.18 2.11
CA ASN A 64 6.56 2.81 1.40
C ASN A 64 7.31 1.66 2.12
N LEU A 65 7.30 1.69 3.46
CA LEU A 65 7.81 0.62 4.33
C LEU A 65 7.04 -0.69 4.10
N TYR A 66 5.71 -0.63 4.11
CA TYR A 66 4.88 -1.82 3.87
C TYR A 66 5.02 -2.36 2.44
N ARG A 67 5.16 -1.48 1.43
CA ARG A 67 5.47 -1.86 0.04
C ARG A 67 6.76 -2.66 -0.07
N ASN A 68 7.83 -2.23 0.62
CA ASN A 68 9.07 -3.02 0.76
C ASN A 68 8.87 -4.31 1.55
N ALA A 69 8.06 -4.29 2.61
CA ALA A 69 7.78 -5.47 3.41
C ALA A 69 6.96 -6.54 2.65
N GLN A 70 6.09 -6.13 1.71
CA GLN A 70 5.37 -7.05 0.83
C GLN A 70 6.33 -7.81 -0.11
N SER A 71 7.32 -7.12 -0.70
CA SER A 71 8.39 -7.76 -1.49
C SER A 71 9.26 -8.69 -0.64
N SER A 72 9.56 -8.30 0.60
CA SER A 72 10.29 -9.14 1.55
C SER A 72 9.49 -10.39 1.97
N ALA A 73 8.19 -10.27 2.21
CA ALA A 73 7.31 -11.41 2.49
C ALA A 73 7.25 -12.41 1.33
N VAL A 74 7.30 -11.92 0.09
CA VAL A 74 7.36 -12.73 -1.13
C VAL A 74 8.72 -13.45 -1.28
N LYS A 75 9.85 -12.73 -1.12
CA LYS A 75 11.20 -13.34 -1.26
C LYS A 75 11.54 -14.34 -0.15
N SER A 76 11.02 -14.11 1.06
CA SER A 76 11.37 -14.85 2.28
C SER A 76 10.27 -15.79 2.76
N MET A 77 9.22 -16.06 1.97
CA MET A 77 8.12 -16.98 2.36
C MET A 77 8.60 -18.37 2.82
N LYS A 78 9.68 -18.88 2.23
CA LYS A 78 10.42 -20.11 2.61
C LYS A 78 11.01 -20.11 4.03
N ASP A 79 11.04 -18.94 4.68
CA ASP A 79 11.57 -18.67 6.03
C ASP A 79 10.54 -17.93 6.90
N ILE A 80 9.26 -17.94 6.49
CA ILE A 80 8.09 -17.41 7.23
C ILE A 80 7.06 -18.53 7.44
N ASP A 81 6.83 -19.36 6.40
CA ASP A 81 6.01 -20.57 6.51
C ASP A 81 6.55 -21.58 7.55
N SER A 82 7.86 -21.51 7.83
CA SER A 82 8.57 -22.29 8.85
C SER A 82 8.45 -21.75 10.29
N SER A 83 7.90 -20.54 10.47
CA SER A 83 7.92 -19.82 11.77
C SER A 83 6.63 -19.06 12.14
N ILE A 84 5.66 -18.94 11.22
CA ILE A 84 4.33 -18.37 11.47
C ILE A 84 3.62 -19.08 12.65
N LEU A 85 2.89 -18.30 13.46
CA LEU A 85 2.17 -18.80 14.64
C LEU A 85 1.07 -19.84 14.30
N GLU A 86 0.64 -20.60 15.32
CA GLU A 86 -0.27 -21.76 15.18
C GLU A 86 -1.70 -21.45 15.66
N HIS A 87 -2.08 -20.16 15.67
CA HIS A 87 -3.38 -19.65 16.11
C HIS A 87 -3.82 -18.42 15.28
N HIS A 88 -5.07 -17.99 15.44
CA HIS A 88 -5.74 -16.97 14.61
C HIS A 88 -5.97 -15.64 15.37
N HIS A 89 -5.02 -15.25 16.21
CA HIS A 89 -5.06 -14.03 17.02
C HIS A 89 -5.13 -12.73 16.18
N HIS A 90 -4.51 -12.71 15.00
CA HIS A 90 -4.49 -11.56 14.09
C HIS A 90 -5.74 -11.51 13.17
N HIS A 91 -6.14 -10.30 12.79
CA HIS A 91 -7.26 -10.01 11.88
C HIS A 91 -6.94 -8.80 10.97
N HIS A 92 -7.68 -8.66 9.87
CA HIS A 92 -7.56 -7.58 8.87
C HIS A 92 -8.96 -7.07 8.45
N MET A 1 21.53 -28.14 0.39
CA MET A 1 21.63 -26.88 1.16
C MET A 1 22.73 -26.97 2.22
N SER A 2 23.48 -25.89 2.45
CA SER A 2 24.59 -25.83 3.43
C SER A 2 24.14 -25.73 4.89
N ASN A 3 22.99 -25.10 5.15
CA ASN A 3 22.44 -24.86 6.50
C ASN A 3 21.84 -26.14 7.15
N PRO A 4 21.79 -26.21 8.50
CA PRO A 4 21.05 -27.24 9.24
C PRO A 4 19.55 -27.26 8.87
N PRO A 5 18.83 -28.39 9.07
CA PRO A 5 17.47 -28.57 8.55
C PRO A 5 16.36 -27.90 9.36
N THR A 6 16.56 -27.59 10.65
CA THR A 6 15.48 -27.09 11.53
C THR A 6 15.12 -25.63 11.27
N PRO A 7 13.86 -25.21 11.52
CA PRO A 7 13.37 -23.85 11.26
C PRO A 7 14.19 -22.74 11.92
N LEU A 8 14.66 -22.98 13.15
CA LEU A 8 15.51 -22.07 13.94
C LEU A 8 16.87 -21.76 13.26
N LEU A 9 17.31 -22.61 12.34
CA LEU A 9 18.62 -22.59 11.68
C LEU A 9 18.51 -22.55 10.13
N ALA A 10 17.30 -22.32 9.61
CA ALA A 10 16.97 -22.31 8.18
C ALA A 10 16.03 -21.13 7.79
N ASP A 11 15.92 -20.12 8.66
CA ASP A 11 14.97 -19.00 8.54
C ASP A 11 15.08 -18.16 7.25
N TYR A 12 16.20 -18.23 6.53
CA TYR A 12 16.34 -17.64 5.18
C TYR A 12 15.31 -18.19 4.16
N GLU A 13 14.90 -19.46 4.31
CA GLU A 13 13.86 -20.09 3.49
C GLU A 13 12.45 -19.55 3.80
N TRP A 14 12.21 -19.06 5.02
CA TRP A 14 10.90 -18.52 5.45
C TRP A 14 10.47 -17.28 4.64
N SER A 15 11.42 -16.53 4.06
CA SER A 15 11.16 -15.45 3.11
C SER A 15 10.34 -15.88 1.88
N GLY A 16 10.45 -17.14 1.47
CA GLY A 16 9.65 -17.72 0.39
C GLY A 16 8.18 -17.93 0.79
N TYR A 17 7.94 -18.44 2.00
CA TYR A 17 6.60 -18.58 2.58
C TYR A 17 5.95 -17.22 2.87
N LEU A 18 6.72 -16.25 3.35
CA LEU A 18 6.29 -14.86 3.53
C LEU A 18 5.91 -14.18 2.20
N THR A 19 6.66 -14.45 1.11
CA THR A 19 6.29 -14.01 -0.25
C THR A 19 5.00 -14.68 -0.73
N GLY A 20 4.83 -15.97 -0.44
CA GLY A 20 3.65 -16.76 -0.81
C GLY A 20 2.36 -16.30 -0.14
N ILE A 21 2.35 -16.14 1.19
CA ILE A 21 1.20 -15.58 1.93
C ILE A 21 1.02 -14.08 1.69
N GLY A 22 2.08 -13.37 1.26
CA GLY A 22 2.08 -11.93 0.97
C GLY A 22 0.93 -11.47 0.08
N ARG A 23 0.58 -12.21 -0.98
CA ARG A 23 -0.55 -11.90 -1.88
C ARG A 23 -1.93 -12.11 -1.24
N ALA A 24 -2.05 -12.95 -0.21
CA ALA A 24 -3.26 -13.06 0.61
C ALA A 24 -3.33 -11.97 1.69
N PHE A 25 -2.18 -11.61 2.27
CA PHE A 25 -2.09 -10.53 3.24
C PHE A 25 -2.32 -9.15 2.61
N ASP A 26 -1.89 -8.94 1.37
CA ASP A 26 -2.14 -7.77 0.52
C ASP A 26 -3.62 -7.36 0.46
N ASP A 27 -4.54 -8.32 0.36
CA ASP A 27 -5.99 -8.06 0.37
C ASP A 27 -6.53 -7.51 1.72
N GLY A 28 -5.68 -7.48 2.75
CA GLY A 28 -5.92 -6.85 4.07
C GLY A 28 -5.06 -5.61 4.35
N VAL A 29 -4.17 -5.21 3.42
CA VAL A 29 -3.36 -3.97 3.50
C VAL A 29 -3.55 -3.01 2.32
N LYS A 30 -4.40 -3.36 1.34
CA LYS A 30 -4.87 -2.45 0.28
C LYS A 30 -5.47 -1.15 0.86
N ASP A 31 -6.00 -1.25 2.08
CA ASP A 31 -6.47 -0.15 2.93
C ASP A 31 -5.41 0.95 3.19
N LEU A 32 -4.15 0.58 3.35
CA LEU A 32 -3.04 1.52 3.60
C LEU A 32 -2.83 2.47 2.41
N ASN A 33 -2.89 1.92 1.19
CA ASN A 33 -2.87 2.71 -0.04
C ASN A 33 -4.07 3.67 -0.12
N LYS A 34 -5.25 3.24 0.34
CA LYS A 34 -6.45 4.09 0.44
C LYS A 34 -6.34 5.19 1.50
N GLN A 35 -5.70 4.90 2.64
CA GLN A 35 -5.36 5.92 3.66
C GLN A 35 -4.42 6.97 3.10
N LEU A 36 -3.43 6.56 2.30
CA LEU A 36 -2.50 7.48 1.65
C LEU A 36 -3.16 8.31 0.55
N GLN A 37 -4.08 7.73 -0.23
CA GLN A 37 -4.90 8.48 -1.18
C GLN A 37 -5.83 9.48 -0.47
N ASP A 38 -6.35 9.14 0.71
CA ASP A 38 -7.10 10.08 1.56
C ASP A 38 -6.20 11.21 2.10
N ALA A 39 -4.95 10.91 2.46
CA ALA A 39 -3.96 11.94 2.77
C ALA A 39 -3.72 12.86 1.57
N GLN A 40 -3.53 12.27 0.40
CA GLN A 40 -3.30 12.95 -0.87
C GLN A 40 -4.52 13.77 -1.31
N ALA A 41 -5.74 13.44 -0.89
CA ALA A 41 -6.94 14.27 -1.07
C ALA A 41 -7.09 15.40 -0.05
N ASN A 42 -6.71 15.20 1.23
CA ASN A 42 -6.61 16.34 2.16
C ASN A 42 -5.52 17.29 1.65
N LEU A 43 -4.48 16.72 1.04
CA LEU A 43 -3.46 17.44 0.31
C LEU A 43 -3.99 18.01 -1.00
N THR A 44 -4.88 17.35 -1.72
CA THR A 44 -5.42 17.89 -2.98
C THR A 44 -6.22 19.18 -2.72
N LYS A 45 -6.96 19.19 -1.61
CA LYS A 45 -7.71 20.37 -1.15
C LYS A 45 -6.79 21.57 -0.84
N ASN A 46 -5.57 21.32 -0.36
CA ASN A 46 -4.52 22.30 -0.19
C ASN A 46 -3.11 21.67 -0.33
N PRO A 47 -2.53 21.64 -1.55
CA PRO A 47 -1.31 20.90 -1.88
C PRO A 47 -0.09 21.06 -0.97
N SER A 48 0.03 22.17 -0.24
CA SER A 48 1.04 22.34 0.79
C SER A 48 0.54 22.83 2.15
N ASP A 49 -0.72 22.51 2.47
CA ASP A 49 -1.24 22.68 3.83
C ASP A 49 -0.37 21.80 4.73
N PRO A 50 0.23 22.35 5.80
CA PRO A 50 1.26 21.64 6.54
C PRO A 50 0.77 20.46 7.37
N THR A 51 -0.48 20.43 7.83
CA THR A 51 -1.08 19.25 8.45
C THR A 51 -1.44 18.20 7.41
N ALA A 52 -2.01 18.59 6.26
CA ALA A 52 -2.22 17.69 5.13
C ALA A 52 -0.93 17.04 4.67
N LEU A 53 0.14 17.83 4.62
CA LEU A 53 1.45 17.38 4.17
C LEU A 53 2.18 16.59 5.25
N ALA A 54 2.02 16.98 6.52
CA ALA A 54 2.47 16.19 7.67
C ALA A 54 1.76 14.83 7.71
N ASN A 55 0.46 14.82 7.44
CA ASN A 55 -0.39 13.64 7.40
C ASN A 55 0.02 12.69 6.28
N TYR A 56 0.09 13.23 5.05
CA TYR A 56 0.65 12.52 3.90
C TYR A 56 2.06 12.00 4.15
N GLN A 57 2.97 12.78 4.73
CA GLN A 57 4.33 12.30 5.05
C GLN A 57 4.31 11.18 6.12
N MET A 58 3.46 11.28 7.15
CA MET A 58 3.31 10.28 8.21
C MET A 58 2.72 8.95 7.70
N ILE A 59 1.65 9.03 6.91
CA ILE A 59 1.04 7.87 6.28
C ILE A 59 1.97 7.28 5.22
N MET A 60 2.73 8.12 4.50
CA MET A 60 3.72 7.66 3.54
C MET A 60 4.92 6.95 4.19
N SER A 61 5.32 7.41 5.38
CA SER A 61 6.33 6.74 6.22
C SER A 61 5.89 5.33 6.64
N GLU A 62 4.59 5.12 6.86
CA GLU A 62 4.01 3.79 7.09
C GLU A 62 3.84 2.98 5.79
N TYR A 63 3.37 3.62 4.72
CA TYR A 63 3.17 3.04 3.39
C TYR A 63 4.47 2.44 2.82
N ASN A 64 5.56 3.20 2.89
CA ASN A 64 6.82 2.86 2.24
C ASN A 64 7.44 1.54 2.75
N LEU A 65 7.20 1.18 4.02
CA LEU A 65 7.65 -0.08 4.64
C LEU A 65 7.05 -1.31 3.95
N TYR A 66 5.74 -1.30 3.71
CA TYR A 66 5.02 -2.32 2.97
C TYR A 66 5.16 -2.17 1.45
N ARG A 67 5.45 -0.96 0.95
CA ARG A 67 5.56 -0.68 -0.49
C ARG A 67 6.68 -1.47 -1.18
N ASN A 68 7.79 -1.72 -0.49
CA ASN A 68 8.87 -2.59 -0.96
C ASN A 68 8.43 -4.06 -1.13
N ALA A 69 7.53 -4.54 -0.26
CA ALA A 69 6.93 -5.85 -0.40
C ALA A 69 5.83 -5.89 -1.47
N GLN A 70 5.02 -4.83 -1.59
CA GLN A 70 3.97 -4.66 -2.61
C GLN A 70 4.51 -4.76 -4.04
N SER A 71 5.74 -4.30 -4.31
CA SER A 71 6.41 -4.47 -5.63
C SER A 71 6.44 -5.92 -6.13
N SER A 72 6.54 -6.91 -5.22
CA SER A 72 6.52 -8.34 -5.56
C SER A 72 5.21 -8.78 -6.23
N ALA A 73 4.07 -8.28 -5.74
CA ALA A 73 2.75 -8.53 -6.33
C ALA A 73 2.45 -7.63 -7.55
N VAL A 74 2.87 -6.36 -7.49
CA VAL A 74 2.69 -5.36 -8.54
C VAL A 74 3.42 -5.74 -9.83
N LYS A 75 4.61 -6.35 -9.77
CA LYS A 75 5.34 -6.82 -10.97
C LYS A 75 4.51 -7.77 -11.84
N SER A 76 3.75 -8.67 -11.22
CA SER A 76 2.84 -9.63 -11.88
C SER A 76 1.56 -9.00 -12.45
N MET A 77 1.26 -7.73 -12.13
CA MET A 77 0.06 -7.00 -12.57
C MET A 77 0.40 -5.87 -13.54
N LYS A 78 1.49 -5.13 -13.32
CA LYS A 78 2.01 -4.08 -14.22
C LYS A 78 2.31 -4.60 -15.63
N ASP A 79 2.75 -5.85 -15.74
CA ASP A 79 2.95 -6.56 -17.00
C ASP A 79 1.67 -6.68 -17.86
N ILE A 80 0.49 -6.61 -17.23
CA ILE A 80 -0.82 -6.60 -17.90
C ILE A 80 -1.37 -5.16 -18.00
N ASP A 81 -1.27 -4.39 -16.92
CA ASP A 81 -1.75 -2.99 -16.83
C ASP A 81 -1.07 -2.05 -17.85
N SER A 82 0.17 -2.36 -18.25
CA SER A 82 0.90 -1.69 -19.35
C SER A 82 0.10 -1.62 -20.67
N SER A 83 -0.83 -2.55 -20.90
CA SER A 83 -1.76 -2.55 -22.04
C SER A 83 -2.74 -1.35 -22.07
N ILE A 84 -2.91 -0.64 -20.95
CA ILE A 84 -3.80 0.53 -20.80
C ILE A 84 -3.12 1.73 -20.11
N LEU A 85 -1.94 1.55 -19.50
CA LEU A 85 -1.07 2.62 -18.96
C LEU A 85 -0.36 3.39 -20.10
N GLU A 86 -1.16 4.09 -20.91
CA GLU A 86 -0.74 4.95 -22.02
C GLU A 86 -1.74 6.10 -22.25
N HIS A 87 -1.35 7.09 -23.06
CA HIS A 87 -2.16 8.27 -23.38
C HIS A 87 -1.87 8.81 -24.81
N HIS A 88 -2.62 9.81 -25.24
CA HIS A 88 -2.58 10.40 -26.59
C HIS A 88 -2.82 11.91 -26.54
N HIS A 89 -2.21 12.68 -27.44
CA HIS A 89 -2.35 14.13 -27.52
C HIS A 89 -3.73 14.56 -28.07
N HIS A 90 -4.33 15.58 -27.45
CA HIS A 90 -5.66 16.12 -27.78
C HIS A 90 -5.70 17.65 -27.61
N HIS A 91 -6.77 18.30 -28.11
CA HIS A 91 -6.98 19.74 -28.04
C HIS A 91 -8.47 20.10 -27.94
N HIS A 92 -8.78 21.29 -27.40
CA HIS A 92 -10.13 21.83 -27.19
C HIS A 92 -10.14 23.37 -27.28
N MET A 1 -30.44 -19.48 -29.00
CA MET A 1 -31.13 -19.69 -27.70
C MET A 1 -30.88 -18.50 -26.76
N SER A 2 -31.85 -18.18 -25.88
CA SER A 2 -31.73 -17.13 -24.85
C SER A 2 -30.78 -17.48 -23.68
N ASN A 3 -30.25 -18.71 -23.65
CA ASN A 3 -29.41 -19.28 -22.60
C ASN A 3 -28.37 -20.26 -23.21
N PRO A 4 -27.27 -20.59 -22.49
CA PRO A 4 -26.34 -21.63 -22.92
C PRO A 4 -26.97 -23.04 -22.85
N PRO A 5 -26.43 -24.04 -23.56
CA PRO A 5 -26.89 -25.43 -23.48
C PRO A 5 -26.58 -26.11 -22.13
N THR A 6 -25.63 -25.57 -21.37
CA THR A 6 -25.19 -26.13 -20.08
C THR A 6 -26.27 -26.05 -18.98
N PRO A 7 -26.17 -26.91 -17.95
CA PRO A 7 -27.08 -26.93 -16.80
C PRO A 7 -27.16 -25.61 -16.02
N LEU A 8 -26.07 -24.83 -16.03
CA LEU A 8 -25.91 -23.52 -15.37
C LEU A 8 -24.83 -22.70 -16.10
N LEU A 9 -24.81 -21.38 -15.89
CA LEU A 9 -23.81 -20.43 -16.43
C LEU A 9 -22.38 -20.61 -15.85
N ALA A 10 -22.08 -21.73 -15.18
CA ALA A 10 -20.75 -22.09 -14.68
C ALA A 10 -19.64 -22.08 -15.77
N ASP A 11 -20.01 -22.21 -17.05
CA ASP A 11 -19.14 -22.01 -18.22
C ASP A 11 -18.54 -20.59 -18.33
N TYR A 12 -19.08 -19.61 -17.60
CA TYR A 12 -18.63 -18.20 -17.58
C TYR A 12 -18.52 -17.60 -16.16
N GLU A 13 -19.23 -18.15 -15.16
CA GLU A 13 -19.26 -17.64 -13.77
C GLU A 13 -17.88 -17.48 -13.11
N TRP A 14 -16.90 -18.28 -13.51
CA TRP A 14 -15.49 -18.15 -13.12
C TRP A 14 -14.90 -16.74 -13.35
N SER A 15 -15.40 -16.02 -14.36
CA SER A 15 -15.00 -14.64 -14.71
C SER A 15 -15.39 -13.60 -13.64
N GLY A 16 -16.21 -13.99 -12.65
CA GLY A 16 -16.52 -13.20 -11.45
C GLY A 16 -16.08 -13.91 -10.16
N TYR A 17 -16.33 -15.22 -10.04
CA TYR A 17 -15.98 -16.01 -8.86
C TYR A 17 -14.47 -16.00 -8.55
N LEU A 18 -13.63 -16.37 -9.53
CA LEU A 18 -12.17 -16.42 -9.33
C LEU A 18 -11.57 -15.01 -9.17
N THR A 19 -12.17 -13.98 -9.77
CA THR A 19 -11.81 -12.58 -9.56
C THR A 19 -12.06 -12.15 -8.11
N GLY A 20 -13.16 -12.61 -7.50
CA GLY A 20 -13.49 -12.41 -6.08
C GLY A 20 -12.47 -13.08 -5.14
N ILE A 21 -12.09 -14.33 -5.42
CA ILE A 21 -11.01 -15.04 -4.70
C ILE A 21 -9.66 -14.31 -4.84
N GLY A 22 -9.32 -13.86 -6.05
CA GLY A 22 -8.10 -13.10 -6.34
C GLY A 22 -8.01 -11.77 -5.58
N ARG A 23 -9.10 -10.98 -5.59
CA ARG A 23 -9.23 -9.71 -4.84
C ARG A 23 -9.02 -9.89 -3.33
N ALA A 24 -9.38 -11.03 -2.74
CA ALA A 24 -9.29 -11.22 -1.29
C ALA A 24 -7.87 -11.38 -0.74
N PHE A 25 -6.86 -11.56 -1.59
CA PHE A 25 -5.43 -11.50 -1.20
C PHE A 25 -4.86 -10.06 -1.25
N ASP A 26 -5.71 -9.05 -1.46
CA ASP A 26 -5.34 -7.66 -1.75
C ASP A 26 -6.23 -6.62 -1.03
N ASP A 27 -7.55 -6.82 -1.02
CA ASP A 27 -8.54 -5.90 -0.44
C ASP A 27 -8.27 -5.57 1.04
N GLY A 28 -7.73 -6.53 1.79
CA GLY A 28 -7.34 -6.38 3.21
C GLY A 28 -6.10 -5.51 3.46
N VAL A 29 -5.39 -5.07 2.40
CA VAL A 29 -4.18 -4.23 2.49
C VAL A 29 -4.20 -3.01 1.56
N LYS A 30 -5.02 -3.03 0.50
CA LYS A 30 -5.31 -1.85 -0.35
C LYS A 30 -5.86 -0.68 0.49
N ASP A 31 -6.40 -0.97 1.67
CA ASP A 31 -6.79 -0.01 2.70
C ASP A 31 -5.69 1.02 3.03
N LEU A 32 -4.43 0.60 3.10
CA LEU A 32 -3.29 1.49 3.36
C LEU A 32 -3.13 2.52 2.23
N ASN A 33 -3.24 2.07 0.98
CA ASN A 33 -3.26 2.95 -0.18
C ASN A 33 -4.49 3.87 -0.20
N LYS A 34 -5.65 3.40 0.28
CA LYS A 34 -6.86 4.23 0.45
C LYS A 34 -6.68 5.31 1.54
N GLN A 35 -6.00 4.99 2.64
CA GLN A 35 -5.57 5.98 3.66
C GLN A 35 -4.65 7.04 3.04
N LEU A 36 -3.74 6.62 2.16
CA LEU A 36 -2.80 7.52 1.49
C LEU A 36 -3.47 8.41 0.43
N GLN A 37 -4.45 7.89 -0.31
CA GLN A 37 -5.29 8.71 -1.19
C GLN A 37 -6.18 9.67 -0.40
N ASP A 38 -6.65 9.30 0.80
CA ASP A 38 -7.32 10.23 1.72
C ASP A 38 -6.37 11.31 2.24
N ALA A 39 -5.10 10.96 2.51
CA ALA A 39 -4.06 11.95 2.80
C ALA A 39 -3.88 12.91 1.63
N GLN A 40 -3.78 12.36 0.42
CA GLN A 40 -3.64 13.10 -0.83
C GLN A 40 -4.86 13.96 -1.15
N ALA A 41 -6.06 13.63 -0.66
CA ALA A 41 -7.25 14.49 -0.71
C ALA A 41 -7.29 15.60 0.35
N ASN A 42 -6.84 15.35 1.58
CA ASN A 42 -6.65 16.44 2.54
C ASN A 42 -5.56 17.38 2.00
N LEU A 43 -4.58 16.81 1.30
CA LEU A 43 -3.59 17.53 0.53
C LEU A 43 -4.19 18.17 -0.71
N THR A 44 -5.13 17.54 -1.41
CA THR A 44 -5.74 18.14 -2.62
C THR A 44 -6.48 19.43 -2.28
N LYS A 45 -7.14 19.45 -1.12
CA LYS A 45 -7.81 20.65 -0.59
C LYS A 45 -6.84 21.81 -0.34
N ASN A 46 -5.60 21.52 0.05
CA ASN A 46 -4.53 22.48 0.21
C ASN A 46 -3.14 21.84 -0.04
N PRO A 47 -2.66 21.77 -1.30
CA PRO A 47 -1.49 21.00 -1.72
C PRO A 47 -0.20 21.09 -0.89
N SER A 48 0.02 22.17 -0.14
CA SER A 48 1.11 22.27 0.82
C SER A 48 0.70 22.74 2.22
N ASP A 49 -0.53 22.40 2.62
CA ASP A 49 -0.97 22.54 4.02
C ASP A 49 -0.06 21.61 4.84
N PRO A 50 0.63 22.12 5.86
CA PRO A 50 1.69 21.37 6.51
C PRO A 50 1.22 20.18 7.35
N THR A 51 -0.02 20.17 7.86
CA THR A 51 -0.60 18.99 8.50
C THR A 51 -1.08 17.99 7.47
N ALA A 52 -1.71 18.43 6.38
CA ALA A 52 -2.02 17.57 5.23
C ALA A 52 -0.78 16.91 4.67
N LEU A 53 0.31 17.65 4.58
CA LEU A 53 1.57 17.20 4.01
C LEU A 53 2.34 16.36 5.03
N ALA A 54 2.27 16.69 6.32
CA ALA A 54 2.77 15.85 7.41
C ALA A 54 2.02 14.51 7.45
N ASN A 55 0.69 14.56 7.25
CA ASN A 55 -0.20 13.41 7.23
C ASN A 55 0.12 12.50 6.05
N TYR A 56 0.14 13.07 4.85
CA TYR A 56 0.60 12.39 3.63
C TYR A 56 2.00 11.83 3.78
N GLN A 57 2.98 12.55 4.33
CA GLN A 57 4.32 12.02 4.55
C GLN A 57 4.34 10.87 5.57
N MET A 58 3.57 10.95 6.66
CA MET A 58 3.46 9.92 7.69
C MET A 58 2.82 8.63 7.16
N ILE A 59 1.70 8.74 6.44
CA ILE A 59 1.01 7.63 5.82
C ILE A 59 1.86 7.07 4.68
N MET A 60 2.58 7.92 3.94
CA MET A 60 3.49 7.51 2.88
C MET A 60 4.72 6.77 3.41
N SER A 61 5.23 7.14 4.59
CA SER A 61 6.26 6.38 5.30
C SER A 61 5.79 4.95 5.60
N GLU A 62 4.56 4.80 6.11
CA GLU A 62 3.94 3.48 6.34
C GLU A 62 3.71 2.70 5.02
N TYR A 63 3.18 3.38 4.00
CA TYR A 63 2.95 2.81 2.67
C TYR A 63 4.23 2.31 2.00
N ASN A 64 5.27 3.15 2.03
CA ASN A 64 6.54 2.88 1.36
C ASN A 64 7.30 1.76 2.08
N LEU A 65 7.26 1.76 3.41
CA LEU A 65 7.84 0.69 4.24
C LEU A 65 7.18 -0.66 3.99
N TYR A 66 5.85 -0.71 3.86
CA TYR A 66 5.13 -1.94 3.49
C TYR A 66 5.55 -2.46 2.10
N ARG A 67 5.58 -1.59 1.08
CA ARG A 67 6.06 -1.90 -0.27
C ARG A 67 7.51 -2.42 -0.29
N ASN A 68 8.41 -1.75 0.45
CA ASN A 68 9.80 -2.16 0.64
C ASN A 68 9.91 -3.52 1.32
N ALA A 69 9.22 -3.72 2.44
CA ALA A 69 9.32 -4.93 3.22
C ALA A 69 8.74 -6.16 2.50
N GLN A 70 7.60 -6.00 1.82
CA GLN A 70 6.96 -7.03 1.00
C GLN A 70 7.89 -7.52 -0.14
N SER A 71 8.64 -6.60 -0.76
CA SER A 71 9.64 -6.93 -1.80
C SER A 71 10.90 -7.55 -1.20
N SER A 72 11.44 -6.95 -0.13
CA SER A 72 12.69 -7.37 0.51
C SER A 72 12.60 -8.79 1.11
N ALA A 73 11.50 -9.13 1.79
CA ALA A 73 11.31 -10.46 2.38
C ALA A 73 11.29 -11.60 1.34
N VAL A 74 10.92 -11.31 0.09
CA VAL A 74 10.96 -12.23 -1.05
C VAL A 74 12.37 -12.23 -1.68
N LYS A 75 12.91 -11.05 -2.00
CA LYS A 75 14.24 -10.87 -2.63
C LYS A 75 15.43 -11.35 -1.78
N SER A 76 15.25 -11.43 -0.47
CA SER A 76 16.27 -11.81 0.52
C SER A 76 15.90 -13.08 1.31
N MET A 77 14.88 -13.84 0.89
CA MET A 77 14.38 -15.02 1.60
C MET A 77 15.49 -16.05 1.93
N LYS A 78 16.45 -16.25 1.02
CA LYS A 78 17.62 -17.14 1.20
C LYS A 78 18.59 -16.68 2.30
N ASP A 79 18.60 -15.38 2.64
CA ASP A 79 19.34 -14.82 3.78
C ASP A 79 18.51 -14.88 5.07
N ILE A 80 17.21 -14.57 5.01
CA ILE A 80 16.27 -14.72 6.15
C ILE A 80 16.26 -16.15 6.70
N ASP A 81 16.42 -17.16 5.84
CA ASP A 81 16.56 -18.59 6.20
C ASP A 81 17.75 -18.90 7.14
N SER A 82 18.72 -18.00 7.27
CA SER A 82 19.91 -18.13 8.14
C SER A 82 20.10 -16.94 9.11
N SER A 83 19.31 -15.88 8.97
CA SER A 83 19.41 -14.60 9.69
C SER A 83 18.02 -14.08 10.10
N ILE A 84 17.16 -14.97 10.59
CA ILE A 84 15.77 -14.74 10.97
C ILE A 84 15.57 -13.68 12.08
N LEU A 85 16.60 -13.41 12.89
CA LEU A 85 16.56 -12.47 14.03
C LEU A 85 16.27 -11.02 13.60
N GLU A 86 15.72 -10.23 14.54
CA GLU A 86 15.22 -8.86 14.30
C GLU A 86 15.71 -7.83 15.36
N HIS A 87 16.61 -8.24 16.28
CA HIS A 87 17.00 -7.47 17.47
C HIS A 87 18.53 -7.54 17.74
N HIS A 88 18.99 -6.68 18.66
CA HIS A 88 20.38 -6.60 19.13
C HIS A 88 20.43 -6.20 20.62
N HIS A 89 21.59 -6.38 21.27
CA HIS A 89 21.89 -5.88 22.61
C HIS A 89 21.75 -4.35 22.73
N HIS A 90 21.56 -3.86 23.97
CA HIS A 90 21.36 -2.43 24.28
C HIS A 90 22.57 -1.52 23.94
N HIS A 91 23.78 -2.09 23.87
CA HIS A 91 25.04 -1.39 23.58
C HIS A 91 26.01 -2.27 22.76
N HIS A 92 27.13 -1.69 22.31
CA HIS A 92 28.09 -2.32 21.39
C HIS A 92 29.56 -1.93 21.70
N MET A 1 -28.64 -6.52 47.72
CA MET A 1 -27.39 -5.75 47.94
C MET A 1 -26.88 -5.92 49.37
N SER A 2 -25.56 -6.04 49.54
CA SER A 2 -24.88 -6.22 50.84
C SER A 2 -23.59 -5.40 51.01
N ASN A 3 -23.12 -4.76 49.93
CA ASN A 3 -21.83 -4.04 49.85
C ASN A 3 -21.89 -2.96 48.75
N PRO A 4 -21.11 -1.86 48.86
CA PRO A 4 -21.03 -0.80 47.85
C PRO A 4 -20.76 -1.30 46.42
N PRO A 5 -21.46 -0.76 45.38
CA PRO A 5 -21.14 -1.00 43.97
C PRO A 5 -19.68 -0.66 43.59
N THR A 6 -19.22 -1.20 42.46
CA THR A 6 -17.87 -0.98 41.90
C THR A 6 -17.90 -0.78 40.38
N PRO A 7 -16.86 -0.14 39.80
CA PRO A 7 -16.74 0.15 38.37
C PRO A 7 -16.91 -1.07 37.45
N LEU A 8 -17.38 -0.82 36.22
CA LEU A 8 -17.75 -1.85 35.23
C LEU A 8 -16.96 -1.73 33.91
N LEU A 9 -15.88 -0.94 33.90
CA LEU A 9 -15.04 -0.59 32.73
C LEU A 9 -13.53 -0.82 32.93
N ALA A 10 -13.16 -1.55 34.00
CA ALA A 10 -11.77 -1.86 34.37
C ALA A 10 -11.53 -3.36 34.67
N ASP A 11 -12.59 -4.12 34.99
CA ASP A 11 -12.54 -5.59 35.12
C ASP A 11 -12.42 -6.32 33.76
N TYR A 12 -12.77 -5.64 32.66
CA TYR A 12 -12.74 -6.13 31.28
C TYR A 12 -12.43 -5.00 30.29
N GLU A 13 -11.78 -5.34 29.17
CA GLU A 13 -11.43 -4.43 28.07
C GLU A 13 -11.27 -5.20 26.73
N TRP A 14 -10.74 -4.56 25.69
CA TRP A 14 -10.68 -5.01 24.29
C TRP A 14 -9.81 -6.25 23.97
N SER A 15 -9.62 -7.18 24.91
CA SER A 15 -8.75 -8.37 24.79
C SER A 15 -8.97 -9.23 23.54
N GLY A 16 -10.21 -9.32 23.05
CA GLY A 16 -10.57 -10.02 21.82
C GLY A 16 -9.99 -9.32 20.57
N TYR A 17 -10.24 -8.02 20.41
CA TYR A 17 -9.67 -7.22 19.31
C TYR A 17 -8.15 -7.09 19.39
N LEU A 18 -7.58 -7.03 20.60
CA LEU A 18 -6.14 -7.02 20.85
C LEU A 18 -5.43 -8.28 20.29
N THR A 19 -6.16 -9.38 20.10
CA THR A 19 -5.69 -10.59 19.37
C THR A 19 -6.12 -10.54 17.90
N GLY A 20 -7.38 -10.18 17.63
CA GLY A 20 -8.00 -10.08 16.30
C GLY A 20 -7.27 -9.18 15.30
N ILE A 21 -6.63 -8.11 15.79
CA ILE A 21 -5.77 -7.21 15.00
C ILE A 21 -4.65 -7.93 14.23
N GLY A 22 -4.22 -9.11 14.70
CA GLY A 22 -3.31 -10.02 13.98
C GLY A 22 -3.78 -10.38 12.55
N ARG A 23 -5.09 -10.60 12.38
CA ARG A 23 -5.75 -10.82 11.08
C ARG A 23 -6.02 -9.51 10.33
N ALA A 24 -6.21 -8.40 11.04
CA ALA A 24 -6.39 -7.08 10.43
C ALA A 24 -5.16 -6.58 9.68
N PHE A 25 -3.95 -7.03 10.00
CA PHE A 25 -2.74 -6.63 9.27
C PHE A 25 -2.74 -7.07 7.79
N ASP A 26 -3.45 -8.16 7.45
CA ASP A 26 -3.66 -8.61 6.07
C ASP A 26 -4.64 -7.72 5.27
N ASP A 27 -5.45 -6.89 5.94
CA ASP A 27 -6.30 -5.87 5.29
C ASP A 27 -5.65 -4.48 5.33
N GLY A 28 -4.97 -4.16 6.45
CA GLY A 28 -4.20 -2.94 6.79
C GLY A 28 -2.95 -2.67 5.94
N VAL A 29 -3.03 -2.97 4.65
CA VAL A 29 -1.97 -3.00 3.63
C VAL A 29 -2.56 -2.60 2.27
N LYS A 30 -3.71 -3.17 1.90
CA LYS A 30 -4.53 -2.75 0.76
C LYS A 30 -5.25 -1.45 1.14
N ASP A 31 -5.73 -1.42 2.38
CA ASP A 31 -6.26 -0.27 3.10
C ASP A 31 -5.25 0.89 3.25
N LEU A 32 -3.97 0.58 3.42
CA LEU A 32 -2.89 1.54 3.63
C LEU A 32 -2.77 2.50 2.43
N ASN A 33 -2.85 1.93 1.22
CA ASN A 33 -2.86 2.71 -0.02
C ASN A 33 -4.07 3.66 -0.10
N LYS A 34 -5.24 3.23 0.42
CA LYS A 34 -6.43 4.09 0.53
C LYS A 34 -6.28 5.19 1.59
N GLN A 35 -5.63 4.91 2.72
CA GLN A 35 -5.25 5.94 3.71
C GLN A 35 -4.34 7.01 3.07
N LEU A 36 -3.39 6.58 2.25
CA LEU A 36 -2.44 7.49 1.59
C LEU A 36 -3.08 8.31 0.48
N GLN A 37 -3.97 7.71 -0.32
CA GLN A 37 -4.76 8.48 -1.31
C GLN A 37 -5.74 9.44 -0.64
N ASP A 38 -6.29 9.10 0.52
CA ASP A 38 -7.07 10.03 1.34
C ASP A 38 -6.21 11.18 1.90
N ALA A 39 -4.97 10.88 2.31
CA ALA A 39 -3.99 11.91 2.67
C ALA A 39 -3.70 12.83 1.48
N GLN A 40 -3.50 12.25 0.30
CA GLN A 40 -3.21 12.95 -0.95
C GLN A 40 -4.41 13.75 -1.44
N ALA A 41 -5.65 13.40 -1.08
CA ALA A 41 -6.85 14.23 -1.30
C ALA A 41 -7.03 15.35 -0.29
N ASN A 42 -6.72 15.14 1.00
CA ASN A 42 -6.66 16.26 1.95
C ASN A 42 -5.53 17.22 1.54
N LEU A 43 -4.47 16.67 0.93
CA LEU A 43 -3.43 17.42 0.26
C LEU A 43 -3.91 18.00 -1.06
N THR A 44 -4.76 17.34 -1.83
CA THR A 44 -5.26 17.91 -3.09
C THR A 44 -6.08 19.18 -2.83
N LYS A 45 -6.86 19.18 -1.76
CA LYS A 45 -7.64 20.33 -1.29
C LYS A 45 -6.75 21.54 -0.94
N ASN A 46 -5.54 21.28 -0.43
CA ASN A 46 -4.50 22.28 -0.20
C ASN A 46 -3.08 21.66 -0.30
N PRO A 47 -2.46 21.66 -1.50
CA PRO A 47 -1.22 20.93 -1.81
C PRO A 47 -0.02 21.12 -0.87
N SER A 48 0.03 22.17 -0.07
CA SER A 48 1.02 22.32 1.00
C SER A 48 0.43 22.83 2.32
N ASP A 49 -0.80 22.43 2.62
CA ASP A 49 -1.39 22.61 3.95
C ASP A 49 -0.52 21.74 4.87
N PRO A 50 0.07 22.29 5.94
CA PRO A 50 1.09 21.60 6.69
C PRO A 50 0.61 20.40 7.50
N THR A 51 -0.66 20.34 7.90
CA THR A 51 -1.25 19.14 8.52
C THR A 51 -1.61 18.12 7.46
N ALA A 52 -2.15 18.51 6.30
CA ALA A 52 -2.32 17.62 5.16
C ALA A 52 -1.01 16.99 4.73
N LEU A 53 0.05 17.78 4.71
CA LEU A 53 1.37 17.36 4.28
C LEU A 53 2.08 16.57 5.39
N ALA A 54 1.89 16.93 6.65
CA ALA A 54 2.31 16.13 7.80
C ALA A 54 1.62 14.77 7.81
N ASN A 55 0.32 14.75 7.49
CA ASN A 55 -0.52 13.56 7.43
C ASN A 55 -0.06 12.64 6.29
N TYR A 56 0.04 13.19 5.09
CA TYR A 56 0.64 12.52 3.93
C TYR A 56 2.05 12.00 4.22
N GLN A 57 2.94 12.78 4.84
CA GLN A 57 4.28 12.31 5.20
C GLN A 57 4.26 11.17 6.24
N MET A 58 3.38 11.24 7.24
CA MET A 58 3.21 10.22 8.29
C MET A 58 2.65 8.90 7.74
N ILE A 59 1.62 8.98 6.91
CA ILE A 59 1.01 7.83 6.24
C ILE A 59 1.97 7.28 5.19
N MET A 60 2.73 8.13 4.50
CA MET A 60 3.74 7.70 3.53
C MET A 60 4.93 7.00 4.20
N SER A 61 5.30 7.42 5.41
CA SER A 61 6.31 6.75 6.25
C SER A 61 5.88 5.32 6.62
N GLU A 62 4.59 5.09 6.86
CA GLU A 62 4.01 3.74 7.02
C GLU A 62 3.93 2.99 5.67
N TYR A 63 3.46 3.67 4.62
CA TYR A 63 3.31 3.13 3.27
C TYR A 63 4.61 2.57 2.69
N ASN A 64 5.72 3.30 2.85
CA ASN A 64 6.99 2.96 2.23
C ASN A 64 7.56 1.60 2.71
N LEU A 65 7.19 1.14 3.91
CA LEU A 65 7.55 -0.17 4.46
C LEU A 65 6.88 -1.30 3.66
N TYR A 66 5.56 -1.28 3.59
CA TYR A 66 4.72 -2.20 2.80
C TYR A 66 4.89 -2.01 1.29
N ARG A 67 5.39 -0.87 0.82
CA ARG A 67 5.64 -0.61 -0.62
C ARG A 67 6.60 -1.63 -1.24
N ASN A 68 7.59 -2.11 -0.49
CA ASN A 68 8.48 -3.20 -0.92
C ASN A 68 7.75 -4.52 -1.19
N ALA A 69 6.59 -4.73 -0.58
CA ALA A 69 5.71 -5.87 -0.82
C ALA A 69 4.62 -5.56 -1.87
N GLN A 70 3.96 -4.40 -1.78
CA GLN A 70 2.92 -3.93 -2.70
C GLN A 70 3.43 -3.73 -4.14
N SER A 71 4.69 -3.35 -4.34
CA SER A 71 5.30 -3.19 -5.68
C SER A 71 5.26 -4.48 -6.52
N SER A 72 5.21 -5.65 -5.87
CA SER A 72 5.01 -6.96 -6.51
C SER A 72 3.67 -7.06 -7.26
N ALA A 73 2.64 -6.31 -6.83
CA ALA A 73 1.35 -6.18 -7.52
C ALA A 73 1.31 -4.99 -8.50
N VAL A 74 2.03 -3.89 -8.22
CA VAL A 74 2.19 -2.74 -9.12
C VAL A 74 2.79 -3.16 -10.47
N LYS A 75 3.65 -4.18 -10.48
CA LYS A 75 4.19 -4.88 -11.67
C LYS A 75 3.12 -5.37 -12.66
N SER A 76 1.87 -5.52 -12.22
CA SER A 76 0.69 -5.86 -13.04
C SER A 76 -0.35 -4.73 -13.06
N MET A 77 -0.57 -4.03 -11.95
CA MET A 77 -1.49 -2.88 -11.88
C MET A 77 -1.10 -1.72 -12.83
N LYS A 78 0.18 -1.61 -13.20
CA LYS A 78 0.65 -0.70 -14.26
C LYS A 78 -0.05 -0.88 -15.62
N ASP A 79 -0.56 -2.08 -15.91
CA ASP A 79 -1.36 -2.37 -17.10
C ASP A 79 -2.72 -1.64 -17.09
N ILE A 80 -3.30 -1.42 -15.90
CA ILE A 80 -4.51 -0.61 -15.69
C ILE A 80 -4.17 0.88 -15.71
N ASP A 81 -3.07 1.27 -15.06
CA ASP A 81 -2.58 2.66 -15.01
C ASP A 81 -2.31 3.24 -16.41
N SER A 82 -1.80 2.41 -17.32
CA SER A 82 -1.58 2.71 -18.75
C SER A 82 -2.81 3.28 -19.48
N SER A 83 -4.03 3.01 -18.98
CA SER A 83 -5.29 3.49 -19.56
C SER A 83 -5.85 4.77 -18.90
N ILE A 84 -5.18 5.34 -17.88
CA ILE A 84 -5.72 6.44 -17.06
C ILE A 84 -4.70 7.49 -16.57
N LEU A 85 -3.38 7.23 -16.70
CA LEU A 85 -2.28 8.09 -16.20
C LEU A 85 -2.15 9.50 -16.80
N GLU A 86 -2.93 9.85 -17.84
CA GLU A 86 -2.83 11.13 -18.55
C GLU A 86 -3.09 12.36 -17.65
N HIS A 87 -2.28 13.40 -17.80
CA HIS A 87 -2.45 14.68 -17.08
C HIS A 87 -3.81 15.33 -17.39
N HIS A 88 -4.58 15.64 -16.34
CA HIS A 88 -5.94 16.19 -16.46
C HIS A 88 -5.98 17.71 -16.72
N HIS A 89 -4.88 18.43 -16.47
CA HIS A 89 -4.74 19.87 -16.74
C HIS A 89 -4.69 20.20 -18.24
N HIS A 90 -5.01 21.45 -18.60
CA HIS A 90 -5.08 21.95 -19.98
C HIS A 90 -4.53 23.37 -20.17
N HIS A 91 -3.90 23.97 -19.14
CA HIS A 91 -3.29 25.30 -19.15
C HIS A 91 -2.12 25.37 -18.14
N HIS A 92 -1.16 26.26 -18.40
CA HIS A 92 0.10 26.39 -17.65
C HIS A 92 0.53 27.87 -17.48
N MET A 1 -28.64 -6.52 47.72
CA MET A 1 -27.39 -5.75 47.94
C MET A 1 -26.88 -5.92 49.37
N SER A 2 -25.56 -6.04 49.54
CA SER A 2 -24.88 -6.22 50.84
C SER A 2 -23.59 -5.40 51.01
N ASN A 3 -23.12 -4.76 49.93
CA ASN A 3 -21.83 -4.04 49.85
C ASN A 3 -21.89 -2.96 48.75
N PRO A 4 -21.11 -1.86 48.86
CA PRO A 4 -21.03 -0.80 47.85
C PRO A 4 -20.76 -1.30 46.42
N PRO A 5 -21.46 -0.76 45.38
CA PRO A 5 -21.14 -1.00 43.97
C PRO A 5 -19.68 -0.66 43.59
N THR A 6 -19.22 -1.20 42.46
CA THR A 6 -17.87 -0.98 41.90
C THR A 6 -17.90 -0.78 40.38
N PRO A 7 -16.86 -0.14 39.80
CA PRO A 7 -16.74 0.15 38.37
C PRO A 7 -16.91 -1.07 37.45
N LEU A 8 -17.38 -0.82 36.22
CA LEU A 8 -17.75 -1.85 35.23
C LEU A 8 -16.96 -1.73 33.91
N LEU A 9 -15.88 -0.94 33.90
CA LEU A 9 -15.04 -0.59 32.73
C LEU A 9 -13.53 -0.82 32.93
N ALA A 10 -13.16 -1.55 34.00
CA ALA A 10 -11.77 -1.86 34.37
C ALA A 10 -11.53 -3.36 34.67
N ASP A 11 -12.59 -4.12 34.99
CA ASP A 11 -12.54 -5.59 35.12
C ASP A 11 -12.42 -6.32 33.76
N TYR A 12 -12.77 -5.64 32.66
CA TYR A 12 -12.74 -6.13 31.28
C TYR A 12 -12.43 -5.00 30.29
N GLU A 13 -11.78 -5.34 29.17
CA GLU A 13 -11.43 -4.43 28.07
C GLU A 13 -11.27 -5.20 26.73
N TRP A 14 -10.74 -4.56 25.69
CA TRP A 14 -10.68 -5.01 24.29
C TRP A 14 -9.81 -6.25 23.97
N SER A 15 -9.62 -7.18 24.91
CA SER A 15 -8.75 -8.37 24.79
C SER A 15 -8.97 -9.23 23.54
N GLY A 16 -10.21 -9.32 23.05
CA GLY A 16 -10.57 -10.02 21.82
C GLY A 16 -9.99 -9.32 20.57
N TYR A 17 -10.24 -8.02 20.41
CA TYR A 17 -9.67 -7.22 19.31
C TYR A 17 -8.15 -7.09 19.39
N LEU A 18 -7.58 -7.03 20.60
CA LEU A 18 -6.14 -7.02 20.85
C LEU A 18 -5.43 -8.28 20.29
N THR A 19 -6.16 -9.38 20.10
CA THR A 19 -5.69 -10.59 19.37
C THR A 19 -6.12 -10.54 17.90
N GLY A 20 -7.38 -10.18 17.63
CA GLY A 20 -8.00 -10.08 16.30
C GLY A 20 -7.27 -9.18 15.30
N ILE A 21 -6.63 -8.11 15.79
CA ILE A 21 -5.77 -7.21 15.00
C ILE A 21 -4.65 -7.93 14.23
N GLY A 22 -4.22 -9.11 14.70
CA GLY A 22 -3.31 -10.02 13.98
C GLY A 22 -3.78 -10.38 12.55
N ARG A 23 -5.09 -10.60 12.38
CA ARG A 23 -5.75 -10.82 11.08
C ARG A 23 -6.02 -9.51 10.33
N ALA A 24 -6.21 -8.40 11.04
CA ALA A 24 -6.39 -7.08 10.43
C ALA A 24 -5.16 -6.58 9.68
N PHE A 25 -3.95 -7.03 10.00
CA PHE A 25 -2.74 -6.63 9.27
C PHE A 25 -2.74 -7.07 7.79
N ASP A 26 -3.45 -8.16 7.45
CA ASP A 26 -3.66 -8.61 6.07
C ASP A 26 -4.64 -7.72 5.27
N ASP A 27 -5.45 -6.89 5.94
CA ASP A 27 -6.30 -5.87 5.29
C ASP A 27 -5.65 -4.48 5.33
N GLY A 28 -4.97 -4.16 6.45
CA GLY A 28 -4.20 -2.94 6.79
C GLY A 28 -2.95 -2.67 5.94
N VAL A 29 -3.03 -2.97 4.65
CA VAL A 29 -1.97 -3.00 3.63
C VAL A 29 -2.56 -2.60 2.27
N LYS A 30 -3.71 -3.17 1.90
CA LYS A 30 -4.53 -2.75 0.76
C LYS A 30 -5.25 -1.45 1.14
N ASP A 31 -5.73 -1.42 2.38
CA ASP A 31 -6.26 -0.27 3.10
C ASP A 31 -5.25 0.89 3.25
N LEU A 32 -3.97 0.58 3.42
CA LEU A 32 -2.89 1.54 3.63
C LEU A 32 -2.77 2.50 2.43
N ASN A 33 -2.85 1.93 1.22
CA ASN A 33 -2.86 2.71 -0.02
C ASN A 33 -4.07 3.66 -0.10
N LYS A 34 -5.24 3.23 0.42
CA LYS A 34 -6.43 4.09 0.53
C LYS A 34 -6.28 5.19 1.59
N GLN A 35 -5.63 4.91 2.72
CA GLN A 35 -5.25 5.94 3.71
C GLN A 35 -4.34 7.01 3.07
N LEU A 36 -3.39 6.58 2.25
CA LEU A 36 -2.44 7.49 1.59
C LEU A 36 -3.08 8.31 0.48
N GLN A 37 -3.97 7.71 -0.32
CA GLN A 37 -4.76 8.48 -1.31
C GLN A 37 -5.74 9.44 -0.64
N ASP A 38 -6.29 9.10 0.52
CA ASP A 38 -7.07 10.03 1.34
C ASP A 38 -6.21 11.18 1.90
N ALA A 39 -4.97 10.88 2.31
CA ALA A 39 -3.99 11.91 2.67
C ALA A 39 -3.70 12.83 1.48
N GLN A 40 -3.50 12.25 0.30
CA GLN A 40 -3.21 12.95 -0.95
C GLN A 40 -4.41 13.75 -1.44
N ALA A 41 -5.65 13.40 -1.08
CA ALA A 41 -6.85 14.23 -1.30
C ALA A 41 -7.03 15.35 -0.29
N ASN A 42 -6.72 15.14 1.00
CA ASN A 42 -6.66 16.26 1.95
C ASN A 42 -5.53 17.22 1.54
N LEU A 43 -4.47 16.67 0.93
CA LEU A 43 -3.43 17.42 0.26
C LEU A 43 -3.91 18.00 -1.06
N THR A 44 -4.76 17.34 -1.83
CA THR A 44 -5.26 17.91 -3.09
C THR A 44 -6.08 19.18 -2.83
N LYS A 45 -6.86 19.18 -1.76
CA LYS A 45 -7.64 20.33 -1.29
C LYS A 45 -6.75 21.54 -0.94
N ASN A 46 -5.54 21.28 -0.43
CA ASN A 46 -4.50 22.28 -0.20
C ASN A 46 -3.08 21.66 -0.30
N PRO A 47 -2.46 21.66 -1.50
CA PRO A 47 -1.22 20.93 -1.81
C PRO A 47 -0.02 21.12 -0.87
N SER A 48 0.03 22.17 -0.07
CA SER A 48 1.02 22.32 1.00
C SER A 48 0.43 22.83 2.32
N ASP A 49 -0.80 22.43 2.62
CA ASP A 49 -1.39 22.61 3.95
C ASP A 49 -0.52 21.74 4.87
N PRO A 50 0.07 22.29 5.94
CA PRO A 50 1.09 21.60 6.69
C PRO A 50 0.61 20.40 7.50
N THR A 51 -0.66 20.34 7.90
CA THR A 51 -1.25 19.14 8.52
C THR A 51 -1.61 18.12 7.46
N ALA A 52 -2.15 18.51 6.30
CA ALA A 52 -2.32 17.62 5.16
C ALA A 52 -1.01 16.99 4.73
N LEU A 53 0.05 17.78 4.71
CA LEU A 53 1.37 17.36 4.28
C LEU A 53 2.08 16.57 5.39
N ALA A 54 1.89 16.93 6.65
CA ALA A 54 2.31 16.13 7.80
C ALA A 54 1.62 14.77 7.81
N ASN A 55 0.32 14.75 7.49
CA ASN A 55 -0.52 13.56 7.43
C ASN A 55 -0.06 12.64 6.29
N TYR A 56 0.04 13.19 5.09
CA TYR A 56 0.64 12.52 3.93
C TYR A 56 2.05 12.00 4.22
N GLN A 57 2.94 12.78 4.84
CA GLN A 57 4.28 12.31 5.20
C GLN A 57 4.26 11.17 6.24
N MET A 58 3.38 11.24 7.24
CA MET A 58 3.21 10.22 8.29
C MET A 58 2.65 8.90 7.74
N ILE A 59 1.62 8.98 6.91
CA ILE A 59 1.01 7.83 6.24
C ILE A 59 1.97 7.28 5.19
N MET A 60 2.73 8.13 4.50
CA MET A 60 3.74 7.70 3.53
C MET A 60 4.93 7.00 4.20
N SER A 61 5.30 7.42 5.41
CA SER A 61 6.31 6.75 6.25
C SER A 61 5.88 5.32 6.62
N GLU A 62 4.59 5.09 6.86
CA GLU A 62 4.01 3.74 7.02
C GLU A 62 3.93 2.99 5.67
N TYR A 63 3.46 3.67 4.62
CA TYR A 63 3.31 3.13 3.27
C TYR A 63 4.61 2.57 2.69
N ASN A 64 5.72 3.30 2.85
CA ASN A 64 6.99 2.96 2.23
C ASN A 64 7.56 1.60 2.71
N LEU A 65 7.19 1.14 3.91
CA LEU A 65 7.55 -0.17 4.46
C LEU A 65 6.88 -1.30 3.66
N TYR A 66 5.56 -1.28 3.59
CA TYR A 66 4.72 -2.20 2.80
C TYR A 66 4.89 -2.01 1.29
N ARG A 67 5.39 -0.87 0.82
CA ARG A 67 5.64 -0.61 -0.62
C ARG A 67 6.60 -1.63 -1.24
N ASN A 68 7.59 -2.11 -0.49
CA ASN A 68 8.48 -3.20 -0.92
C ASN A 68 7.75 -4.52 -1.19
N ALA A 69 6.59 -4.73 -0.58
CA ALA A 69 5.71 -5.87 -0.82
C ALA A 69 4.62 -5.56 -1.87
N GLN A 70 3.96 -4.40 -1.78
CA GLN A 70 2.92 -3.93 -2.70
C GLN A 70 3.43 -3.73 -4.14
N SER A 71 4.69 -3.35 -4.34
CA SER A 71 5.30 -3.19 -5.68
C SER A 71 5.26 -4.48 -6.52
N SER A 72 5.21 -5.65 -5.87
CA SER A 72 5.01 -6.96 -6.51
C SER A 72 3.67 -7.06 -7.26
N ALA A 73 2.64 -6.31 -6.83
CA ALA A 73 1.35 -6.18 -7.52
C ALA A 73 1.31 -4.99 -8.50
N VAL A 74 2.03 -3.89 -8.22
CA VAL A 74 2.19 -2.74 -9.12
C VAL A 74 2.79 -3.16 -10.47
N LYS A 75 3.65 -4.18 -10.48
CA LYS A 75 4.19 -4.88 -11.67
C LYS A 75 3.12 -5.37 -12.66
N SER A 76 1.87 -5.52 -12.22
CA SER A 76 0.69 -5.86 -13.04
C SER A 76 -0.35 -4.73 -13.06
N MET A 77 -0.57 -4.03 -11.95
CA MET A 77 -1.49 -2.88 -11.88
C MET A 77 -1.10 -1.72 -12.83
N LYS A 78 0.18 -1.61 -13.20
CA LYS A 78 0.65 -0.70 -14.26
C LYS A 78 -0.05 -0.88 -15.62
N ASP A 79 -0.56 -2.08 -15.91
CA ASP A 79 -1.36 -2.37 -17.10
C ASP A 79 -2.72 -1.64 -17.09
N ILE A 80 -3.30 -1.42 -15.90
CA ILE A 80 -4.51 -0.61 -15.69
C ILE A 80 -4.17 0.88 -15.71
N ASP A 81 -3.07 1.27 -15.06
CA ASP A 81 -2.58 2.66 -15.01
C ASP A 81 -2.31 3.24 -16.41
N SER A 82 -1.80 2.41 -17.32
CA SER A 82 -1.58 2.71 -18.75
C SER A 82 -2.81 3.28 -19.48
N SER A 83 -4.03 3.01 -18.98
CA SER A 83 -5.29 3.49 -19.56
C SER A 83 -5.85 4.77 -18.90
N ILE A 84 -5.18 5.34 -17.88
CA ILE A 84 -5.72 6.44 -17.06
C ILE A 84 -4.70 7.49 -16.57
N LEU A 85 -3.38 7.23 -16.70
CA LEU A 85 -2.28 8.09 -16.20
C LEU A 85 -2.15 9.50 -16.80
N GLU A 86 -2.93 9.85 -17.84
CA GLU A 86 -2.83 11.13 -18.55
C GLU A 86 -3.09 12.36 -17.65
N HIS A 87 -2.28 13.40 -17.80
CA HIS A 87 -2.45 14.68 -17.08
C HIS A 87 -3.81 15.33 -17.39
N HIS A 88 -4.58 15.64 -16.34
CA HIS A 88 -5.94 16.19 -16.46
C HIS A 88 -5.98 17.71 -16.72
N HIS A 89 -4.88 18.43 -16.47
CA HIS A 89 -4.74 19.87 -16.74
C HIS A 89 -4.69 20.20 -18.24
N HIS A 90 -5.01 21.45 -18.60
CA HIS A 90 -5.08 21.95 -19.98
C HIS A 90 -4.53 23.37 -20.17
N HIS A 91 -3.90 23.97 -19.14
CA HIS A 91 -3.29 25.30 -19.15
C HIS A 91 -2.12 25.37 -18.14
N HIS A 92 -1.16 26.26 -18.40
CA HIS A 92 0.10 26.39 -17.65
C HIS A 92 0.53 27.87 -17.48
N MET A 1 -16.13 25.60 17.98
CA MET A 1 -15.52 25.61 16.63
C MET A 1 -15.83 26.93 15.90
N SER A 2 -14.87 27.44 15.11
CA SER A 2 -14.94 28.76 14.46
C SER A 2 -15.97 28.85 13.31
N ASN A 3 -16.27 27.73 12.65
CA ASN A 3 -17.19 27.64 11.51
C ASN A 3 -17.75 26.21 11.34
N PRO A 4 -18.88 26.02 10.63
CA PRO A 4 -19.37 24.69 10.24
C PRO A 4 -18.54 24.11 9.07
N PRO A 5 -18.62 22.78 8.83
CA PRO A 5 -17.98 22.13 7.69
C PRO A 5 -18.71 22.40 6.36
N THR A 6 -18.11 21.96 5.26
CA THR A 6 -18.69 21.96 3.90
C THR A 6 -18.45 20.62 3.19
N PRO A 7 -19.29 20.26 2.19
CA PRO A 7 -19.27 18.94 1.52
C PRO A 7 -17.89 18.48 1.02
N LEU A 8 -17.04 19.40 0.53
CA LEU A 8 -15.67 19.13 0.07
C LEU A 8 -14.80 18.41 1.12
N LEU A 9 -15.12 18.54 2.42
CA LEU A 9 -14.41 17.86 3.51
C LEU A 9 -14.47 16.33 3.43
N ALA A 10 -15.58 15.73 2.95
CA ALA A 10 -15.80 14.27 3.03
C ALA A 10 -16.73 13.64 1.97
N ASP A 11 -17.40 14.39 1.08
CA ASP A 11 -18.43 13.85 0.16
C ASP A 11 -17.92 12.75 -0.80
N TYR A 12 -16.61 12.66 -1.04
CA TYR A 12 -15.94 11.63 -1.84
C TYR A 12 -15.81 10.25 -1.16
N GLU A 13 -16.29 10.08 0.08
CA GLU A 13 -16.07 8.88 0.93
C GLU A 13 -16.44 7.52 0.31
N TRP A 14 -17.30 7.50 -0.71
CA TRP A 14 -17.64 6.31 -1.51
C TRP A 14 -16.44 5.73 -2.29
N SER A 15 -15.43 6.55 -2.60
CA SER A 15 -14.24 6.16 -3.38
C SER A 15 -13.51 4.97 -2.74
N GLY A 16 -13.58 3.81 -3.42
CA GLY A 16 -13.07 2.52 -2.93
C GLY A 16 -13.94 1.31 -3.28
N TYR A 17 -15.26 1.53 -3.43
CA TYR A 17 -16.24 0.49 -3.84
C TYR A 17 -15.96 -0.09 -5.25
N LEU A 18 -15.31 0.71 -6.10
CA LEU A 18 -14.84 0.44 -7.45
C LEU A 18 -13.52 1.18 -7.64
N THR A 19 -12.57 0.56 -8.36
CA THR A 19 -11.16 1.01 -8.45
C THR A 19 -10.53 0.65 -9.81
N GLY A 20 -11.38 0.58 -10.87
CA GLY A 20 -10.98 0.05 -12.18
C GLY A 20 -10.49 -1.41 -12.10
N ILE A 21 -11.17 -2.20 -11.25
CA ILE A 21 -10.86 -3.56 -10.74
C ILE A 21 -9.55 -4.19 -11.26
N GLY A 22 -8.44 -3.63 -10.76
CA GLY A 22 -7.05 -4.08 -10.93
C GLY A 22 -6.27 -4.00 -9.61
N ARG A 23 -6.53 -2.96 -8.80
CA ARG A 23 -6.06 -2.82 -7.41
C ARG A 23 -6.54 -3.97 -6.49
N ALA A 24 -7.48 -4.81 -6.93
CA ALA A 24 -7.86 -6.05 -6.24
C ALA A 24 -6.76 -7.12 -6.20
N PHE A 25 -5.73 -7.04 -7.06
CA PHE A 25 -4.54 -7.89 -6.94
C PHE A 25 -3.55 -7.38 -5.86
N ASP A 26 -3.94 -6.33 -5.14
CA ASP A 26 -3.22 -5.60 -4.09
C ASP A 26 -4.12 -5.39 -2.86
N ASP A 27 -5.22 -6.14 -2.75
CA ASP A 27 -6.30 -5.96 -1.76
C ASP A 27 -5.82 -5.96 -0.29
N GLY A 28 -4.74 -6.70 0.02
CA GLY A 28 -4.08 -6.70 1.33
C GLY A 28 -3.40 -5.37 1.72
N VAL A 29 -3.23 -4.45 0.75
CA VAL A 29 -2.62 -3.11 0.91
C VAL A 29 -3.49 -1.99 0.34
N LYS A 30 -4.54 -2.31 -0.42
CA LYS A 30 -5.59 -1.38 -0.87
C LYS A 30 -6.15 -0.54 0.29
N ASP A 31 -6.22 -1.15 1.47
CA ASP A 31 -6.53 -0.52 2.75
C ASP A 31 -5.66 0.71 3.10
N LEU A 32 -4.35 0.55 2.95
CA LEU A 32 -3.34 1.58 3.21
C LEU A 32 -3.26 2.57 2.03
N ASN A 33 -3.46 2.07 0.82
CA ASN A 33 -3.53 2.92 -0.39
C ASN A 33 -4.72 3.89 -0.33
N LYS A 34 -5.87 3.45 0.20
CA LYS A 34 -7.05 4.29 0.48
C LYS A 34 -6.77 5.33 1.56
N GLN A 35 -6.08 4.95 2.63
CA GLN A 35 -5.63 5.89 3.69
C GLN A 35 -4.69 6.97 3.14
N LEU A 36 -3.78 6.57 2.25
CA LEU A 36 -2.84 7.47 1.59
C LEU A 36 -3.50 8.36 0.54
N GLN A 37 -4.46 7.85 -0.21
CA GLN A 37 -5.31 8.66 -1.10
C GLN A 37 -6.19 9.64 -0.31
N ASP A 38 -6.65 9.28 0.89
CA ASP A 38 -7.31 10.22 1.79
C ASP A 38 -6.32 11.28 2.32
N ALA A 39 -5.07 10.92 2.58
CA ALA A 39 -4.02 11.90 2.87
C ALA A 39 -3.84 12.87 1.69
N GLN A 40 -3.78 12.31 0.48
CA GLN A 40 -3.64 13.04 -0.77
C GLN A 40 -4.88 13.88 -1.09
N ALA A 41 -6.07 13.54 -0.57
CA ALA A 41 -7.27 14.38 -0.63
C ALA A 41 -7.29 15.48 0.43
N ASN A 42 -6.83 15.24 1.66
CA ASN A 42 -6.61 16.32 2.62
C ASN A 42 -5.55 17.28 2.08
N LEU A 43 -4.58 16.73 1.33
CA LEU A 43 -3.63 17.47 0.55
C LEU A 43 -4.27 18.10 -0.68
N THR A 44 -5.22 17.47 -1.36
CA THR A 44 -5.87 18.07 -2.53
C THR A 44 -6.62 19.34 -2.14
N LYS A 45 -7.26 19.31 -0.97
CA LYS A 45 -7.97 20.46 -0.37
C LYS A 45 -7.03 21.65 -0.10
N ASN A 46 -5.76 21.39 0.22
CA ASN A 46 -4.69 22.37 0.29
C ASN A 46 -3.30 21.74 0.02
N PRO A 47 -2.84 21.73 -1.25
CA PRO A 47 -1.66 20.98 -1.70
C PRO A 47 -0.36 21.10 -0.89
N SER A 48 -0.17 22.19 -0.14
CA SER A 48 0.93 22.34 0.79
C SER A 48 0.57 22.79 2.20
N ASP A 49 -0.66 22.47 2.63
CA ASP A 49 -1.06 22.59 4.03
C ASP A 49 -0.11 21.68 4.83
N PRO A 50 0.59 22.20 5.84
CA PRO A 50 1.68 21.46 6.46
C PRO A 50 1.25 20.26 7.29
N THR A 51 0.05 20.23 7.85
CA THR A 51 -0.51 19.04 8.50
C THR A 51 -1.00 18.03 7.48
N ALA A 52 -1.64 18.46 6.39
CA ALA A 52 -1.97 17.61 5.26
C ALA A 52 -0.73 16.95 4.67
N LEU A 53 0.34 17.72 4.53
CA LEU A 53 1.59 17.27 3.93
C LEU A 53 2.40 16.43 4.92
N ALA A 54 2.35 16.77 6.22
CA ALA A 54 2.89 15.94 7.30
C ALA A 54 2.14 14.59 7.36
N ASN A 55 0.82 14.63 7.20
CA ASN A 55 -0.06 13.47 7.21
C ASN A 55 0.25 12.55 6.03
N TYR A 56 0.22 13.10 4.83
CA TYR A 56 0.66 12.42 3.61
C TYR A 56 2.08 11.87 3.71
N GLN A 57 3.05 12.63 4.22
CA GLN A 57 4.41 12.12 4.40
C GLN A 57 4.50 11.00 5.45
N MET A 58 3.74 11.07 6.55
CA MET A 58 3.67 10.04 7.59
C MET A 58 3.05 8.75 7.08
N ILE A 59 1.89 8.84 6.41
CA ILE A 59 1.20 7.69 5.84
C ILE A 59 2.02 7.13 4.67
N MET A 60 2.69 7.97 3.88
CA MET A 60 3.56 7.53 2.79
C MET A 60 4.82 6.83 3.29
N SER A 61 5.38 7.26 4.41
CA SER A 61 6.48 6.57 5.10
C SER A 61 6.06 5.15 5.51
N GLU A 62 4.89 5.00 6.12
CA GLU A 62 4.31 3.68 6.45
C GLU A 62 3.97 2.85 5.20
N TYR A 63 3.37 3.47 4.19
CA TYR A 63 3.00 2.84 2.92
C TYR A 63 4.22 2.28 2.19
N ASN A 64 5.27 3.10 2.07
CA ASN A 64 6.50 2.71 1.39
C ASN A 64 7.21 1.57 2.15
N LEU A 65 7.18 1.61 3.48
CA LEU A 65 7.69 0.55 4.36
C LEU A 65 6.93 -0.77 4.22
N TYR A 66 5.60 -0.73 4.06
CA TYR A 66 4.78 -1.92 3.77
C TYR A 66 5.12 -2.56 2.42
N ARG A 67 5.30 -1.73 1.37
CA ARG A 67 5.79 -2.16 0.05
C ARG A 67 7.20 -2.77 0.12
N ASN A 68 8.12 -2.15 0.87
CA ASN A 68 9.46 -2.68 1.14
C ASN A 68 9.42 -4.02 1.89
N ALA A 69 8.59 -4.12 2.92
CA ALA A 69 8.55 -5.30 3.78
C ALA A 69 8.10 -6.58 3.04
N GLN A 70 7.22 -6.45 2.04
CA GLN A 70 6.78 -7.55 1.18
C GLN A 70 7.95 -8.24 0.44
N SER A 71 9.02 -7.51 0.11
CA SER A 71 10.24 -8.04 -0.52
C SER A 71 11.35 -8.32 0.50
N SER A 72 11.49 -7.46 1.52
CA SER A 72 12.48 -7.61 2.60
C SER A 72 12.28 -8.89 3.41
N ALA A 73 11.02 -9.31 3.66
CA ALA A 73 10.70 -10.57 4.32
C ALA A 73 11.17 -11.80 3.52
N VAL A 74 10.96 -11.79 2.21
CA VAL A 74 11.37 -12.84 1.27
C VAL A 74 12.90 -12.94 1.18
N LYS A 75 13.60 -11.79 1.12
CA LYS A 75 15.07 -11.73 1.24
C LYS A 75 15.53 -12.30 2.59
N SER A 76 14.96 -11.83 3.70
CA SER A 76 15.35 -12.24 5.06
C SER A 76 15.18 -13.74 5.31
N MET A 77 14.13 -14.38 4.78
CA MET A 77 13.93 -15.83 4.87
C MET A 77 15.12 -16.62 4.29
N LYS A 78 15.60 -16.22 3.10
CA LYS A 78 16.78 -16.82 2.44
C LYS A 78 18.09 -16.41 3.10
N ASP A 79 18.18 -15.16 3.56
CA ASP A 79 19.37 -14.60 4.21
C ASP A 79 19.70 -15.32 5.53
N ILE A 80 18.70 -15.53 6.39
CA ILE A 80 18.83 -16.30 7.64
C ILE A 80 19.11 -17.78 7.38
N ASP A 81 18.52 -18.36 6.33
CA ASP A 81 18.79 -19.76 5.94
C ASP A 81 20.25 -19.99 5.51
N SER A 82 20.88 -18.98 4.90
CA SER A 82 22.29 -18.99 4.47
C SER A 82 23.27 -18.55 5.59
N SER A 83 22.86 -17.58 6.41
CA SER A 83 23.68 -16.86 7.40
C SER A 83 22.89 -16.60 8.69
N ILE A 84 22.62 -17.68 9.44
CA ILE A 84 21.79 -17.70 10.66
C ILE A 84 22.26 -16.73 11.76
N LEU A 85 23.55 -16.39 11.80
CA LEU A 85 24.17 -15.49 12.77
C LEU A 85 25.19 -14.56 12.08
N GLU A 86 25.42 -13.37 12.66
CA GLU A 86 26.31 -12.33 12.15
C GLU A 86 27.16 -11.70 13.28
N HIS A 87 28.09 -10.81 12.93
CA HIS A 87 28.96 -10.10 13.87
C HIS A 87 28.22 -9.33 14.99
N HIS A 88 28.87 -9.18 16.15
CA HIS A 88 28.29 -8.60 17.37
C HIS A 88 28.42 -7.06 17.48
N HIS A 89 28.76 -6.36 16.39
CA HIS A 89 28.98 -4.91 16.37
C HIS A 89 27.78 -4.08 16.85
N HIS A 90 28.07 -2.92 17.45
CA HIS A 90 27.08 -1.94 17.92
C HIS A 90 26.28 -1.30 16.76
N HIS A 91 25.08 -0.77 17.08
CA HIS A 91 24.19 -0.07 16.14
C HIS A 91 23.40 1.04 16.85
N HIS A 92 23.12 2.14 16.13
CA HIS A 92 22.37 3.32 16.59
C HIS A 92 21.68 4.07 15.43
N MET A 1 -31.25 -10.63 -1.78
CA MET A 1 -31.02 -11.80 -2.66
C MET A 1 -31.57 -13.07 -2.02
N SER A 2 -32.04 -14.02 -2.84
CA SER A 2 -32.72 -15.27 -2.42
C SER A 2 -32.24 -16.49 -3.22
N ASN A 3 -30.99 -16.44 -3.69
CA ASN A 3 -30.40 -17.39 -4.64
C ASN A 3 -28.89 -17.59 -4.40
N PRO A 4 -28.28 -18.69 -4.91
CA PRO A 4 -26.83 -18.90 -4.89
C PRO A 4 -26.11 -17.96 -5.88
N PRO A 5 -24.78 -17.79 -5.75
CA PRO A 5 -23.97 -17.01 -6.69
C PRO A 5 -23.79 -17.73 -8.05
N THR A 6 -23.31 -17.00 -9.05
CA THR A 6 -22.98 -17.52 -10.39
C THR A 6 -21.66 -16.94 -10.93
N PRO A 7 -21.00 -17.64 -11.87
CA PRO A 7 -19.68 -17.30 -12.39
C PRO A 7 -19.72 -16.28 -13.56
N LEU A 8 -20.87 -15.62 -13.78
CA LEU A 8 -21.12 -14.64 -14.86
C LEU A 8 -20.40 -13.30 -14.59
N LEU A 9 -19.07 -13.33 -14.63
CA LEU A 9 -18.16 -12.22 -14.29
C LEU A 9 -16.89 -12.19 -15.19
N ALA A 10 -16.75 -13.17 -16.10
CA ALA A 10 -15.55 -13.35 -16.94
C ALA A 10 -15.31 -12.25 -17.98
N ASP A 11 -16.30 -11.37 -18.23
CA ASP A 11 -16.29 -10.32 -19.27
C ASP A 11 -15.16 -9.27 -19.14
N TYR A 12 -14.48 -9.19 -18.00
CA TYR A 12 -13.25 -8.40 -17.80
C TYR A 12 -12.07 -9.23 -17.27
N GLU A 13 -12.31 -10.39 -16.63
CA GLU A 13 -11.25 -11.33 -16.23
C GLU A 13 -10.45 -11.85 -17.44
N TRP A 14 -11.11 -12.04 -18.59
CA TRP A 14 -10.47 -12.41 -19.87
C TRP A 14 -9.41 -11.40 -20.36
N SER A 15 -9.41 -10.19 -19.82
CA SER A 15 -8.48 -9.08 -20.13
C SER A 15 -7.79 -8.51 -18.87
N GLY A 16 -7.79 -9.26 -17.76
CA GLY A 16 -7.30 -8.78 -16.46
C GLY A 16 -6.71 -9.86 -15.54
N TYR A 17 -7.26 -11.07 -15.51
CA TYR A 17 -6.77 -12.17 -14.67
C TYR A 17 -5.32 -12.59 -14.98
N LEU A 18 -4.88 -12.43 -16.25
CA LEU A 18 -3.49 -12.60 -16.68
C LEU A 18 -2.48 -11.67 -15.97
N THR A 19 -2.96 -10.64 -15.27
CA THR A 19 -2.20 -9.76 -14.37
C THR A 19 -2.68 -9.90 -12.92
N GLY A 20 -3.99 -10.09 -12.70
CA GLY A 20 -4.62 -10.39 -11.41
C GLY A 20 -3.96 -11.55 -10.64
N ILE A 21 -3.57 -12.62 -11.34
CA ILE A 21 -2.83 -13.75 -10.77
C ILE A 21 -1.47 -13.37 -10.12
N GLY A 22 -0.95 -12.18 -10.42
CA GLY A 22 0.25 -11.57 -9.80
C GLY A 22 0.00 -10.17 -9.23
N ARG A 23 -1.24 -9.89 -8.81
CA ARG A 23 -1.71 -8.63 -8.23
C ARG A 23 -2.78 -8.80 -7.15
N ALA A 24 -3.50 -9.92 -7.10
CA ALA A 24 -4.55 -10.23 -6.14
C ALA A 24 -4.17 -10.09 -4.66
N PHE A 25 -2.88 -10.21 -4.33
CA PHE A 25 -2.38 -9.95 -2.98
C PHE A 25 -2.53 -8.48 -2.53
N ASP A 26 -2.57 -7.53 -3.47
CA ASP A 26 -2.79 -6.09 -3.23
C ASP A 26 -4.14 -5.78 -2.59
N ASP A 27 -5.13 -6.67 -2.73
CA ASP A 27 -6.45 -6.55 -2.07
C ASP A 27 -6.36 -6.49 -0.52
N GLY A 28 -5.28 -7.02 0.06
CA GLY A 28 -4.97 -6.92 1.49
C GLY A 28 -4.22 -5.64 1.88
N VAL A 29 -3.91 -4.75 0.92
CA VAL A 29 -3.16 -3.50 1.12
C VAL A 29 -3.85 -2.27 0.52
N LYS A 30 -4.92 -2.44 -0.27
CA LYS A 30 -5.80 -1.34 -0.71
C LYS A 30 -6.32 -0.51 0.46
N ASP A 31 -6.43 -1.11 1.66
CA ASP A 31 -6.72 -0.42 2.92
C ASP A 31 -5.73 0.71 3.29
N LEU A 32 -4.44 0.47 3.09
CA LEU A 32 -3.36 1.44 3.31
C LEU A 32 -3.31 2.46 2.15
N ASN A 33 -3.55 1.99 0.93
CA ASN A 33 -3.63 2.88 -0.24
C ASN A 33 -4.79 3.88 -0.14
N LYS A 34 -5.94 3.44 0.39
CA LYS A 34 -7.11 4.26 0.73
C LYS A 34 -6.80 5.31 1.79
N GLN A 35 -6.02 4.95 2.81
CA GLN A 35 -5.50 5.91 3.81
C GLN A 35 -4.60 6.97 3.16
N LEU A 36 -3.75 6.56 2.22
CA LEU A 36 -2.83 7.46 1.51
C LEU A 36 -3.53 8.36 0.49
N GLN A 37 -4.55 7.85 -0.22
CA GLN A 37 -5.41 8.68 -1.07
C GLN A 37 -6.27 9.66 -0.24
N ASP A 38 -6.68 9.28 0.97
CA ASP A 38 -7.31 10.22 1.92
C ASP A 38 -6.33 11.30 2.39
N ALA A 39 -5.05 10.95 2.61
CA ALA A 39 -4.00 11.95 2.84
C ALA A 39 -3.87 12.90 1.64
N GLN A 40 -3.81 12.33 0.44
CA GLN A 40 -3.66 13.03 -0.82
C GLN A 40 -4.88 13.89 -1.17
N ALA A 41 -6.08 13.59 -0.67
CA ALA A 41 -7.25 14.47 -0.77
C ALA A 41 -7.30 15.59 0.28
N ASN A 42 -6.84 15.37 1.52
CA ASN A 42 -6.64 16.47 2.46
C ASN A 42 -5.50 17.37 1.94
N LEU A 43 -4.56 16.77 1.21
CA LEU A 43 -3.56 17.49 0.45
C LEU A 43 -4.13 18.11 -0.80
N THR A 44 -5.06 17.49 -1.52
CA THR A 44 -5.71 18.12 -2.67
C THR A 44 -6.50 19.37 -2.25
N LYS A 45 -7.10 19.31 -1.06
CA LYS A 45 -7.81 20.40 -0.39
C LYS A 45 -6.91 21.61 -0.13
N ASN A 46 -5.63 21.37 0.17
CA ASN A 46 -4.57 22.37 0.25
C ASN A 46 -3.19 21.74 -0.01
N PRO A 47 -2.68 21.76 -1.28
CA PRO A 47 -1.49 21.02 -1.70
C PRO A 47 -0.23 21.13 -0.84
N SER A 48 -0.05 22.21 -0.07
CA SER A 48 1.02 22.33 0.90
C SER A 48 0.61 22.76 2.31
N ASP A 49 -0.63 22.43 2.70
CA ASP A 49 -1.08 22.51 4.09
C ASP A 49 -0.14 21.60 4.90
N PRO A 50 0.57 22.13 5.91
CA PRO A 50 1.64 21.39 6.54
C PRO A 50 1.19 20.19 7.36
N THR A 51 -0.03 20.17 7.90
CA THR A 51 -0.62 18.97 8.52
C THR A 51 -1.07 17.99 7.47
N ALA A 52 -1.70 18.43 6.38
CA ALA A 52 -2.00 17.57 5.24
C ALA A 52 -0.75 16.91 4.66
N LEU A 53 0.34 17.67 4.57
CA LEU A 53 1.59 17.23 4.00
C LEU A 53 2.39 16.40 5.00
N ALA A 54 2.32 16.73 6.29
CA ALA A 54 2.83 15.89 7.38
C ALA A 54 2.11 14.54 7.42
N ASN A 55 0.79 14.57 7.24
CA ASN A 55 -0.09 13.40 7.22
C ASN A 55 0.23 12.51 6.03
N TYR A 56 0.23 13.09 4.83
CA TYR A 56 0.70 12.44 3.61
C TYR A 56 2.12 11.88 3.73
N GLN A 57 3.08 12.62 4.29
CA GLN A 57 4.44 12.10 4.48
C GLN A 57 4.48 10.94 5.49
N MET A 58 3.70 10.99 6.57
CA MET A 58 3.61 9.92 7.57
C MET A 58 2.97 8.65 7.00
N ILE A 59 1.84 8.78 6.32
CA ILE A 59 1.13 7.66 5.71
C ILE A 59 1.93 7.12 4.53
N MET A 60 2.63 7.97 3.78
CA MET A 60 3.50 7.54 2.69
C MET A 60 4.75 6.83 3.20
N SER A 61 5.28 7.22 4.35
CA SER A 61 6.34 6.50 5.06
C SER A 61 5.87 5.09 5.41
N GLU A 62 4.66 4.93 5.98
CA GLU A 62 4.07 3.61 6.25
C GLU A 62 3.77 2.80 4.98
N TYR A 63 3.21 3.45 3.95
CA TYR A 63 2.92 2.83 2.64
C TYR A 63 4.18 2.28 1.97
N ASN A 64 5.23 3.10 1.92
CA ASN A 64 6.47 2.75 1.28
C ASN A 64 7.23 1.67 2.08
N LEU A 65 7.21 1.77 3.41
CA LEU A 65 7.80 0.79 4.34
C LEU A 65 7.14 -0.58 4.20
N TYR A 66 5.80 -0.64 4.12
CA TYR A 66 5.08 -1.89 3.88
C TYR A 66 5.47 -2.53 2.55
N ARG A 67 5.46 -1.75 1.46
CA ARG A 67 5.87 -2.20 0.12
C ARG A 67 7.30 -2.73 0.10
N ASN A 68 8.25 -2.01 0.71
CA ASN A 68 9.64 -2.44 0.86
C ASN A 68 9.79 -3.72 1.69
N ALA A 69 9.09 -3.81 2.82
CA ALA A 69 9.18 -4.96 3.70
C ALA A 69 8.55 -6.23 3.08
N GLN A 70 7.41 -6.10 2.39
CA GLN A 70 6.77 -7.19 1.65
C GLN A 70 7.65 -7.67 0.47
N SER A 71 8.27 -6.75 -0.26
CA SER A 71 9.24 -7.08 -1.33
C SER A 71 10.48 -7.80 -0.80
N SER A 72 11.01 -7.35 0.34
CA SER A 72 12.14 -7.99 1.04
C SER A 72 11.77 -9.39 1.55
N ALA A 73 10.59 -9.55 2.17
CA ALA A 73 10.14 -10.80 2.76
C ALA A 73 10.12 -11.97 1.77
N VAL A 74 9.68 -11.74 0.53
CA VAL A 74 9.64 -12.77 -0.52
C VAL A 74 11.03 -13.31 -0.91
N LYS A 75 12.11 -12.58 -0.63
CA LYS A 75 13.50 -12.94 -0.98
C LYS A 75 14.39 -13.25 0.25
N SER A 76 13.90 -13.01 1.46
CA SER A 76 14.64 -13.13 2.73
C SER A 76 13.81 -13.73 3.88
N MET A 77 12.71 -14.42 3.58
CA MET A 77 11.69 -14.88 4.56
C MET A 77 12.27 -15.58 5.80
N LYS A 78 13.18 -16.55 5.61
CA LYS A 78 13.80 -17.32 6.70
C LYS A 78 14.77 -16.49 7.56
N ASP A 79 15.41 -15.46 6.99
CA ASP A 79 16.25 -14.53 7.74
C ASP A 79 15.40 -13.61 8.65
N ILE A 80 14.29 -13.07 8.12
CA ILE A 80 13.34 -12.26 8.91
C ILE A 80 12.74 -13.09 10.05
N ASP A 81 12.29 -14.31 9.76
CA ASP A 81 11.75 -15.26 10.74
C ASP A 81 12.73 -15.65 11.86
N SER A 82 14.03 -15.37 11.69
CA SER A 82 15.11 -15.63 12.66
C SER A 82 15.66 -14.38 13.36
N SER A 83 15.30 -13.17 12.91
CA SER A 83 15.93 -11.90 13.35
C SER A 83 14.99 -10.69 13.51
N ILE A 84 13.69 -10.81 13.21
CA ILE A 84 12.68 -9.76 13.42
C ILE A 84 12.65 -9.22 14.87
N LEU A 85 12.42 -7.91 15.01
CA LEU A 85 12.45 -7.17 16.29
C LEU A 85 11.48 -5.97 16.30
N GLU A 86 11.22 -5.42 17.49
CA GLU A 86 10.26 -4.32 17.72
C GLU A 86 10.83 -3.15 18.56
N HIS A 87 12.10 -3.24 18.96
CA HIS A 87 12.84 -2.22 19.73
C HIS A 87 14.24 -2.01 19.12
N HIS A 88 14.81 -0.81 19.29
CA HIS A 88 16.05 -0.38 18.62
C HIS A 88 16.91 0.51 19.53
N HIS A 89 18.23 0.52 19.31
CA HIS A 89 19.18 1.38 20.03
C HIS A 89 18.96 2.89 19.77
N HIS A 90 18.57 3.23 18.53
CA HIS A 90 18.19 4.58 18.09
C HIS A 90 17.26 4.52 16.87
N HIS A 91 16.49 5.58 16.59
CA HIS A 91 15.42 5.56 15.57
C HIS A 91 15.17 6.88 14.82
N HIS A 92 15.85 7.99 15.16
CA HIS A 92 15.62 9.31 14.54
C HIS A 92 16.01 9.36 13.04
N MET A 1 -4.76 13.58 -39.48
CA MET A 1 -3.36 13.22 -39.83
C MET A 1 -3.22 11.69 -39.90
N SER A 2 -2.54 11.17 -40.92
CA SER A 2 -2.34 9.73 -41.16
C SER A 2 -1.50 9.01 -40.07
N ASN A 3 -0.70 9.77 -39.32
CA ASN A 3 0.12 9.31 -38.19
C ASN A 3 0.29 10.44 -37.15
N PRO A 4 0.61 10.12 -35.88
CA PRO A 4 0.94 11.13 -34.87
C PRO A 4 2.35 11.74 -35.10
N PRO A 5 2.63 12.93 -34.54
CA PRO A 5 3.95 13.56 -34.56
C PRO A 5 5.12 12.73 -34.06
N THR A 6 4.90 11.92 -33.01
CA THR A 6 5.96 11.22 -32.28
C THR A 6 5.68 9.74 -32.03
N PRO A 7 6.74 8.92 -31.85
CA PRO A 7 6.64 7.49 -31.55
C PRO A 7 5.86 7.16 -30.27
N LEU A 8 6.00 7.99 -29.23
CA LEU A 8 5.37 7.78 -27.92
C LEU A 8 3.83 7.75 -27.98
N LEU A 9 3.24 8.56 -28.87
CA LEU A 9 1.80 8.61 -29.14
C LEU A 9 1.24 7.33 -29.82
N ALA A 10 2.11 6.38 -30.18
CA ALA A 10 1.77 5.08 -30.78
C ALA A 10 2.44 3.88 -30.04
N ASP A 11 3.09 4.12 -28.90
CA ASP A 11 3.75 3.08 -28.08
C ASP A 11 2.75 2.17 -27.32
N TYR A 12 1.46 2.56 -27.28
CA TYR A 12 0.37 1.87 -26.60
C TYR A 12 -0.97 2.04 -27.37
N GLU A 13 -1.96 1.20 -27.05
CA GLU A 13 -3.31 1.24 -27.63
C GLU A 13 -4.37 0.63 -26.69
N TRP A 14 -4.05 -0.50 -26.06
CA TRP A 14 -4.96 -1.28 -25.18
C TRP A 14 -4.32 -1.73 -23.85
N SER A 15 -3.02 -1.47 -23.64
CA SER A 15 -2.24 -1.95 -22.48
C SER A 15 -2.82 -1.53 -21.11
N GLY A 16 -3.56 -0.43 -21.04
CA GLY A 16 -4.32 0.01 -19.86
C GLY A 16 -5.25 -1.07 -19.27
N TYR A 17 -5.81 -1.94 -20.12
CA TYR A 17 -6.63 -3.08 -19.71
C TYR A 17 -5.85 -4.09 -18.83
N LEU A 18 -4.57 -4.30 -19.13
CA LEU A 18 -3.68 -5.20 -18.40
C LEU A 18 -3.33 -4.66 -17.00
N THR A 19 -3.25 -3.34 -16.82
CA THR A 19 -3.11 -2.71 -15.49
C THR A 19 -4.29 -3.05 -14.57
N GLY A 20 -5.50 -3.18 -15.14
CA GLY A 20 -6.73 -3.59 -14.46
C GLY A 20 -6.66 -4.96 -13.75
N ILE A 21 -5.83 -5.87 -14.25
CA ILE A 21 -5.60 -7.21 -13.68
C ILE A 21 -4.22 -7.35 -13.01
N GLY A 22 -3.21 -6.63 -13.50
CA GLY A 22 -1.86 -6.57 -12.92
C GLY A 22 -1.82 -6.08 -11.47
N ARG A 23 -2.73 -5.17 -11.11
CA ARG A 23 -2.91 -4.62 -9.74
C ARG A 23 -3.34 -5.66 -8.69
N ALA A 24 -3.75 -6.87 -9.08
CA ALA A 24 -4.27 -7.91 -8.17
C ALA A 24 -3.35 -8.34 -7.01
N PHE A 25 -2.04 -8.09 -7.08
CA PHE A 25 -1.15 -8.34 -5.94
C PHE A 25 -1.37 -7.39 -4.75
N ASP A 26 -1.96 -6.22 -5.00
CA ASP A 26 -2.12 -5.12 -4.04
C ASP A 26 -3.34 -5.29 -3.11
N ASP A 27 -4.17 -6.32 -3.30
CA ASP A 27 -5.47 -6.47 -2.62
C ASP A 27 -5.46 -6.45 -1.08
N GLY A 28 -4.32 -6.80 -0.45
CA GLY A 28 -4.11 -6.74 1.01
C GLY A 28 -3.39 -5.48 1.51
N VAL A 29 -3.03 -4.55 0.60
CA VAL A 29 -2.42 -3.24 0.89
C VAL A 29 -3.24 -2.09 0.28
N LYS A 30 -4.27 -2.38 -0.52
CA LYS A 30 -5.26 -1.41 -1.02
C LYS A 30 -5.86 -0.56 0.10
N ASP A 31 -5.96 -1.12 1.31
CA ASP A 31 -6.32 -0.42 2.55
C ASP A 31 -5.38 0.78 2.84
N LEU A 32 -4.08 0.53 2.84
CA LEU A 32 -3.03 1.52 3.10
C LEU A 32 -2.93 2.52 1.94
N ASN A 33 -3.14 2.05 0.70
CA ASN A 33 -3.27 2.93 -0.47
C ASN A 33 -4.45 3.90 -0.31
N LYS A 34 -5.58 3.43 0.23
CA LYS A 34 -6.77 4.26 0.52
C LYS A 34 -6.52 5.26 1.65
N GLN A 35 -5.77 4.87 2.69
CA GLN A 35 -5.30 5.79 3.73
C GLN A 35 -4.42 6.90 3.15
N LEU A 36 -3.53 6.54 2.23
CA LEU A 36 -2.62 7.48 1.56
C LEU A 36 -3.34 8.38 0.55
N GLN A 37 -4.32 7.86 -0.18
CA GLN A 37 -5.20 8.65 -1.04
C GLN A 37 -6.09 9.60 -0.23
N ASP A 38 -6.51 9.21 0.96
CA ASP A 38 -7.18 10.12 1.91
C ASP A 38 -6.22 11.22 2.41
N ALA A 39 -4.94 10.90 2.64
CA ALA A 39 -3.92 11.92 2.89
C ALA A 39 -3.81 12.88 1.71
N GLN A 40 -3.72 12.33 0.50
CA GLN A 40 -3.60 13.06 -0.76
C GLN A 40 -4.85 13.88 -1.09
N ALA A 41 -6.04 13.52 -0.60
CA ALA A 41 -7.25 14.34 -0.67
C ALA A 41 -7.33 15.46 0.38
N ASN A 42 -6.87 15.23 1.62
CA ASN A 42 -6.70 16.35 2.56
C ASN A 42 -5.63 17.30 2.02
N LEU A 43 -4.63 16.75 1.31
CA LEU A 43 -3.68 17.49 0.54
C LEU A 43 -4.30 18.09 -0.72
N THR A 44 -5.26 17.45 -1.38
CA THR A 44 -5.88 18.03 -2.57
C THR A 44 -6.67 19.30 -2.22
N LYS A 45 -7.34 19.28 -1.07
CA LYS A 45 -8.04 20.45 -0.52
C LYS A 45 -7.10 21.63 -0.24
N ASN A 46 -5.84 21.37 0.13
CA ASN A 46 -4.78 22.34 0.26
C ASN A 46 -3.38 21.73 -0.01
N PRO A 47 -2.90 21.74 -1.27
CA PRO A 47 -1.70 21.01 -1.71
C PRO A 47 -0.42 21.16 -0.90
N SER A 48 -0.25 22.24 -0.14
CA SER A 48 0.84 22.40 0.80
C SER A 48 0.44 22.84 2.21
N ASP A 49 -0.78 22.49 2.62
CA ASP A 49 -1.20 22.61 4.01
C ASP A 49 -0.25 21.72 4.83
N PRO A 50 0.42 22.24 5.86
CA PRO A 50 1.51 21.53 6.51
C PRO A 50 1.10 20.30 7.32
N THR A 51 -0.11 20.25 7.87
CA THR A 51 -0.64 19.04 8.52
C THR A 51 -1.10 18.03 7.49
N ALA A 52 -1.76 18.44 6.41
CA ALA A 52 -2.06 17.58 5.27
C ALA A 52 -0.79 16.96 4.69
N LEU A 53 0.27 17.75 4.57
CA LEU A 53 1.53 17.33 4.00
C LEU A 53 2.35 16.51 4.99
N ALA A 54 2.29 16.85 6.28
CA ALA A 54 2.84 16.03 7.37
C ALA A 54 2.15 14.66 7.43
N ASN A 55 0.82 14.66 7.26
CA ASN A 55 -0.03 13.47 7.26
C ASN A 55 0.30 12.57 6.08
N TYR A 56 0.27 13.15 4.88
CA TYR A 56 0.74 12.49 3.65
C TYR A 56 2.16 11.96 3.76
N GLN A 57 3.11 12.72 4.29
CA GLN A 57 4.49 12.24 4.48
C GLN A 57 4.58 11.09 5.50
N MET A 58 3.80 11.14 6.59
CA MET A 58 3.75 10.09 7.62
C MET A 58 3.12 8.79 7.09
N ILE A 59 1.96 8.90 6.43
CA ILE A 59 1.28 7.77 5.82
C ILE A 59 2.11 7.22 4.66
N MET A 60 2.81 8.07 3.90
CA MET A 60 3.70 7.63 2.82
C MET A 60 4.94 6.91 3.33
N SER A 61 5.48 7.32 4.48
CA SER A 61 6.56 6.62 5.19
C SER A 61 6.13 5.21 5.60
N GLU A 62 4.93 5.06 6.15
CA GLU A 62 4.33 3.75 6.48
C GLU A 62 3.99 2.94 5.23
N TYR A 63 3.44 3.58 4.20
CA TYR A 63 3.10 2.98 2.91
C TYR A 63 4.31 2.34 2.24
N ASN A 64 5.40 3.10 2.14
CA ASN A 64 6.60 2.66 1.45
C ASN A 64 7.27 1.49 2.19
N LEU A 65 7.31 1.58 3.53
CA LEU A 65 7.82 0.51 4.41
C LEU A 65 7.01 -0.78 4.28
N TYR A 66 5.69 -0.70 4.34
CA TYR A 66 4.80 -1.87 4.22
C TYR A 66 4.83 -2.49 2.82
N ARG A 67 4.84 -1.66 1.78
CA ARG A 67 4.97 -2.09 0.37
C ARG A 67 6.27 -2.84 0.10
N ASN A 68 7.39 -2.36 0.66
CA ASN A 68 8.67 -3.09 0.67
C ASN A 68 8.59 -4.40 1.44
N ALA A 69 8.06 -4.37 2.66
CA ALA A 69 8.01 -5.53 3.53
C ALA A 69 7.09 -6.65 3.01
N GLN A 70 5.99 -6.29 2.33
CA GLN A 70 5.08 -7.25 1.67
C GLN A 70 5.80 -8.05 0.57
N SER A 71 6.72 -7.45 -0.18
CA SER A 71 7.56 -8.15 -1.16
C SER A 71 8.51 -9.14 -0.48
N SER A 72 9.19 -8.74 0.61
CA SER A 72 10.04 -9.62 1.40
C SER A 72 9.26 -10.80 2.04
N ALA A 73 8.05 -10.55 2.53
CA ALA A 73 7.18 -11.58 3.11
C ALA A 73 6.76 -12.66 2.09
N VAL A 74 6.57 -12.27 0.82
CA VAL A 74 6.30 -13.19 -0.30
C VAL A 74 7.58 -13.93 -0.72
N LYS A 75 8.71 -13.21 -0.85
CA LYS A 75 10.04 -13.78 -1.20
C LYS A 75 10.47 -14.90 -0.24
N SER A 76 10.19 -14.73 1.05
CA SER A 76 10.68 -15.60 2.14
C SER A 76 9.57 -16.41 2.82
N MET A 77 8.36 -16.49 2.24
CA MET A 77 7.17 -17.11 2.87
C MET A 77 7.42 -18.52 3.41
N LYS A 78 8.10 -19.37 2.63
CA LYS A 78 8.46 -20.76 3.00
C LYS A 78 9.43 -20.87 4.19
N ASP A 79 10.26 -19.85 4.41
CA ASP A 79 11.16 -19.75 5.57
C ASP A 79 10.45 -19.14 6.78
N ILE A 80 9.62 -18.12 6.57
CA ILE A 80 8.80 -17.47 7.61
C ILE A 80 7.84 -18.46 8.27
N ASP A 81 7.24 -19.35 7.49
CA ASP A 81 6.34 -20.40 7.97
C ASP A 81 7.03 -21.40 8.92
N SER A 82 8.31 -21.70 8.68
CA SER A 82 9.16 -22.52 9.55
C SER A 82 9.67 -21.74 10.77
N SER A 83 9.96 -20.44 10.59
CA SER A 83 10.50 -19.52 11.62
C SER A 83 9.44 -18.97 12.59
N ILE A 84 8.19 -19.45 12.53
CA ILE A 84 7.08 -19.02 13.39
C ILE A 84 7.40 -19.12 14.90
N LEU A 85 6.90 -18.17 15.68
CA LEU A 85 7.12 -18.02 17.13
C LEU A 85 6.62 -19.24 17.94
N GLU A 86 7.26 -19.51 19.08
CA GLU A 86 6.85 -20.54 20.06
C GLU A 86 5.61 -20.16 20.90
N HIS A 87 5.02 -18.99 20.63
CA HIS A 87 3.88 -18.39 21.34
C HIS A 87 2.84 -17.83 20.33
N HIS A 88 1.71 -17.32 20.83
CA HIS A 88 0.65 -16.73 20.00
C HIS A 88 1.17 -15.59 19.09
N HIS A 89 0.78 -15.63 17.81
CA HIS A 89 1.21 -14.68 16.78
C HIS A 89 0.53 -13.31 16.91
N HIS A 90 1.13 -12.27 16.33
CA HIS A 90 0.52 -10.94 16.16
C HIS A 90 -0.79 -11.01 15.35
N HIS A 91 -1.78 -10.21 15.74
CA HIS A 91 -3.13 -10.19 15.16
C HIS A 91 -3.86 -8.85 15.42
N HIS A 92 -4.99 -8.63 14.76
CA HIS A 92 -5.85 -7.44 14.85
C HIS A 92 -7.34 -7.80 14.70
N MET A 1 -8.99 19.09 15.18
CA MET A 1 -9.16 18.84 13.72
C MET A 1 -10.36 17.93 13.48
N SER A 2 -11.35 18.42 12.72
CA SER A 2 -12.55 17.64 12.32
C SER A 2 -12.20 16.45 11.39
N ASN A 3 -13.07 15.46 11.33
CA ASN A 3 -12.96 14.32 10.40
C ASN A 3 -12.98 14.77 8.92
N PRO A 4 -12.40 13.97 7.98
CA PRO A 4 -12.52 14.20 6.55
C PRO A 4 -13.94 13.86 6.04
N PRO A 5 -14.33 14.33 4.83
CA PRO A 5 -15.61 14.01 4.21
C PRO A 5 -15.72 12.55 3.75
N THR A 6 -16.93 12.13 3.41
CA THR A 6 -17.26 10.79 2.86
C THR A 6 -18.26 10.88 1.70
N PRO A 7 -18.32 9.84 0.84
CA PRO A 7 -19.22 9.76 -0.32
C PRO A 7 -20.70 10.00 -0.01
N LEU A 8 -21.45 10.45 -1.02
CA LEU A 8 -22.87 10.84 -0.97
C LEU A 8 -23.63 10.35 -2.21
N LEU A 9 -24.95 10.56 -2.25
CA LEU A 9 -25.83 10.28 -3.38
C LEU A 9 -25.43 11.10 -4.63
N ALA A 10 -24.74 10.45 -5.59
CA ALA A 10 -24.22 11.04 -6.83
C ALA A 10 -24.02 9.98 -7.92
N ASP A 11 -23.70 10.41 -9.15
CA ASP A 11 -23.55 9.55 -10.34
C ASP A 11 -22.54 8.39 -10.17
N TYR A 12 -21.52 8.55 -9.33
CA TYR A 12 -20.51 7.53 -9.01
C TYR A 12 -21.02 6.33 -8.19
N GLU A 13 -22.28 6.34 -7.73
CA GLU A 13 -22.85 5.35 -6.78
C GLU A 13 -22.75 3.86 -7.20
N TRP A 14 -22.57 3.57 -8.50
CA TRP A 14 -22.54 2.20 -9.04
C TRP A 14 -21.39 1.94 -10.02
N SER A 15 -20.71 2.97 -10.53
CA SER A 15 -19.64 2.86 -11.54
C SER A 15 -18.44 2.01 -11.08
N GLY A 16 -18.14 2.04 -9.78
CA GLY A 16 -17.04 1.28 -9.17
C GLY A 16 -17.33 -0.21 -9.01
N TYR A 17 -18.60 -0.59 -8.82
CA TYR A 17 -19.03 -1.96 -8.53
C TYR A 17 -18.59 -2.98 -9.61
N LEU A 18 -18.59 -2.55 -10.87
CA LEU A 18 -18.17 -3.34 -12.04
C LEU A 18 -16.65 -3.68 -12.05
N THR A 19 -15.86 -3.03 -11.19
CA THR A 19 -14.42 -3.28 -11.00
C THR A 19 -14.12 -3.78 -9.58
N GLY A 20 -14.91 -3.39 -8.59
CA GLY A 20 -14.88 -3.88 -7.20
C GLY A 20 -14.90 -5.41 -7.07
N ILE A 21 -15.66 -6.08 -7.95
CA ILE A 21 -15.72 -7.55 -8.06
C ILE A 21 -14.35 -8.21 -8.33
N GLY A 22 -13.41 -7.49 -8.96
CA GLY A 22 -12.03 -7.92 -9.18
C GLY A 22 -11.03 -7.29 -8.20
N ARG A 23 -11.22 -6.02 -7.84
CA ARG A 23 -10.43 -5.31 -6.81
C ARG A 23 -10.51 -5.96 -5.42
N ALA A 24 -11.51 -6.80 -5.16
CA ALA A 24 -11.58 -7.63 -3.95
C ALA A 24 -10.43 -8.64 -3.78
N PHE A 25 -9.58 -8.87 -4.79
CA PHE A 25 -8.33 -9.61 -4.62
C PHE A 25 -7.24 -8.77 -3.94
N ASP A 26 -7.50 -7.48 -3.67
CA ASP A 26 -6.57 -6.48 -3.12
C ASP A 26 -7.08 -5.74 -1.88
N ASP A 27 -8.40 -5.69 -1.64
CA ASP A 27 -9.03 -4.82 -0.61
C ASP A 27 -8.51 -5.01 0.83
N GLY A 28 -7.96 -6.19 1.15
CA GLY A 28 -7.30 -6.49 2.43
C GLY A 28 -5.98 -5.76 2.66
N VAL A 29 -5.39 -5.15 1.62
CA VAL A 29 -4.10 -4.39 1.68
C VAL A 29 -4.19 -3.02 1.02
N LYS A 30 -5.06 -2.86 0.00
CA LYS A 30 -5.44 -1.56 -0.59
C LYS A 30 -5.93 -0.58 0.48
N ASP A 31 -6.36 -1.09 1.63
CA ASP A 31 -6.66 -0.36 2.87
C ASP A 31 -5.63 0.71 3.27
N LEU A 32 -4.33 0.44 3.11
CA LEU A 32 -3.25 1.41 3.37
C LEU A 32 -3.16 2.44 2.24
N ASN A 33 -3.29 1.97 0.99
CA ASN A 33 -3.33 2.83 -0.19
C ASN A 33 -4.53 3.80 -0.16
N LYS A 34 -5.67 3.38 0.39
CA LYS A 34 -6.83 4.23 0.67
C LYS A 34 -6.47 5.33 1.67
N GLN A 35 -5.82 4.99 2.77
CA GLN A 35 -5.36 5.96 3.78
C GLN A 35 -4.43 7.02 3.17
N LEU A 36 -3.57 6.60 2.25
CA LEU A 36 -2.64 7.50 1.56
C LEU A 36 -3.35 8.37 0.50
N GLN A 37 -4.31 7.84 -0.25
CA GLN A 37 -5.17 8.64 -1.12
C GLN A 37 -6.06 9.60 -0.34
N ASP A 38 -6.49 9.22 0.87
CA ASP A 38 -7.20 10.09 1.82
C ASP A 38 -6.29 11.24 2.30
N ALA A 39 -5.01 10.92 2.60
CA ALA A 39 -4.00 11.94 2.86
C ALA A 39 -3.84 12.89 1.68
N GLN A 40 -3.74 12.32 0.47
CA GLN A 40 -3.59 13.05 -0.79
C GLN A 40 -4.82 13.89 -1.14
N ALA A 41 -6.02 13.54 -0.65
CA ALA A 41 -7.22 14.39 -0.74
C ALA A 41 -7.28 15.51 0.31
N ASN A 42 -6.85 15.28 1.55
CA ASN A 42 -6.68 16.39 2.49
C ASN A 42 -5.61 17.34 1.95
N LEU A 43 -4.59 16.77 1.27
CA LEU A 43 -3.61 17.50 0.50
C LEU A 43 -4.22 18.10 -0.77
N THR A 44 -5.17 17.46 -1.45
CA THR A 44 -5.77 18.05 -2.65
C THR A 44 -6.54 19.32 -2.31
N LYS A 45 -7.21 19.33 -1.15
CA LYS A 45 -7.90 20.51 -0.63
C LYS A 45 -6.95 21.68 -0.32
N ASN A 46 -5.70 21.40 0.04
CA ASN A 46 -4.62 22.36 0.17
C ASN A 46 -3.22 21.72 -0.07
N PRO A 47 -2.73 21.71 -1.34
CA PRO A 47 -1.54 20.97 -1.76
C PRO A 47 -0.26 21.09 -0.92
N SER A 48 -0.08 22.18 -0.18
CA SER A 48 0.99 22.32 0.78
C SER A 48 0.59 22.78 2.17
N ASP A 49 -0.64 22.45 2.58
CA ASP A 49 -1.08 22.60 3.97
C ASP A 49 -0.16 21.68 4.80
N PRO A 50 0.51 22.20 5.83
CA PRO A 50 1.57 21.46 6.49
C PRO A 50 1.12 20.27 7.33
N THR A 51 -0.11 20.24 7.83
CA THR A 51 -0.68 19.05 8.49
C THR A 51 -1.13 18.04 7.46
N ALA A 52 -1.77 18.46 6.37
CA ALA A 52 -2.05 17.60 5.23
C ALA A 52 -0.79 16.95 4.67
N LEU A 53 0.28 17.72 4.57
CA LEU A 53 1.55 17.28 4.00
C LEU A 53 2.34 16.46 5.04
N ALA A 54 2.27 16.81 6.32
CA ALA A 54 2.79 15.99 7.41
C ALA A 54 2.07 14.63 7.47
N ASN A 55 0.75 14.65 7.29
CA ASN A 55 -0.11 13.47 7.29
C ASN A 55 0.21 12.56 6.10
N TYR A 56 0.22 13.13 4.90
CA TYR A 56 0.69 12.45 3.68
C TYR A 56 2.10 11.91 3.83
N GLN A 57 3.07 12.66 4.35
CA GLN A 57 4.43 12.15 4.56
C GLN A 57 4.49 11.02 5.60
N MET A 58 3.70 11.09 6.68
CA MET A 58 3.62 10.07 7.72
C MET A 58 2.98 8.76 7.22
N ILE A 59 1.85 8.86 6.51
CA ILE A 59 1.18 7.72 5.91
C ILE A 59 2.02 7.17 4.75
N MET A 60 2.71 8.02 4.00
CA MET A 60 3.63 7.60 2.94
C MET A 60 4.86 6.89 3.49
N SER A 61 5.33 7.26 4.68
CA SER A 61 6.37 6.52 5.40
C SER A 61 5.92 5.10 5.74
N GLU A 62 4.66 4.92 6.19
CA GLU A 62 4.07 3.58 6.39
C GLU A 62 3.83 2.81 5.08
N TYR A 63 3.33 3.49 4.04
CA TYR A 63 3.10 2.93 2.71
C TYR A 63 4.40 2.45 2.05
N ASN A 64 5.45 3.26 2.13
CA ASN A 64 6.75 2.94 1.55
C ASN A 64 7.43 1.76 2.28
N LEU A 65 7.23 1.67 3.60
CA LEU A 65 7.67 0.53 4.42
C LEU A 65 6.94 -0.76 4.01
N TYR A 66 5.62 -0.70 3.82
CA TYR A 66 4.84 -1.80 3.22
C TYR A 66 5.37 -2.22 1.83
N ARG A 67 5.69 -1.24 0.99
CA ARG A 67 6.30 -1.45 -0.35
C ARG A 67 7.63 -2.21 -0.26
N ASN A 68 8.50 -1.85 0.68
CA ASN A 68 9.74 -2.56 0.98
C ASN A 68 9.53 -3.94 1.62
N ALA A 69 8.48 -4.11 2.42
CA ALA A 69 8.14 -5.41 2.98
C ALA A 69 7.62 -6.40 1.91
N GLN A 70 6.89 -5.91 0.91
CA GLN A 70 6.50 -6.70 -0.27
C GLN A 70 7.73 -7.16 -1.09
N SER A 71 8.79 -6.33 -1.19
CA SER A 71 10.09 -6.75 -1.75
C SER A 71 10.83 -7.75 -0.85
N SER A 72 10.72 -7.60 0.47
CA SER A 72 11.35 -8.52 1.44
C SER A 72 10.77 -9.94 1.39
N ALA A 73 9.52 -10.12 0.93
CA ALA A 73 8.96 -11.44 0.64
C ALA A 73 9.71 -12.19 -0.49
N VAL A 74 10.33 -11.46 -1.42
CA VAL A 74 11.21 -12.00 -2.46
C VAL A 74 12.61 -12.29 -1.90
N LYS A 75 13.16 -11.41 -1.05
CA LYS A 75 14.43 -11.65 -0.33
C LYS A 75 14.40 -12.91 0.53
N SER A 76 13.22 -13.24 1.08
CA SER A 76 12.94 -14.46 1.85
C SER A 76 13.02 -15.77 1.04
N MET A 77 13.25 -15.74 -0.27
CA MET A 77 13.41 -16.96 -1.10
C MET A 77 14.50 -17.92 -0.59
N LYS A 78 15.53 -17.41 0.11
CA LYS A 78 16.58 -18.21 0.77
C LYS A 78 16.04 -19.08 1.92
N ASP A 79 15.01 -18.61 2.63
CA ASP A 79 14.30 -19.38 3.65
C ASP A 79 13.33 -20.39 3.02
N ILE A 80 12.66 -20.02 1.92
CA ILE A 80 11.81 -20.95 1.14
C ILE A 80 12.62 -22.13 0.59
N ASP A 81 13.84 -21.87 0.08
CA ASP A 81 14.76 -22.89 -0.45
C ASP A 81 15.13 -23.99 0.56
N SER A 82 15.03 -23.73 1.87
CA SER A 82 15.23 -24.73 2.93
C SER A 82 14.06 -25.73 3.09
N SER A 83 12.91 -25.46 2.46
CA SER A 83 11.64 -26.21 2.64
C SER A 83 10.88 -26.51 1.34
N ILE A 84 11.33 -25.97 0.20
CA ILE A 84 10.71 -26.12 -1.14
C ILE A 84 10.56 -27.58 -1.63
N LEU A 85 11.25 -28.52 -1.00
CA LEU A 85 11.11 -29.97 -1.23
C LEU A 85 9.73 -30.53 -0.81
N GLU A 86 8.90 -29.75 -0.12
CA GLU A 86 7.55 -30.10 0.34
C GLU A 86 6.51 -28.99 0.07
N HIS A 87 5.23 -29.35 0.18
CA HIS A 87 4.08 -28.47 -0.09
C HIS A 87 2.84 -28.82 0.76
N HIS A 88 2.46 -30.10 0.79
CA HIS A 88 1.35 -30.65 1.58
C HIS A 88 1.43 -32.19 1.67
N HIS A 89 0.85 -32.77 2.73
CA HIS A 89 0.79 -34.23 2.92
C HIS A 89 -0.13 -34.97 1.92
N HIS A 90 -0.98 -34.24 1.18
CA HIS A 90 -1.95 -34.79 0.23
C HIS A 90 -1.27 -35.58 -0.91
N HIS A 91 -1.68 -36.83 -1.12
CA HIS A 91 -1.09 -37.76 -2.10
C HIS A 91 -2.10 -38.78 -2.69
N HIS A 92 -3.40 -38.60 -2.42
CA HIS A 92 -4.49 -39.55 -2.73
C HIS A 92 -5.83 -38.84 -3.02
N MET A 1 -43.84 -15.06 3.95
CA MET A 1 -42.53 -14.51 3.51
C MET A 1 -41.55 -15.64 3.19
N SER A 2 -40.89 -16.22 4.21
CA SER A 2 -39.90 -17.31 4.06
C SER A 2 -40.49 -18.60 3.46
N ASN A 3 -39.61 -19.41 2.84
CA ASN A 3 -39.92 -20.73 2.25
C ASN A 3 -38.69 -21.66 2.27
N PRO A 4 -38.88 -22.99 2.21
CA PRO A 4 -37.80 -23.97 2.01
C PRO A 4 -36.88 -23.64 0.81
N PRO A 5 -35.58 -23.98 0.85
CA PRO A 5 -34.60 -23.59 -0.16
C PRO A 5 -34.84 -24.24 -1.53
N THR A 6 -34.45 -23.53 -2.58
CA THR A 6 -34.50 -23.94 -4.00
C THR A 6 -33.29 -23.42 -4.78
N PRO A 7 -32.96 -24.04 -5.93
CA PRO A 7 -31.84 -23.65 -6.80
C PRO A 7 -31.85 -22.16 -7.20
N LEU A 8 -30.91 -21.39 -6.64
CA LEU A 8 -30.73 -19.96 -6.86
C LEU A 8 -29.28 -19.55 -6.55
N LEU A 9 -28.60 -18.94 -7.54
CA LEU A 9 -27.21 -18.45 -7.43
C LEU A 9 -27.03 -17.15 -8.25
N ALA A 10 -26.02 -16.36 -7.89
CA ALA A 10 -25.56 -15.21 -8.66
C ALA A 10 -24.92 -15.63 -10.00
N ASP A 11 -24.86 -14.70 -10.96
CA ASP A 11 -24.36 -14.94 -12.33
C ASP A 11 -23.77 -13.66 -12.94
N TYR A 12 -22.98 -13.80 -14.01
CA TYR A 12 -22.37 -12.71 -14.78
C TYR A 12 -23.34 -11.65 -15.34
N GLU A 13 -24.66 -11.88 -15.21
CA GLU A 13 -25.73 -10.90 -15.44
C GLU A 13 -25.51 -9.60 -14.64
N TRP A 14 -24.91 -9.71 -13.44
CA TRP A 14 -24.54 -8.60 -12.56
C TRP A 14 -23.32 -8.88 -11.66
N SER A 15 -23.02 -10.15 -11.36
CA SER A 15 -21.91 -10.57 -10.52
C SER A 15 -20.58 -10.65 -11.29
N GLY A 16 -19.47 -10.83 -10.56
CA GLY A 16 -18.10 -10.92 -11.08
C GLY A 16 -17.51 -9.57 -11.54
N TYR A 17 -18.21 -8.87 -12.44
CA TYR A 17 -17.82 -7.55 -12.95
C TYR A 17 -17.81 -6.45 -11.89
N LEU A 18 -18.63 -6.56 -10.84
CA LEU A 18 -18.88 -5.49 -9.85
C LEU A 18 -18.27 -5.75 -8.46
N THR A 19 -17.52 -6.84 -8.28
CA THR A 19 -16.72 -7.11 -7.07
C THR A 19 -15.50 -6.16 -6.90
N GLY A 20 -15.23 -5.34 -7.92
CA GLY A 20 -13.99 -4.56 -8.08
C GLY A 20 -13.01 -5.40 -8.91
N ILE A 21 -13.57 -6.06 -9.94
CA ILE A 21 -13.00 -7.11 -10.78
C ILE A 21 -11.47 -7.16 -10.93
N GLY A 22 -10.91 -8.29 -10.47
CA GLY A 22 -9.48 -8.64 -10.52
C GLY A 22 -8.63 -7.92 -9.46
N ARG A 23 -8.68 -6.58 -9.43
CA ARG A 23 -8.07 -5.74 -8.38
C ARG A 23 -8.59 -6.06 -6.98
N ALA A 24 -9.78 -6.64 -6.86
CA ALA A 24 -10.36 -7.11 -5.60
C ALA A 24 -9.52 -8.15 -4.83
N PHE A 25 -8.56 -8.82 -5.47
CA PHE A 25 -7.60 -9.66 -4.75
C PHE A 25 -6.61 -8.84 -3.89
N ASP A 26 -6.35 -7.58 -4.26
CA ASP A 26 -5.46 -6.65 -3.55
C ASP A 26 -6.18 -5.89 -2.40
N ASP A 27 -7.51 -5.97 -2.30
CA ASP A 27 -8.33 -5.21 -1.33
C ASP A 27 -7.92 -5.42 0.14
N GLY A 28 -7.34 -6.59 0.47
CA GLY A 28 -6.77 -6.90 1.79
C GLY A 28 -5.56 -6.05 2.21
N VAL A 29 -4.96 -5.31 1.27
CA VAL A 29 -3.84 -4.37 1.52
C VAL A 29 -4.09 -2.97 0.93
N LYS A 30 -4.97 -2.85 -0.07
CA LYS A 30 -5.42 -1.56 -0.63
C LYS A 30 -5.93 -0.58 0.44
N ASP A 31 -6.31 -1.07 1.62
CA ASP A 31 -6.60 -0.27 2.81
C ASP A 31 -5.55 0.83 3.08
N LEU A 32 -4.26 0.48 3.04
CA LEU A 32 -3.15 1.40 3.28
C LEU A 32 -3.01 2.42 2.12
N ASN A 33 -3.24 1.96 0.89
CA ASN A 33 -3.32 2.83 -0.29
C ASN A 33 -4.50 3.82 -0.19
N LYS A 34 -5.65 3.40 0.35
CA LYS A 34 -6.82 4.23 0.61
C LYS A 34 -6.56 5.27 1.71
N GLN A 35 -5.82 4.91 2.76
CA GLN A 35 -5.34 5.86 3.78
C GLN A 35 -4.45 6.94 3.16
N LEU A 36 -3.58 6.56 2.23
CA LEU A 36 -2.67 7.48 1.54
C LEU A 36 -3.37 8.37 0.52
N GLN A 37 -4.33 7.84 -0.24
CA GLN A 37 -5.18 8.64 -1.13
C GLN A 37 -6.08 9.60 -0.34
N ASP A 38 -6.51 9.22 0.86
CA ASP A 38 -7.19 10.13 1.79
C ASP A 38 -6.24 11.23 2.30
N ALA A 39 -4.96 10.92 2.55
CA ALA A 39 -3.95 11.94 2.83
C ALA A 39 -3.80 12.90 1.64
N GLN A 40 -3.70 12.34 0.44
CA GLN A 40 -3.55 13.07 -0.82
C GLN A 40 -4.78 13.90 -1.17
N ALA A 41 -5.98 13.56 -0.70
CA ALA A 41 -7.18 14.40 -0.80
C ALA A 41 -7.26 15.51 0.25
N ASN A 42 -6.82 15.27 1.50
CA ASN A 42 -6.65 16.37 2.45
C ASN A 42 -5.56 17.32 1.93
N LEU A 43 -4.56 16.76 1.24
CA LEU A 43 -3.57 17.51 0.50
C LEU A 43 -4.16 18.12 -0.77
N THR A 44 -5.12 17.49 -1.44
CA THR A 44 -5.73 18.09 -2.64
C THR A 44 -6.51 19.36 -2.28
N LYS A 45 -7.19 19.33 -1.14
CA LYS A 45 -7.89 20.50 -0.59
C LYS A 45 -6.96 21.68 -0.29
N ASN A 46 -5.71 21.40 0.11
CA ASN A 46 -4.64 22.37 0.24
C ASN A 46 -3.25 21.74 -0.01
N PRO A 47 -2.73 21.77 -1.26
CA PRO A 47 -1.53 21.05 -1.69
C PRO A 47 -0.24 21.22 -0.87
N SER A 48 -0.13 22.26 -0.04
CA SER A 48 0.95 22.38 0.94
C SER A 48 0.50 22.88 2.30
N ASP A 49 -0.72 22.49 2.71
CA ASP A 49 -1.17 22.64 4.10
C ASP A 49 -0.25 21.73 4.92
N PRO A 50 0.42 22.25 5.95
CA PRO A 50 1.48 21.51 6.61
C PRO A 50 1.05 20.30 7.43
N THR A 51 -0.18 20.25 7.95
CA THR A 51 -0.73 19.03 8.56
C THR A 51 -1.16 18.04 7.51
N ALA A 52 -1.80 18.47 6.42
CA ALA A 52 -2.07 17.62 5.26
C ALA A 52 -0.80 16.99 4.70
N LEU A 53 0.26 17.77 4.62
CA LEU A 53 1.54 17.35 4.07
C LEU A 53 2.33 16.52 5.08
N ALA A 54 2.25 16.85 6.37
CA ALA A 54 2.77 16.02 7.45
C ALA A 54 2.07 14.66 7.49
N ASN A 55 0.75 14.66 7.27
CA ASN A 55 -0.10 13.48 7.25
C ASN A 55 0.24 12.59 6.06
N TYR A 56 0.24 13.17 4.86
CA TYR A 56 0.71 12.49 3.64
C TYR A 56 2.14 11.97 3.77
N GLN A 57 3.08 12.73 4.34
CA GLN A 57 4.45 12.24 4.56
C GLN A 57 4.48 11.07 5.56
N MET A 58 3.73 11.13 6.66
CA MET A 58 3.65 10.08 7.67
C MET A 58 3.04 8.79 7.13
N ILE A 59 1.92 8.90 6.43
CA ILE A 59 1.23 7.76 5.81
C ILE A 59 2.07 7.22 4.65
N MET A 60 2.77 8.07 3.90
CA MET A 60 3.63 7.62 2.81
C MET A 60 4.87 6.89 3.31
N SER A 61 5.44 7.32 4.44
CA SER A 61 6.50 6.59 5.14
C SER A 61 6.04 5.17 5.52
N GLU A 62 4.81 5.00 6.01
CA GLU A 62 4.22 3.69 6.28
C GLU A 62 3.89 2.89 5.01
N TYR A 63 3.30 3.53 4.00
CA TYR A 63 2.95 2.93 2.71
C TYR A 63 4.17 2.36 1.98
N ASN A 64 5.23 3.16 1.91
CA ASN A 64 6.46 2.78 1.20
C ASN A 64 7.21 1.67 1.96
N LEU A 65 7.24 1.75 3.29
CA LEU A 65 7.85 0.73 4.15
C LEU A 65 7.12 -0.62 4.03
N TYR A 66 5.79 -0.62 4.00
CA TYR A 66 4.99 -1.83 3.83
C TYR A 66 5.23 -2.50 2.47
N ARG A 67 5.29 -1.70 1.40
CA ARG A 67 5.65 -2.15 0.03
C ARG A 67 7.05 -2.77 -0.04
N ASN A 68 8.03 -2.14 0.61
CA ASN A 68 9.38 -2.70 0.75
C ASN A 68 9.43 -3.98 1.58
N ALA A 69 8.64 -4.07 2.65
CA ALA A 69 8.57 -5.27 3.47
C ALA A 69 7.91 -6.45 2.74
N GLN A 70 6.84 -6.20 1.98
CA GLN A 70 6.21 -7.17 1.07
C GLN A 70 7.22 -7.68 0.02
N SER A 71 7.96 -6.78 -0.63
CA SER A 71 9.01 -7.12 -1.60
C SER A 71 10.17 -7.91 -0.97
N SER A 72 10.54 -7.58 0.27
CA SER A 72 11.60 -8.28 1.03
C SER A 72 11.17 -9.68 1.48
N ALA A 73 9.90 -9.89 1.83
CA ALA A 73 9.38 -11.18 2.27
C ALA A 73 9.55 -12.30 1.23
N VAL A 74 9.39 -11.97 -0.06
CA VAL A 74 9.64 -12.84 -1.22
C VAL A 74 11.12 -13.29 -1.32
N LYS A 75 12.04 -12.53 -0.70
CA LYS A 75 13.49 -12.81 -0.64
C LYS A 75 13.95 -13.29 0.76
N SER A 76 13.02 -13.46 1.71
CA SER A 76 13.28 -13.77 3.13
C SER A 76 12.37 -14.88 3.69
N MET A 77 11.62 -15.58 2.83
CA MET A 77 10.58 -16.54 3.19
C MET A 77 11.03 -17.59 4.23
N LYS A 78 12.23 -18.17 4.07
CA LYS A 78 12.77 -19.19 4.99
C LYS A 78 13.13 -18.63 6.37
N ASP A 79 13.57 -17.37 6.45
CA ASP A 79 13.83 -16.69 7.73
C ASP A 79 12.53 -16.31 8.45
N ILE A 80 11.49 -15.90 7.70
CA ILE A 80 10.13 -15.66 8.22
C ILE A 80 9.51 -16.96 8.74
N ASP A 81 9.64 -18.05 8.00
CA ASP A 81 9.19 -19.39 8.40
C ASP A 81 9.88 -19.87 9.69
N SER A 82 11.18 -19.59 9.83
CA SER A 82 11.98 -19.81 11.04
C SER A 82 11.59 -18.89 12.22
N SER A 83 10.67 -17.94 12.02
CA SER A 83 10.24 -16.93 13.01
C SER A 83 8.73 -16.99 13.30
N ILE A 84 8.03 -18.04 12.86
CA ILE A 84 6.62 -18.34 13.20
C ILE A 84 6.43 -18.63 14.71
N LEU A 85 7.49 -19.04 15.41
CA LEU A 85 7.53 -19.30 16.86
C LEU A 85 7.01 -18.09 17.70
N GLU A 86 6.44 -18.39 18.87
CA GLU A 86 5.80 -17.41 19.77
C GLU A 86 6.71 -16.21 20.15
N HIS A 87 6.09 -15.03 20.31
CA HIS A 87 6.77 -13.77 20.65
C HIS A 87 7.33 -13.72 22.09
N HIS A 88 6.91 -14.63 22.97
CA HIS A 88 7.30 -14.69 24.38
C HIS A 88 7.56 -16.15 24.84
N HIS A 89 8.46 -16.32 25.82
CA HIS A 89 8.89 -17.61 26.37
C HIS A 89 9.37 -17.44 27.83
N HIS A 90 9.50 -18.53 28.58
CA HIS A 90 10.04 -18.51 29.94
C HIS A 90 11.55 -18.22 29.99
N HIS A 91 12.05 -17.83 31.16
CA HIS A 91 13.46 -17.49 31.42
C HIS A 91 13.90 -17.95 32.83
N HIS A 92 15.23 -18.08 33.03
CA HIS A 92 15.88 -18.43 34.30
C HIS A 92 17.26 -17.77 34.41
N MET A 1 -50.84 12.33 15.02
CA MET A 1 -51.36 11.07 14.44
C MET A 1 -50.22 10.26 13.81
N SER A 2 -50.14 8.97 14.12
CA SER A 2 -49.05 8.05 13.67
C SER A 2 -49.51 6.58 13.63
N ASN A 3 -48.63 5.69 13.16
CA ASN A 3 -48.85 4.24 13.07
C ASN A 3 -47.54 3.44 13.34
N PRO A 4 -47.63 2.16 13.71
CA PRO A 4 -46.45 1.30 13.86
C PRO A 4 -45.85 0.91 12.49
N PRO A 5 -44.56 0.53 12.44
CA PRO A 5 -43.90 -0.03 11.25
C PRO A 5 -44.56 -1.28 10.64
N THR A 6 -45.17 -2.12 11.49
CA THR A 6 -45.68 -3.48 11.22
C THR A 6 -44.56 -4.51 10.91
N PRO A 7 -44.80 -5.81 11.21
CA PRO A 7 -43.81 -6.88 11.10
C PRO A 7 -43.09 -7.00 9.73
N LEU A 8 -41.81 -7.36 9.77
CA LEU A 8 -40.93 -7.59 8.62
C LEU A 8 -39.81 -8.59 8.99
N LEU A 9 -39.29 -9.33 8.01
CA LEU A 9 -38.28 -10.40 8.22
C LEU A 9 -37.12 -10.43 7.19
N ALA A 10 -37.10 -9.52 6.22
CA ALA A 10 -36.06 -9.40 5.19
C ALA A 10 -36.02 -7.98 4.59
N ASP A 11 -34.83 -7.54 4.17
CA ASP A 11 -34.60 -6.31 3.39
C ASP A 11 -33.24 -6.37 2.65
N TYR A 12 -32.21 -6.82 3.37
CA TYR A 12 -30.88 -7.17 2.84
C TYR A 12 -30.25 -8.25 3.73
N GLU A 13 -29.47 -9.16 3.14
CA GLU A 13 -28.94 -10.37 3.78
C GLU A 13 -27.53 -10.73 3.23
N TRP A 14 -26.93 -11.82 3.73
CA TRP A 14 -25.59 -12.31 3.38
C TRP A 14 -25.37 -12.62 1.88
N SER A 15 -26.43 -12.74 1.09
CA SER A 15 -26.39 -12.92 -0.37
C SER A 15 -25.48 -11.88 -1.07
N GLY A 16 -24.44 -12.34 -1.76
CA GLY A 16 -23.44 -11.49 -2.43
C GLY A 16 -22.38 -10.91 -1.49
N TYR A 17 -22.77 -10.47 -0.29
CA TYR A 17 -21.85 -10.04 0.77
C TYR A 17 -20.83 -11.13 1.16
N LEU A 18 -21.31 -12.39 1.25
CA LEU A 18 -20.47 -13.58 1.51
C LEU A 18 -19.42 -13.79 0.40
N THR A 19 -19.76 -13.54 -0.86
CA THR A 19 -18.82 -13.55 -2.00
C THR A 19 -17.77 -12.45 -1.89
N GLY A 20 -18.17 -11.28 -1.39
CA GLY A 20 -17.30 -10.13 -1.12
C GLY A 20 -16.13 -10.41 -0.17
N ILE A 21 -16.33 -11.31 0.82
CA ILE A 21 -15.28 -11.76 1.74
C ILE A 21 -14.08 -12.37 0.99
N GLY A 22 -14.31 -13.02 -0.15
CA GLY A 22 -13.25 -13.56 -1.03
C GLY A 22 -12.31 -12.49 -1.58
N ARG A 23 -12.83 -11.30 -1.89
CA ARG A 23 -12.05 -10.11 -2.29
C ARG A 23 -11.48 -9.34 -1.08
N ALA A 24 -12.10 -9.43 0.09
CA ALA A 24 -11.65 -8.71 1.28
C ALA A 24 -10.26 -9.09 1.81
N PHE A 25 -9.74 -10.26 1.43
CA PHE A 25 -8.35 -10.63 1.70
C PHE A 25 -7.31 -9.77 0.92
N ASP A 26 -7.78 -8.95 -0.02
CA ASP A 26 -6.99 -8.02 -0.84
C ASP A 26 -7.42 -6.55 -0.60
N ASP A 27 -8.74 -6.29 -0.53
CA ASP A 27 -9.28 -4.96 -0.19
C ASP A 27 -8.81 -4.47 1.18
N GLY A 28 -8.65 -5.39 2.13
CA GLY A 28 -8.09 -5.15 3.47
C GLY A 28 -6.61 -4.75 3.50
N VAL A 29 -5.91 -4.78 2.36
CA VAL A 29 -4.52 -4.28 2.22
C VAL A 29 -4.45 -3.08 1.28
N LYS A 30 -5.30 -3.03 0.24
CA LYS A 30 -5.49 -1.81 -0.57
C LYS A 30 -5.96 -0.64 0.31
N ASP A 31 -6.48 -0.95 1.49
CA ASP A 31 -6.78 -0.06 2.60
C ASP A 31 -5.69 0.98 2.89
N LEU A 32 -4.42 0.57 2.93
CA LEU A 32 -3.28 1.45 3.21
C LEU A 32 -3.09 2.47 2.08
N ASN A 33 -3.24 2.02 0.84
CA ASN A 33 -3.25 2.91 -0.33
C ASN A 33 -4.46 3.86 -0.31
N LYS A 34 -5.62 3.41 0.16
CA LYS A 34 -6.82 4.26 0.35
C LYS A 34 -6.61 5.31 1.45
N GLN A 35 -5.93 4.97 2.55
CA GLN A 35 -5.49 5.92 3.58
C GLN A 35 -4.56 6.99 2.99
N LEU A 36 -3.67 6.59 2.09
CA LEU A 36 -2.74 7.49 1.41
C LEU A 36 -3.41 8.39 0.38
N GLN A 37 -4.38 7.88 -0.37
CA GLN A 37 -5.24 8.71 -1.24
C GLN A 37 -6.12 9.66 -0.42
N ASP A 38 -6.57 9.28 0.77
CA ASP A 38 -7.24 10.18 1.72
C ASP A 38 -6.27 11.27 2.23
N ALA A 39 -5.00 10.94 2.47
CA ALA A 39 -3.96 11.93 2.75
C ALA A 39 -3.83 12.91 1.58
N GLN A 40 -3.73 12.36 0.37
CA GLN A 40 -3.58 13.11 -0.88
C GLN A 40 -4.81 13.95 -1.21
N ALA A 41 -6.01 13.60 -0.72
CA ALA A 41 -7.21 14.46 -0.80
C ALA A 41 -7.28 15.56 0.26
N ASN A 42 -6.82 15.34 1.50
CA ASN A 42 -6.65 16.44 2.46
C ASN A 42 -5.55 17.37 1.94
N LEU A 43 -4.56 16.80 1.24
CA LEU A 43 -3.57 17.54 0.49
C LEU A 43 -4.18 18.17 -0.76
N THR A 44 -5.12 17.54 -1.46
CA THR A 44 -5.76 18.17 -2.61
C THR A 44 -6.56 19.40 -2.19
N LYS A 45 -7.21 19.31 -1.02
CA LYS A 45 -7.92 20.40 -0.35
C LYS A 45 -7.01 21.59 -0.03
N ASN A 46 -5.75 21.36 0.32
CA ASN A 46 -4.70 22.36 0.44
C ASN A 46 -3.29 21.77 0.17
N PRO A 47 -2.80 21.82 -1.10
CA PRO A 47 -1.60 21.13 -1.57
C PRO A 47 -0.32 21.24 -0.74
N SER A 48 -0.15 22.32 0.04
CA SER A 48 0.93 22.44 1.00
C SER A 48 0.53 22.86 2.41
N ASP A 49 -0.70 22.51 2.80
CA ASP A 49 -1.13 22.61 4.20
C ASP A 49 -0.20 21.67 4.99
N PRO A 50 0.47 22.17 6.04
CA PRO A 50 1.54 21.42 6.68
C PRO A 50 1.11 20.18 7.46
N THR A 51 -0.12 20.13 7.98
CA THR A 51 -0.66 18.90 8.59
C THR A 51 -1.12 17.93 7.53
N ALA A 52 -1.76 18.38 6.45
CA ALA A 52 -2.05 17.55 5.28
C ALA A 52 -0.78 16.93 4.70
N LEU A 53 0.29 17.72 4.62
CA LEU A 53 1.55 17.30 4.04
C LEU A 53 2.35 16.45 5.03
N ALA A 54 2.28 16.75 6.33
CA ALA A 54 2.80 15.89 7.39
C ALA A 54 2.08 14.55 7.41
N ASN A 55 0.76 14.56 7.22
CA ASN A 55 -0.10 13.38 7.19
C ASN A 55 0.23 12.50 5.98
N TYR A 56 0.23 13.10 4.79
CA TYR A 56 0.69 12.45 3.55
C TYR A 56 2.12 11.92 3.66
N GLN A 57 3.06 12.66 4.23
CA GLN A 57 4.43 12.16 4.42
C GLN A 57 4.50 10.99 5.42
N MET A 58 3.73 11.05 6.52
CA MET A 58 3.66 9.99 7.53
C MET A 58 3.04 8.70 7.00
N ILE A 59 1.90 8.81 6.31
CA ILE A 59 1.23 7.68 5.68
C ILE A 59 2.05 7.14 4.51
N MET A 60 2.73 8.01 3.74
CA MET A 60 3.59 7.59 2.64
C MET A 60 4.85 6.87 3.12
N SER A 61 5.42 7.31 4.25
CA SER A 61 6.50 6.61 4.95
C SER A 61 6.07 5.18 5.31
N GLU A 62 4.89 5.01 5.94
CA GLU A 62 4.33 3.70 6.25
C GLU A 62 3.99 2.87 5.01
N TYR A 63 3.40 3.49 3.98
CA TYR A 63 3.04 2.87 2.71
C TYR A 63 4.27 2.29 1.99
N ASN A 64 5.33 3.09 1.90
CA ASN A 64 6.53 2.71 1.17
C ASN A 64 7.36 1.67 1.93
N LEU A 65 7.44 1.82 3.27
CA LEU A 65 8.04 0.86 4.18
C LEU A 65 7.35 -0.51 4.08
N TYR A 66 6.01 -0.54 4.16
CA TYR A 66 5.23 -1.77 4.07
C TYR A 66 5.45 -2.49 2.73
N ARG A 67 5.40 -1.76 1.61
CA ARG A 67 5.67 -2.31 0.26
C ARG A 67 7.08 -2.89 0.14
N ASN A 68 8.10 -2.18 0.61
CA ASN A 68 9.49 -2.66 0.66
C ASN A 68 9.65 -3.91 1.51
N ALA A 69 9.09 -3.91 2.72
CA ALA A 69 9.20 -5.02 3.65
C ALA A 69 8.45 -6.27 3.18
N GLN A 70 7.22 -6.10 2.66
CA GLN A 70 6.42 -7.17 2.07
C GLN A 70 7.13 -7.83 0.87
N SER A 71 7.73 -7.03 -0.01
CA SER A 71 8.48 -7.53 -1.17
C SER A 71 9.73 -8.30 -0.75
N SER A 72 10.47 -7.81 0.26
CA SER A 72 11.69 -8.44 0.75
C SER A 72 11.42 -9.73 1.53
N ALA A 73 10.43 -9.73 2.43
CA ALA A 73 10.09 -10.86 3.29
C ALA A 73 9.66 -12.10 2.50
N VAL A 74 8.80 -11.94 1.48
CA VAL A 74 8.31 -13.00 0.60
C VAL A 74 9.44 -13.73 -0.15
N LYS A 75 10.57 -13.04 -0.39
CA LYS A 75 11.76 -13.59 -1.08
C LYS A 75 12.86 -14.06 -0.12
N SER A 76 12.69 -13.92 1.20
CA SER A 76 13.75 -14.15 2.21
C SER A 76 13.30 -14.95 3.45
N MET A 77 12.00 -15.22 3.64
CA MET A 77 11.41 -15.78 4.86
C MET A 77 12.16 -16.98 5.46
N LYS A 78 12.56 -17.96 4.63
CA LYS A 78 13.29 -19.17 5.05
C LYS A 78 14.68 -18.87 5.65
N ASP A 79 15.34 -17.80 5.21
CA ASP A 79 16.61 -17.32 5.77
C ASP A 79 16.40 -16.41 6.99
N ILE A 80 15.40 -15.53 6.98
CA ILE A 80 15.02 -14.68 8.13
C ILE A 80 14.65 -15.53 9.35
N ASP A 81 14.02 -16.69 9.14
CA ASP A 81 13.71 -17.67 10.19
C ASP A 81 14.94 -18.18 10.99
N SER A 82 16.15 -17.97 10.45
CA SER A 82 17.45 -18.34 11.04
C SER A 82 18.44 -17.16 11.12
N SER A 83 17.98 -15.93 10.83
CA SER A 83 18.82 -14.72 10.71
C SER A 83 18.03 -13.43 11.05
N ILE A 84 17.05 -13.54 11.95
CA ILE A 84 16.11 -12.46 12.33
C ILE A 84 16.82 -11.20 12.85
N LEU A 85 16.21 -10.04 12.57
CA LEU A 85 16.69 -8.71 12.97
C LEU A 85 15.49 -7.79 13.26
N GLU A 86 15.62 -6.92 14.26
CA GLU A 86 14.52 -6.04 14.75
C GLU A 86 14.91 -4.56 14.87
N HIS A 87 16.17 -4.20 14.64
CA HIS A 87 16.66 -2.81 14.66
C HIS A 87 16.14 -2.00 13.46
N HIS A 88 15.61 -0.80 13.72
CA HIS A 88 15.14 0.16 12.71
C HIS A 88 15.14 1.60 13.25
N HIS A 89 15.00 2.60 12.37
CA HIS A 89 14.80 4.02 12.68
C HIS A 89 13.37 4.33 13.22
N HIS A 90 12.82 3.43 14.05
CA HIS A 90 11.48 3.52 14.65
C HIS A 90 11.34 4.71 15.63
N HIS A 91 10.11 5.17 15.84
CA HIS A 91 9.75 6.26 16.76
C HIS A 91 8.34 6.05 17.35
N HIS A 92 8.09 6.58 18.56
CA HIS A 92 6.77 6.63 19.19
C HIS A 92 5.76 7.53 18.46
N MET A 1 24.33 22.51 -32.65
CA MET A 1 22.89 22.16 -32.51
C MET A 1 22.54 21.02 -33.48
N SER A 2 21.80 20.01 -33.00
CA SER A 2 21.36 18.83 -33.77
C SER A 2 20.03 18.27 -33.25
N ASN A 3 19.48 17.25 -33.93
CA ASN A 3 18.25 16.56 -33.54
C ASN A 3 18.31 15.94 -32.11
N PRO A 4 17.15 15.73 -31.46
CA PRO A 4 17.09 15.02 -30.18
C PRO A 4 17.38 13.51 -30.35
N PRO A 5 17.76 12.79 -29.27
CA PRO A 5 17.91 11.33 -29.27
C PRO A 5 16.56 10.60 -29.37
N THR A 6 16.62 9.29 -29.62
CA THR A 6 15.46 8.37 -29.62
C THR A 6 15.77 7.08 -28.85
N PRO A 7 14.74 6.41 -28.29
CA PRO A 7 14.91 5.30 -27.36
C PRO A 7 15.18 3.96 -28.06
N LEU A 8 15.89 3.07 -27.35
CA LEU A 8 16.20 1.69 -27.76
C LEU A 8 16.37 0.83 -26.49
N LEU A 9 15.69 -0.31 -26.42
CA LEU A 9 15.77 -1.28 -25.32
C LEU A 9 15.56 -2.72 -25.84
N ALA A 10 16.26 -3.69 -25.24
CA ALA A 10 16.14 -5.11 -25.55
C ALA A 10 16.11 -6.03 -24.30
N ASP A 11 16.24 -5.48 -23.08
CA ASP A 11 16.17 -6.25 -21.82
C ASP A 11 14.75 -6.78 -21.54
N TYR A 12 13.72 -6.04 -21.95
CA TYR A 12 12.31 -6.44 -21.94
C TYR A 12 11.49 -5.69 -23.02
N GLU A 13 10.28 -6.18 -23.30
CA GLU A 13 9.33 -5.57 -24.24
C GLU A 13 7.85 -5.68 -23.78
N TRP A 14 7.58 -6.38 -22.67
CA TRP A 14 6.22 -6.69 -22.17
C TRP A 14 6.01 -6.33 -20.68
N SER A 15 6.98 -5.68 -20.03
CA SER A 15 6.94 -5.32 -18.61
C SER A 15 5.71 -4.48 -18.20
N GLY A 16 5.18 -3.68 -19.14
CA GLY A 16 3.91 -2.95 -18.96
C GLY A 16 2.72 -3.86 -18.62
N TYR A 17 2.61 -5.02 -19.29
CA TYR A 17 1.59 -6.03 -19.00
C TYR A 17 1.84 -6.74 -17.65
N LEU A 18 3.10 -7.00 -17.30
CA LEU A 18 3.48 -7.58 -16.01
C LEU A 18 3.12 -6.65 -14.83
N THR A 19 3.40 -5.35 -14.94
CA THR A 19 2.95 -4.32 -13.98
C THR A 19 1.43 -4.12 -13.99
N GLY A 20 0.76 -4.43 -15.12
CA GLY A 20 -0.69 -4.36 -15.32
C GLY A 20 -1.55 -5.09 -14.27
N ILE A 21 -1.01 -6.14 -13.65
CA ILE A 21 -1.65 -6.86 -12.53
C ILE A 21 -1.84 -5.99 -11.26
N GLY A 22 -1.13 -4.86 -11.15
CA GLY A 22 -1.13 -3.96 -9.98
C GLY A 22 -2.51 -3.66 -9.38
N ARG A 23 -3.52 -3.38 -10.22
CA ARG A 23 -4.92 -3.13 -9.78
C ARG A 23 -5.59 -4.27 -9.00
N ALA A 24 -5.02 -5.48 -9.08
CA ALA A 24 -5.50 -6.71 -8.43
C ALA A 24 -4.46 -7.33 -7.48
N PHE A 25 -3.18 -7.04 -7.65
CA PHE A 25 -2.15 -7.40 -6.67
C PHE A 25 -2.25 -6.54 -5.41
N ASP A 26 -2.71 -5.29 -5.54
CA ASP A 26 -2.99 -4.36 -4.43
C ASP A 26 -4.20 -4.75 -3.56
N ASP A 27 -4.94 -5.83 -3.89
CA ASP A 27 -6.22 -6.19 -3.23
C ASP A 27 -6.14 -6.40 -1.70
N GLY A 28 -4.96 -6.68 -1.14
CA GLY A 28 -4.72 -6.78 0.32
C GLY A 28 -3.86 -5.65 0.91
N VAL A 29 -3.62 -4.57 0.14
CA VAL A 29 -2.97 -3.33 0.60
C VAL A 29 -3.75 -2.07 0.19
N LYS A 30 -4.83 -2.22 -0.59
CA LYS A 30 -5.80 -1.16 -0.90
C LYS A 30 -6.36 -0.44 0.33
N ASP A 31 -6.34 -1.11 1.48
CA ASP A 31 -6.68 -0.55 2.79
C ASP A 31 -5.75 0.58 3.25
N LEU A 32 -4.45 0.44 3.01
CA LEU A 32 -3.42 1.47 3.23
C LEU A 32 -3.41 2.49 2.08
N ASN A 33 -3.63 2.02 0.85
CA ASN A 33 -3.73 2.88 -0.34
C ASN A 33 -4.89 3.88 -0.21
N LYS A 34 -6.02 3.44 0.36
CA LYS A 34 -7.17 4.25 0.78
C LYS A 34 -6.78 5.33 1.79
N GLN A 35 -6.01 4.96 2.82
CA GLN A 35 -5.48 5.91 3.82
C GLN A 35 -4.57 6.97 3.18
N LEU A 36 -3.72 6.55 2.23
CA LEU A 36 -2.78 7.44 1.54
C LEU A 36 -3.46 8.36 0.53
N GLN A 37 -4.44 7.86 -0.22
CA GLN A 37 -5.28 8.70 -1.08
C GLN A 37 -6.18 9.64 -0.27
N ASP A 38 -6.60 9.26 0.93
CA ASP A 38 -7.27 10.17 1.87
C ASP A 38 -6.31 11.25 2.38
N ALA A 39 -5.03 10.91 2.61
CA ALA A 39 -4.00 11.91 2.89
C ALA A 39 -3.87 12.88 1.71
N GLN A 40 -3.79 12.33 0.50
CA GLN A 40 -3.68 13.08 -0.75
C GLN A 40 -4.94 13.91 -1.05
N ALA A 41 -6.11 13.56 -0.53
CA ALA A 41 -7.31 14.40 -0.57
C ALA A 41 -7.35 15.51 0.47
N ASN A 42 -6.88 15.28 1.71
CA ASN A 42 -6.68 16.38 2.66
C ASN A 42 -5.62 17.34 2.08
N LEU A 43 -4.62 16.78 1.38
CA LEU A 43 -3.67 17.51 0.59
C LEU A 43 -4.30 18.12 -0.65
N THR A 44 -5.27 17.50 -1.30
CA THR A 44 -5.92 18.09 -2.47
C THR A 44 -6.66 19.38 -2.10
N LYS A 45 -7.29 19.39 -0.93
CA LYS A 45 -7.95 20.59 -0.41
C LYS A 45 -6.97 21.77 -0.21
N ASN A 46 -5.72 21.48 0.13
CA ASN A 46 -4.64 22.44 0.23
C ASN A 46 -3.26 21.80 -0.05
N PRO A 47 -2.81 21.74 -1.31
CA PRO A 47 -1.64 20.96 -1.76
C PRO A 47 -0.34 21.06 -0.97
N SER A 48 -0.09 22.15 -0.24
CA SER A 48 1.01 22.26 0.70
C SER A 48 0.64 22.75 2.09
N ASP A 49 -0.57 22.41 2.53
CA ASP A 49 -0.98 22.57 3.94
C ASP A 49 -0.04 21.66 4.74
N PRO A 50 0.67 22.17 5.75
CA PRO A 50 1.74 21.44 6.39
C PRO A 50 1.30 20.24 7.24
N THR A 51 0.09 20.23 7.78
CA THR A 51 -0.47 19.04 8.45
C THR A 51 -0.97 18.04 7.43
N ALA A 52 -1.63 18.46 6.36
CA ALA A 52 -1.97 17.60 5.24
C ALA A 52 -0.73 16.94 4.64
N LEU A 53 0.35 17.69 4.52
CA LEU A 53 1.59 17.23 3.91
C LEU A 53 2.41 16.40 4.92
N ALA A 54 2.36 16.75 6.21
CA ALA A 54 2.90 15.93 7.29
C ALA A 54 2.16 14.58 7.36
N ASN A 55 0.84 14.61 7.21
CA ASN A 55 -0.04 13.45 7.22
C ASN A 55 0.24 12.53 6.04
N TYR A 56 0.24 13.11 4.83
CA TYR A 56 0.67 12.43 3.60
C TYR A 56 2.07 11.87 3.71
N GLN A 57 3.06 12.60 4.23
CA GLN A 57 4.42 12.07 4.41
C GLN A 57 4.49 10.93 5.45
N MET A 58 3.71 11.01 6.54
CA MET A 58 3.64 9.99 7.58
C MET A 58 2.97 8.70 7.10
N ILE A 59 1.84 8.81 6.40
CA ILE A 59 1.13 7.67 5.81
C ILE A 59 1.95 7.11 4.64
N MET A 60 2.64 7.96 3.87
CA MET A 60 3.53 7.52 2.79
C MET A 60 4.77 6.80 3.30
N SER A 61 5.29 7.20 4.46
CA SER A 61 6.35 6.47 5.17
C SER A 61 5.90 5.06 5.53
N GLU A 62 4.69 4.91 6.10
CA GLU A 62 4.09 3.59 6.38
C GLU A 62 3.82 2.77 5.11
N TYR A 63 3.24 3.42 4.09
CA TYR A 63 2.95 2.82 2.78
C TYR A 63 4.22 2.27 2.11
N ASN A 64 5.27 3.08 2.09
CA ASN A 64 6.53 2.74 1.42
C ASN A 64 7.29 1.65 2.19
N LEU A 65 7.28 1.72 3.53
CA LEU A 65 7.89 0.74 4.43
C LEU A 65 7.24 -0.64 4.28
N TYR A 66 5.90 -0.70 4.28
CA TYR A 66 5.16 -1.95 4.08
C TYR A 66 5.46 -2.58 2.72
N ARG A 67 5.49 -1.77 1.65
CA ARG A 67 5.86 -2.21 0.29
C ARG A 67 7.30 -2.71 0.21
N ASN A 68 8.25 -2.04 0.85
CA ASN A 68 9.64 -2.51 0.98
C ASN A 68 9.75 -3.83 1.74
N ALA A 69 8.96 -3.99 2.81
CA ALA A 69 8.93 -5.24 3.57
C ALA A 69 8.32 -6.40 2.76
N GLN A 70 7.32 -6.14 1.90
CA GLN A 70 6.77 -7.11 0.95
C GLN A 70 7.85 -7.58 -0.04
N SER A 71 8.59 -6.65 -0.64
CA SER A 71 9.74 -6.96 -1.53
C SER A 71 10.89 -7.70 -0.81
N SER A 72 11.08 -7.47 0.48
CA SER A 72 12.04 -8.22 1.32
C SER A 72 11.56 -9.65 1.59
N ALA A 73 10.29 -9.83 1.94
CA ALA A 73 9.68 -11.15 2.17
C ALA A 73 9.70 -12.06 0.93
N VAL A 74 9.55 -11.48 -0.27
CA VAL A 74 9.68 -12.16 -1.57
C VAL A 74 11.08 -12.81 -1.75
N LYS A 75 12.13 -12.21 -1.18
CA LYS A 75 13.52 -12.74 -1.20
C LYS A 75 13.89 -13.55 0.05
N SER A 76 12.91 -13.79 0.94
CA SER A 76 13.07 -14.53 2.21
C SER A 76 12.08 -15.70 2.35
N MET A 77 11.29 -15.99 1.32
CA MET A 77 10.16 -16.92 1.36
C MET A 77 10.54 -18.34 1.83
N LYS A 78 11.72 -18.87 1.44
CA LYS A 78 12.18 -20.19 1.90
C LYS A 78 12.45 -20.21 3.41
N ASP A 79 13.11 -19.18 3.93
CA ASP A 79 13.38 -19.03 5.37
C ASP A 79 12.09 -18.87 6.18
N ILE A 80 11.12 -18.12 5.66
CA ILE A 80 9.78 -17.94 6.27
C ILE A 80 8.99 -19.25 6.26
N ASP A 81 9.09 -20.04 5.19
CA ASP A 81 8.47 -21.37 5.11
C ASP A 81 9.08 -22.37 6.11
N SER A 82 10.41 -22.33 6.29
CA SER A 82 11.13 -23.13 7.30
C SER A 82 10.81 -22.71 8.74
N SER A 83 10.61 -21.41 9.00
CA SER A 83 10.17 -20.86 10.28
C SER A 83 9.51 -19.49 10.07
N ILE A 84 8.22 -19.37 10.42
CA ILE A 84 7.36 -18.22 10.11
C ILE A 84 7.60 -16.98 11.03
N LEU A 85 8.86 -16.68 11.30
CA LEU A 85 9.34 -15.58 12.14
C LEU A 85 10.48 -14.82 11.44
N GLU A 86 10.45 -13.48 11.52
CA GLU A 86 11.49 -12.59 10.98
C GLU A 86 12.90 -12.92 11.47
N HIS A 87 13.00 -13.39 12.72
CA HIS A 87 14.26 -13.75 13.38
C HIS A 87 15.05 -14.88 12.69
N HIS A 88 14.40 -15.72 11.88
CA HIS A 88 15.04 -16.87 11.22
C HIS A 88 15.93 -16.47 10.02
N HIS A 89 15.61 -15.39 9.31
CA HIS A 89 16.39 -14.88 8.18
C HIS A 89 17.74 -14.29 8.66
N HIS A 90 18.83 -15.04 8.48
CA HIS A 90 20.19 -14.69 8.93
C HIS A 90 21.27 -15.36 8.08
N HIS A 91 22.51 -14.86 8.15
CA HIS A 91 23.67 -15.35 7.37
C HIS A 91 24.13 -16.77 7.77
N HIS A 92 23.84 -17.20 9.01
CA HIS A 92 24.28 -18.48 9.61
C HIS A 92 23.23 -19.03 10.60
N MET A 1 27.03 25.77 -37.16
CA MET A 1 26.30 26.11 -35.91
C MET A 1 25.39 24.94 -35.50
N SER A 2 25.45 24.54 -34.23
CA SER A 2 24.66 23.44 -33.63
C SER A 2 24.44 23.66 -32.12
N ASN A 3 23.66 22.80 -31.47
CA ASN A 3 23.34 22.87 -30.03
C ASN A 3 23.20 21.48 -29.38
N PRO A 4 23.39 21.38 -28.04
CA PRO A 4 23.12 20.16 -27.27
C PRO A 4 21.60 19.94 -27.03
N PRO A 5 21.20 18.75 -26.56
CA PRO A 5 19.84 18.45 -26.07
C PRO A 5 19.33 19.43 -25.00
N THR A 6 18.03 19.34 -24.68
CA THR A 6 17.35 20.22 -23.70
C THR A 6 16.51 19.43 -22.67
N PRO A 7 16.18 20.05 -21.51
CA PRO A 7 15.33 19.49 -20.46
C PRO A 7 13.90 19.07 -20.86
N LEU A 8 13.48 19.33 -22.10
CA LEU A 8 12.13 19.03 -22.63
C LEU A 8 11.75 17.54 -22.60
N LEU A 9 12.74 16.63 -22.56
CA LEU A 9 12.57 15.19 -22.39
C LEU A 9 11.88 14.85 -21.05
N ALA A 10 10.59 14.46 -21.10
CA ALA A 10 9.72 14.31 -19.92
C ALA A 10 8.72 13.15 -20.02
N ASP A 11 8.98 12.14 -20.86
CA ASP A 11 8.10 10.99 -21.12
C ASP A 11 7.73 10.14 -19.88
N TYR A 12 8.44 10.32 -18.76
CA TYR A 12 8.14 9.74 -17.45
C TYR A 12 6.71 10.05 -16.94
N GLU A 13 6.15 11.19 -17.35
CA GLU A 13 4.84 11.72 -16.95
C GLU A 13 3.64 11.01 -17.66
N TRP A 14 3.70 9.67 -17.68
CA TRP A 14 2.65 8.78 -18.22
C TRP A 14 2.34 7.58 -17.31
N SER A 15 3.21 7.27 -16.34
CA SER A 15 3.04 6.14 -15.39
C SER A 15 1.71 6.16 -14.63
N GLY A 16 1.14 7.35 -14.40
CA GLY A 16 -0.21 7.57 -13.84
C GLY A 16 -1.35 6.82 -14.54
N TYR A 17 -1.21 6.55 -15.84
CA TYR A 17 -2.17 5.76 -16.63
C TYR A 17 -2.36 4.33 -16.09
N LEU A 18 -1.29 3.72 -15.57
CA LEU A 18 -1.32 2.38 -14.97
C LEU A 18 -1.93 2.38 -13.56
N THR A 19 -1.92 3.50 -12.82
CA THR A 19 -2.64 3.64 -11.53
C THR A 19 -4.14 3.38 -11.70
N GLY A 20 -4.69 3.65 -12.90
CA GLY A 20 -6.05 3.32 -13.32
C GLY A 20 -6.47 1.85 -13.20
N ILE A 21 -5.50 0.94 -13.15
CA ILE A 21 -5.71 -0.52 -13.01
C ILE A 21 -4.90 -1.14 -11.86
N GLY A 22 -3.72 -0.59 -11.53
CA GLY A 22 -2.82 -1.05 -10.47
C GLY A 22 -3.46 -1.13 -9.08
N ARG A 23 -4.38 -0.20 -8.78
CA ARG A 23 -5.20 -0.20 -7.54
C ARG A 23 -5.92 -1.52 -7.30
N ALA A 24 -6.47 -2.11 -8.36
CA ALA A 24 -7.34 -3.27 -8.22
C ALA A 24 -6.58 -4.60 -8.11
N PHE A 25 -5.32 -4.63 -8.54
CA PHE A 25 -4.41 -5.76 -8.31
C PHE A 25 -3.72 -5.71 -6.92
N ASP A 26 -4.16 -4.80 -6.05
CA ASP A 26 -3.57 -4.50 -4.74
C ASP A 26 -4.62 -4.61 -3.61
N ASP A 27 -5.80 -5.19 -3.87
CA ASP A 27 -6.99 -5.20 -3.00
C ASP A 27 -6.79 -5.62 -1.51
N GLY A 28 -5.72 -6.36 -1.17
CA GLY A 28 -5.36 -6.71 0.21
C GLY A 28 -4.48 -5.68 0.94
N VAL A 29 -3.96 -4.68 0.23
CA VAL A 29 -3.15 -3.54 0.74
C VAL A 29 -3.77 -2.18 0.31
N LYS A 30 -4.78 -2.21 -0.56
CA LYS A 30 -5.64 -1.07 -0.93
C LYS A 30 -6.25 -0.38 0.29
N ASP A 31 -6.39 -1.08 1.41
CA ASP A 31 -6.74 -0.55 2.73
C ASP A 31 -5.79 0.55 3.24
N LEU A 32 -4.49 0.38 3.01
CA LEU A 32 -3.45 1.38 3.29
C LEU A 32 -3.39 2.44 2.17
N ASN A 33 -3.62 2.02 0.92
CA ASN A 33 -3.71 2.96 -0.21
C ASN A 33 -4.89 3.93 -0.05
N LYS A 34 -5.99 3.50 0.57
CA LYS A 34 -7.17 4.34 0.90
C LYS A 34 -6.83 5.38 1.97
N GLN A 35 -6.07 4.99 2.99
CA GLN A 35 -5.54 5.92 4.01
C GLN A 35 -4.64 6.98 3.39
N LEU A 36 -3.78 6.57 2.45
CA LEU A 36 -2.88 7.46 1.74
C LEU A 36 -3.59 8.37 0.73
N GLN A 37 -4.59 7.85 0.02
CA GLN A 37 -5.45 8.63 -0.87
C GLN A 37 -6.31 9.64 -0.11
N ASP A 38 -6.73 9.30 1.13
CA ASP A 38 -7.37 10.25 2.04
C ASP A 38 -6.38 11.35 2.49
N ALA A 39 -5.11 11.00 2.75
CA ALA A 39 -4.05 11.99 2.96
C ALA A 39 -3.91 12.90 1.75
N GLN A 40 -3.86 12.32 0.56
CA GLN A 40 -3.70 12.99 -0.73
C GLN A 40 -4.91 13.85 -1.09
N ALA A 41 -6.11 13.56 -0.59
CA ALA A 41 -7.29 14.43 -0.69
C ALA A 41 -7.31 15.57 0.32
N ASN A 42 -6.87 15.37 1.57
CA ASN A 42 -6.67 16.49 2.49
C ASN A 42 -5.56 17.40 1.92
N LEU A 43 -4.58 16.79 1.24
CA LEU A 43 -3.59 17.47 0.46
C LEU A 43 -4.18 18.06 -0.82
N THR A 44 -5.13 17.44 -1.49
CA THR A 44 -5.75 18.02 -2.68
C THR A 44 -6.49 19.32 -2.34
N LYS A 45 -7.14 19.35 -1.18
CA LYS A 45 -7.82 20.53 -0.63
C LYS A 45 -6.85 21.70 -0.36
N ASN A 46 -5.60 21.41 0.01
CA ASN A 46 -4.51 22.35 0.11
C ASN A 46 -3.13 21.70 -0.14
N PRO A 47 -2.65 21.66 -1.40
CA PRO A 47 -1.48 20.89 -1.84
C PRO A 47 -0.19 21.00 -1.01
N SER A 48 0.01 22.08 -0.27
CA SER A 48 1.09 22.21 0.68
C SER A 48 0.72 22.69 2.08
N ASP A 49 -0.53 22.41 2.49
CA ASP A 49 -0.94 22.58 3.88
C ASP A 49 -0.04 21.66 4.71
N PRO A 50 0.67 22.17 5.73
CA PRO A 50 1.72 21.42 6.38
C PRO A 50 1.25 20.25 7.24
N THR A 51 0.03 20.26 7.77
CA THR A 51 -0.54 19.08 8.43
C THR A 51 -1.02 18.06 7.40
N ALA A 52 -1.66 18.49 6.32
CA ALA A 52 -2.00 17.62 5.19
C ALA A 52 -0.75 16.94 4.63
N LEU A 53 0.34 17.68 4.51
CA LEU A 53 1.59 17.21 3.95
C LEU A 53 2.39 16.40 4.97
N ALA A 54 2.33 16.76 6.26
CA ALA A 54 2.85 15.95 7.35
C ALA A 54 2.11 14.61 7.44
N ASN A 55 0.80 14.63 7.27
CA ASN A 55 -0.09 13.47 7.31
C ASN A 55 0.21 12.55 6.13
N TYR A 56 0.19 13.09 4.92
CA TYR A 56 0.63 12.40 3.70
C TYR A 56 2.04 11.84 3.82
N GLN A 57 3.02 12.58 4.34
CA GLN A 57 4.37 12.06 4.54
C GLN A 57 4.43 10.92 5.57
N MET A 58 3.67 11.02 6.67
CA MET A 58 3.59 10.00 7.72
C MET A 58 2.94 8.71 7.22
N ILE A 59 1.80 8.83 6.53
CA ILE A 59 1.09 7.69 5.96
C ILE A 59 1.88 7.11 4.79
N MET A 60 2.58 7.94 4.00
CA MET A 60 3.44 7.49 2.91
C MET A 60 4.68 6.76 3.41
N SER A 61 5.22 7.15 4.57
CA SER A 61 6.27 6.42 5.27
C SER A 61 5.81 4.99 5.61
N GLU A 62 4.61 4.84 6.19
CA GLU A 62 4.00 3.52 6.45
C GLU A 62 3.69 2.73 5.16
N TYR A 63 3.13 3.40 4.15
CA TYR A 63 2.81 2.81 2.84
C TYR A 63 4.05 2.25 2.14
N ASN A 64 5.11 3.04 2.09
CA ASN A 64 6.31 2.71 1.36
C ASN A 64 7.16 1.66 2.10
N LEU A 65 7.27 1.76 3.42
CA LEU A 65 7.98 0.79 4.27
C LEU A 65 7.40 -0.62 4.14
N TYR A 66 6.07 -0.75 4.23
CA TYR A 66 5.38 -2.04 4.08
C TYR A 66 5.62 -2.68 2.71
N ARG A 67 5.53 -1.88 1.63
CA ARG A 67 5.77 -2.32 0.25
C ARG A 67 7.24 -2.71 0.01
N ASN A 68 8.18 -1.92 0.52
CA ASN A 68 9.61 -2.23 0.52
C ASN A 68 9.92 -3.55 1.25
N ALA A 69 9.28 -3.78 2.40
CA ALA A 69 9.48 -5.00 3.17
C ALA A 69 8.94 -6.25 2.44
N GLN A 70 7.76 -6.17 1.83
CA GLN A 70 7.21 -7.26 1.01
C GLN A 70 8.09 -7.57 -0.21
N SER A 71 8.52 -6.55 -0.96
CA SER A 71 9.43 -6.70 -2.10
C SER A 71 10.82 -7.21 -1.70
N SER A 72 11.28 -6.95 -0.48
CA SER A 72 12.51 -7.54 0.07
C SER A 72 12.32 -9.02 0.39
N ALA A 73 11.25 -9.39 1.11
CA ALA A 73 10.95 -10.78 1.46
C ALA A 73 10.81 -11.70 0.23
N VAL A 74 10.18 -11.21 -0.83
CA VAL A 74 10.02 -11.87 -2.13
C VAL A 74 11.37 -12.20 -2.81
N LYS A 75 12.43 -11.43 -2.55
CA LYS A 75 13.79 -11.72 -3.03
C LYS A 75 14.61 -12.55 -2.04
N SER A 76 14.48 -12.30 -0.74
CA SER A 76 15.20 -13.03 0.32
C SER A 76 14.75 -14.49 0.50
N MET A 77 13.54 -14.85 0.08
CA MET A 77 12.97 -16.21 0.23
C MET A 77 13.87 -17.34 -0.31
N LYS A 78 14.68 -17.09 -1.35
CA LYS A 78 15.63 -18.06 -1.92
C LYS A 78 16.78 -18.44 -0.98
N ASP A 79 17.16 -17.55 -0.06
CA ASP A 79 18.17 -17.84 0.98
C ASP A 79 17.67 -18.87 2.00
N ILE A 80 16.36 -18.88 2.28
CA ILE A 80 15.70 -19.88 3.14
C ILE A 80 15.65 -21.25 2.45
N ASP A 81 15.37 -21.28 1.14
CA ASP A 81 15.40 -22.50 0.33
C ASP A 81 16.82 -23.11 0.20
N SER A 82 17.85 -22.25 0.15
CA SER A 82 19.27 -22.65 0.05
C SER A 82 19.79 -23.49 1.23
N SER A 83 19.10 -23.50 2.38
CA SER A 83 19.43 -24.35 3.53
C SER A 83 19.35 -25.86 3.27
N ILE A 84 18.74 -26.29 2.14
CA ILE A 84 18.69 -27.71 1.72
C ILE A 84 20.07 -28.33 1.45
N LEU A 85 21.09 -27.50 1.20
CA LEU A 85 22.47 -27.88 0.84
C LEU A 85 23.32 -28.43 2.01
N GLU A 86 22.69 -28.88 3.11
CA GLU A 86 23.35 -29.41 4.32
C GLU A 86 24.23 -30.64 4.06
N HIS A 87 23.85 -31.51 3.11
CA HIS A 87 24.57 -32.74 2.76
C HIS A 87 24.34 -33.16 1.29
N HIS A 88 25.31 -33.87 0.71
CA HIS A 88 25.22 -34.48 -0.62
C HIS A 88 26.15 -35.71 -0.72
N HIS A 89 25.63 -36.83 -1.21
CA HIS A 89 26.35 -38.09 -1.46
C HIS A 89 25.64 -38.92 -2.56
N HIS A 90 26.06 -40.17 -2.75
CA HIS A 90 25.56 -41.13 -3.75
C HIS A 90 24.04 -41.42 -3.69
N HIS A 91 23.32 -40.94 -2.66
CA HIS A 91 21.86 -40.99 -2.56
C HIS A 91 21.12 -40.29 -3.73
N HIS A 92 21.76 -39.32 -4.39
CA HIS A 92 21.18 -38.43 -5.41
C HIS A 92 19.77 -37.91 -5.02
N MET A 1 14.66 -1.17 20.62
CA MET A 1 14.35 -2.02 21.81
C MET A 1 15.23 -1.60 22.99
N SER A 2 14.61 -1.32 24.15
CA SER A 2 15.30 -0.95 25.41
C SER A 2 14.42 -1.23 26.63
N ASN A 3 13.12 -0.89 26.53
CA ASN A 3 12.07 -1.25 27.47
C ASN A 3 11.90 -2.79 27.63
N PRO A 4 11.25 -3.27 28.71
CA PRO A 4 10.87 -4.68 28.80
C PRO A 4 9.75 -5.03 27.79
N PRO A 5 9.64 -6.31 27.36
CA PRO A 5 8.53 -6.81 26.54
C PRO A 5 7.13 -6.50 27.09
N THR A 6 6.16 -6.37 26.19
CA THR A 6 4.72 -6.14 26.49
C THR A 6 3.80 -6.93 25.54
N PRO A 7 2.55 -7.19 25.95
CA PRO A 7 1.55 -7.92 25.14
C PRO A 7 1.31 -7.34 23.73
N LEU A 8 1.00 -8.21 22.78
CA LEU A 8 0.68 -7.86 21.38
C LEU A 8 -0.31 -8.88 20.79
N LEU A 9 -1.60 -8.52 20.75
CA LEU A 9 -2.67 -9.39 20.24
C LEU A 9 -2.45 -9.83 18.78
N ALA A 10 -1.87 -8.97 17.94
CA ALA A 10 -1.47 -9.27 16.57
C ALA A 10 -0.43 -10.41 16.42
N ASP A 11 0.18 -10.85 17.53
CA ASP A 11 1.17 -11.94 17.60
C ASP A 11 0.82 -12.97 18.71
N TYR A 12 -0.46 -12.99 19.14
CA TYR A 12 -0.95 -13.83 20.24
C TYR A 12 -2.34 -14.44 19.98
N GLU A 13 -3.22 -13.74 19.23
CA GLU A 13 -4.49 -14.29 18.75
C GLU A 13 -4.33 -15.30 17.58
N TRP A 14 -3.11 -15.41 17.01
CA TRP A 14 -2.73 -16.36 15.97
C TRP A 14 -1.30 -16.89 16.17
N SER A 15 -0.99 -18.05 15.58
CA SER A 15 0.32 -18.73 15.65
C SER A 15 0.78 -19.37 14.33
N GLY A 16 0.04 -19.15 13.23
CA GLY A 16 0.38 -19.67 11.89
C GLY A 16 -0.69 -19.42 10.83
N TYR A 17 -1.98 -19.54 11.19
CA TYR A 17 -3.10 -19.33 10.27
C TYR A 17 -3.12 -17.94 9.62
N LEU A 18 -2.65 -16.90 10.33
CA LEU A 18 -2.50 -15.53 9.81
C LEU A 18 -1.52 -15.44 8.61
N THR A 19 -0.54 -16.35 8.53
CA THR A 19 0.35 -16.49 7.36
C THR A 19 -0.32 -17.33 6.26
N GLY A 20 -1.07 -18.36 6.62
CA GLY A 20 -1.82 -19.22 5.68
C GLY A 20 -2.90 -18.48 4.90
N ILE A 21 -3.66 -17.61 5.56
CA ILE A 21 -4.65 -16.69 4.95
C ILE A 21 -3.99 -15.47 4.26
N GLY A 22 -2.66 -15.31 4.33
CA GLY A 22 -1.89 -14.19 3.78
C GLY A 22 -2.24 -13.78 2.34
N ARG A 23 -2.49 -14.77 1.46
CA ARG A 23 -2.92 -14.58 0.07
C ARG A 23 -4.23 -13.77 -0.06
N ALA A 24 -5.15 -13.95 0.89
CA ALA A 24 -6.41 -13.21 1.00
C ALA A 24 -6.31 -11.99 1.90
N PHE A 25 -5.44 -12.01 2.91
CA PHE A 25 -5.20 -10.86 3.78
C PHE A 25 -4.56 -9.68 3.04
N ASP A 26 -3.78 -9.94 1.99
CA ASP A 26 -3.18 -8.92 1.10
C ASP A 26 -4.21 -7.95 0.49
N ASP A 27 -5.43 -8.43 0.20
CA ASP A 27 -6.54 -7.59 -0.28
C ASP A 27 -7.09 -6.62 0.79
N GLY A 28 -6.79 -6.87 2.08
CA GLY A 28 -7.07 -5.96 3.18
C GLY A 28 -6.02 -4.84 3.33
N VAL A 29 -4.74 -5.11 3.01
CA VAL A 29 -3.66 -4.10 3.08
C VAL A 29 -3.82 -2.97 2.06
N LYS A 30 -4.64 -3.17 1.02
CA LYS A 30 -5.06 -2.11 0.09
C LYS A 30 -5.68 -0.89 0.82
N ASP A 31 -6.15 -1.08 2.05
CA ASP A 31 -6.58 -0.02 2.97
C ASP A 31 -5.50 1.05 3.19
N LEU A 32 -4.22 0.67 3.28
CA LEU A 32 -3.09 1.58 3.47
C LEU A 32 -2.94 2.52 2.26
N ASN A 33 -3.10 1.98 1.05
CA ASN A 33 -3.14 2.78 -0.18
C ASN A 33 -4.34 3.74 -0.19
N LYS A 34 -5.49 3.33 0.35
CA LYS A 34 -6.68 4.19 0.54
C LYS A 34 -6.45 5.29 1.59
N GLN A 35 -5.75 5.00 2.68
CA GLN A 35 -5.31 6.01 3.66
C GLN A 35 -4.40 7.06 3.01
N LEU A 36 -3.50 6.62 2.13
CA LEU A 36 -2.59 7.53 1.42
C LEU A 36 -3.32 8.38 0.38
N GLN A 37 -4.29 7.83 -0.34
CA GLN A 37 -5.14 8.62 -1.23
C GLN A 37 -6.05 9.59 -0.47
N ASP A 38 -6.51 9.22 0.73
CA ASP A 38 -7.20 10.17 1.63
C ASP A 38 -6.27 11.30 2.05
N ALA A 39 -5.02 10.98 2.41
CA ALA A 39 -4.00 11.99 2.70
C ALA A 39 -3.78 12.91 1.49
N GLN A 40 -3.66 12.33 0.30
CA GLN A 40 -3.44 13.03 -0.96
C GLN A 40 -4.64 13.88 -1.37
N ALA A 41 -5.87 13.54 -0.97
CA ALA A 41 -7.05 14.40 -1.12
C ALA A 41 -7.17 15.50 -0.06
N ASN A 42 -6.80 15.25 1.20
CA ASN A 42 -6.69 16.32 2.18
C ASN A 42 -5.59 17.30 1.74
N LEU A 43 -4.55 16.77 1.11
CA LEU A 43 -3.52 17.52 0.43
C LEU A 43 -4.03 18.12 -0.88
N THR A 44 -4.93 17.49 -1.63
CA THR A 44 -5.47 18.10 -2.85
C THR A 44 -6.27 19.37 -2.53
N LYS A 45 -7.01 19.33 -1.42
CA LYS A 45 -7.75 20.49 -0.90
C LYS A 45 -6.84 21.67 -0.54
N ASN A 46 -5.61 21.40 -0.09
CA ASN A 46 -4.56 22.38 0.13
C ASN A 46 -3.15 21.76 -0.05
N PRO A 47 -2.58 21.79 -1.28
CA PRO A 47 -1.36 21.05 -1.64
C PRO A 47 -0.13 21.19 -0.73
N SER A 48 -0.02 22.28 0.04
CA SER A 48 0.99 22.42 1.07
C SER A 48 0.50 22.85 2.45
N ASP A 49 -0.74 22.49 2.78
CA ASP A 49 -1.27 22.59 4.15
C ASP A 49 -0.36 21.69 5.01
N PRO A 50 0.25 22.22 6.07
CA PRO A 50 1.30 21.50 6.78
C PRO A 50 0.84 20.28 7.56
N THR A 51 -0.41 20.21 8.03
CA THR A 51 -0.98 18.99 8.62
C THR A 51 -1.37 17.99 7.56
N ALA A 52 -1.96 18.42 6.44
CA ALA A 52 -2.19 17.58 5.28
C ALA A 52 -0.89 16.96 4.77
N LEU A 53 0.18 17.74 4.74
CA LEU A 53 1.48 17.33 4.24
C LEU A 53 2.24 16.50 5.27
N ALA A 54 2.10 16.83 6.56
CA ALA A 54 2.57 15.99 7.66
C ALA A 54 1.88 14.62 7.65
N ASN A 55 0.57 14.62 7.40
CA ASN A 55 -0.28 13.43 7.33
C ASN A 55 0.12 12.55 6.15
N TYR A 56 0.16 13.14 4.95
CA TYR A 56 0.69 12.51 3.74
C TYR A 56 2.11 11.98 3.91
N GLN A 57 3.03 12.72 4.52
CA GLN A 57 4.39 12.23 4.79
C GLN A 57 4.41 11.05 5.78
N MET A 58 3.60 11.10 6.83
CA MET A 58 3.50 10.04 7.84
C MET A 58 2.90 8.75 7.28
N ILE A 59 1.82 8.87 6.49
CA ILE A 59 1.18 7.74 5.85
C ILE A 59 2.06 7.21 4.70
N MET A 60 2.77 8.09 3.99
CA MET A 60 3.68 7.69 2.92
C MET A 60 4.91 6.95 3.44
N SER A 61 5.40 7.33 4.63
CA SER A 61 6.45 6.59 5.35
C SER A 61 6.01 5.14 5.63
N GLU A 62 4.77 4.95 6.10
CA GLU A 62 4.18 3.62 6.32
C GLU A 62 3.88 2.87 5.01
N TYR A 63 3.34 3.56 4.01
CA TYR A 63 3.06 3.02 2.67
C TYR A 63 4.31 2.48 2.00
N ASN A 64 5.40 3.25 2.04
CA ASN A 64 6.67 2.91 1.42
C ASN A 64 7.30 1.67 2.10
N LEU A 65 7.22 1.60 3.43
CA LEU A 65 7.71 0.47 4.24
C LEU A 65 6.98 -0.84 3.91
N TYR A 66 5.65 -0.81 3.85
CA TYR A 66 4.85 -1.98 3.46
C TYR A 66 5.07 -2.40 2.00
N ARG A 67 5.25 -1.45 1.08
CA ARG A 67 5.62 -1.74 -0.32
C ARG A 67 7.03 -2.31 -0.48
N ASN A 68 7.99 -1.88 0.34
CA ASN A 68 9.33 -2.51 0.41
C ASN A 68 9.26 -3.98 0.82
N ALA A 69 8.33 -4.34 1.70
CA ALA A 69 8.05 -5.74 2.04
C ALA A 69 7.23 -6.48 0.96
N GLN A 70 6.32 -5.80 0.26
CA GLN A 70 5.58 -6.35 -0.88
C GLN A 70 6.52 -6.79 -2.03
N SER A 71 7.60 -6.03 -2.29
CA SER A 71 8.65 -6.40 -3.27
C SER A 71 9.31 -7.75 -2.98
N SER A 72 9.38 -8.19 -1.71
CA SER A 72 9.89 -9.51 -1.34
C SER A 72 9.04 -10.68 -1.87
N ALA A 73 7.75 -10.47 -2.19
CA ALA A 73 6.91 -11.45 -2.87
C ALA A 73 7.24 -11.55 -4.38
N VAL A 74 7.56 -10.43 -5.02
CA VAL A 74 7.94 -10.33 -6.44
C VAL A 74 9.22 -11.11 -6.75
N LYS A 75 10.15 -11.23 -5.78
CA LYS A 75 11.34 -12.11 -5.84
C LYS A 75 11.01 -13.60 -6.07
N SER A 76 9.76 -14.00 -5.88
CA SER A 76 9.25 -15.37 -6.05
C SER A 76 8.17 -15.49 -7.14
N MET A 77 7.97 -14.44 -7.95
CA MET A 77 6.95 -14.43 -9.03
C MET A 77 7.07 -15.61 -10.00
N LYS A 78 8.30 -16.05 -10.32
CA LYS A 78 8.56 -17.22 -11.18
C LYS A 78 8.11 -18.55 -10.56
N ASP A 79 8.08 -18.67 -9.24
CA ASP A 79 7.51 -19.84 -8.55
C ASP A 79 5.96 -19.87 -8.66
N ILE A 80 5.31 -18.70 -8.64
CA ILE A 80 3.87 -18.56 -8.89
C ILE A 80 3.53 -18.82 -10.38
N ASP A 81 4.36 -18.33 -11.29
CA ASP A 81 4.26 -18.58 -12.73
C ASP A 81 4.41 -20.07 -13.09
N SER A 82 5.26 -20.81 -12.36
CA SER A 82 5.45 -22.26 -12.53
C SER A 82 4.20 -23.11 -12.22
N SER A 83 3.21 -22.56 -11.52
CA SER A 83 1.91 -23.20 -11.25
C SER A 83 0.94 -23.22 -12.46
N ILE A 84 1.41 -22.86 -13.67
CA ILE A 84 0.62 -22.71 -14.92
C ILE A 84 -0.36 -23.86 -15.25
N LEU A 85 -0.05 -25.10 -14.85
CA LEU A 85 -0.91 -26.29 -15.02
C LEU A 85 -2.18 -26.29 -14.14
N GLU A 86 -2.30 -25.34 -13.21
CA GLU A 86 -3.44 -25.07 -12.31
C GLU A 86 -3.66 -23.55 -12.19
N HIS A 87 -4.38 -23.08 -11.15
CA HIS A 87 -4.48 -21.65 -10.83
C HIS A 87 -3.08 -21.02 -10.60
N HIS A 88 -2.85 -19.86 -11.20
CA HIS A 88 -1.56 -19.16 -11.24
C HIS A 88 -1.73 -17.64 -11.46
N HIS A 89 -0.62 -16.92 -11.47
CA HIS A 89 -0.53 -15.48 -11.79
C HIS A 89 0.78 -15.19 -12.54
N HIS A 90 0.84 -14.04 -13.24
CA HIS A 90 1.96 -13.65 -14.09
C HIS A 90 2.13 -12.11 -14.08
N HIS A 91 3.37 -11.63 -13.95
CA HIS A 91 3.72 -10.21 -14.02
C HIS A 91 3.35 -9.58 -15.39
N HIS A 92 2.63 -8.46 -15.36
CA HIS A 92 2.14 -7.73 -16.54
C HIS A 92 1.91 -6.23 -16.27
N MET A 1 -22.89 -2.02 -30.30
CA MET A 1 -21.83 -2.90 -30.86
C MET A 1 -20.51 -2.70 -30.11
N SER A 2 -20.00 -3.74 -29.46
CA SER A 2 -18.70 -3.72 -28.77
C SER A 2 -17.52 -3.51 -29.73
N ASN A 3 -16.52 -2.72 -29.33
CA ASN A 3 -15.27 -2.58 -30.08
C ASN A 3 -14.41 -3.87 -30.04
N PRO A 4 -13.51 -4.08 -31.02
CA PRO A 4 -12.54 -5.18 -30.99
C PRO A 4 -11.43 -4.91 -29.95
N PRO A 5 -10.71 -5.94 -29.48
CA PRO A 5 -9.55 -5.79 -28.61
C PRO A 5 -8.34 -5.17 -29.33
N THR A 6 -7.42 -4.60 -28.54
CA THR A 6 -6.16 -4.01 -29.01
C THR A 6 -4.99 -4.34 -28.04
N PRO A 7 -3.74 -4.27 -28.53
CA PRO A 7 -2.52 -4.57 -27.76
C PRO A 7 -2.39 -3.79 -26.44
N LEU A 8 -1.59 -4.34 -25.51
CA LEU A 8 -1.28 -3.78 -24.18
C LEU A 8 0.23 -3.55 -24.01
N LEU A 9 0.92 -3.19 -25.10
CA LEU A 9 2.38 -3.05 -25.20
C LEU A 9 2.99 -1.95 -24.29
N ALA A 10 2.17 -1.03 -23.77
CA ALA A 10 2.54 -0.01 -22.77
C ALA A 10 1.34 0.34 -21.87
N ASP A 11 1.62 0.94 -20.70
CA ASP A 11 0.60 1.32 -19.70
C ASP A 11 -0.45 2.32 -20.23
N TYR A 12 -0.10 3.11 -21.25
CA TYR A 12 -1.01 4.02 -21.96
C TYR A 12 -2.22 3.31 -22.62
N GLU A 13 -2.14 2.00 -22.83
CA GLU A 13 -3.22 1.17 -23.37
C GLU A 13 -4.10 0.53 -22.27
N TRP A 14 -3.76 0.70 -20.99
CA TRP A 14 -4.37 0.01 -19.83
C TRP A 14 -4.82 0.97 -18.72
N SER A 15 -4.59 2.28 -18.86
CA SER A 15 -4.92 3.33 -17.88
C SER A 15 -6.40 3.36 -17.43
N GLY A 16 -7.32 2.87 -18.26
CA GLY A 16 -8.74 2.71 -17.94
C GLY A 16 -9.03 1.68 -16.83
N TYR A 17 -8.19 0.66 -16.70
CA TYR A 17 -8.21 -0.29 -15.58
C TYR A 17 -7.41 0.20 -14.37
N LEU A 18 -6.32 0.93 -14.60
CA LEU A 18 -5.45 1.50 -13.54
C LEU A 18 -6.19 2.42 -12.55
N THR A 19 -7.36 2.93 -12.95
CA THR A 19 -8.34 3.70 -12.16
C THR A 19 -8.67 3.14 -10.76
N GLY A 20 -8.67 1.80 -10.61
CA GLY A 20 -9.15 1.10 -9.40
C GLY A 20 -8.86 -0.40 -9.44
N ILE A 21 -9.14 -1.07 -10.56
CA ILE A 21 -8.67 -2.46 -10.83
C ILE A 21 -7.14 -2.51 -10.70
N GLY A 22 -6.52 -1.39 -11.06
CA GLY A 22 -5.12 -1.00 -10.87
C GLY A 22 -4.47 -1.39 -9.53
N ARG A 23 -5.26 -1.45 -8.44
CA ARG A 23 -4.80 -1.87 -7.09
C ARG A 23 -5.51 -3.10 -6.53
N ALA A 24 -6.35 -3.79 -7.31
CA ALA A 24 -6.89 -5.09 -6.90
C ALA A 24 -5.83 -6.22 -6.96
N PHE A 25 -4.69 -5.95 -7.60
CA PHE A 25 -3.50 -6.81 -7.54
C PHE A 25 -2.68 -6.60 -6.24
N ASP A 26 -3.21 -5.79 -5.31
CA ASP A 26 -2.64 -5.36 -4.04
C ASP A 26 -3.71 -5.49 -2.92
N ASP A 27 -4.59 -6.49 -3.02
CA ASP A 27 -5.80 -6.65 -2.20
C ASP A 27 -5.62 -6.61 -0.66
N GLY A 28 -4.41 -6.88 -0.15
CA GLY A 28 -4.07 -6.76 1.29
C GLY A 28 -3.36 -5.45 1.68
N VAL A 29 -3.15 -4.54 0.74
CA VAL A 29 -2.53 -3.21 0.93
C VAL A 29 -3.34 -2.06 0.31
N LYS A 30 -4.38 -2.38 -0.49
CA LYS A 30 -5.36 -1.39 -0.98
C LYS A 30 -5.94 -0.52 0.15
N ASP A 31 -6.02 -1.06 1.36
CA ASP A 31 -6.36 -0.37 2.60
C ASP A 31 -5.43 0.81 2.91
N LEU A 32 -4.13 0.54 2.96
CA LEU A 32 -3.08 1.52 3.26
C LEU A 32 -2.95 2.53 2.10
N ASN A 33 -3.12 2.05 0.87
CA ASN A 33 -3.18 2.92 -0.32
C ASN A 33 -4.41 3.86 -0.30
N LYS A 34 -5.56 3.40 0.22
CA LYS A 34 -6.77 4.21 0.45
C LYS A 34 -6.59 5.22 1.59
N GLN A 35 -5.90 4.84 2.67
CA GLN A 35 -5.49 5.79 3.73
C GLN A 35 -4.59 6.91 3.16
N LEU A 36 -3.67 6.54 2.27
CA LEU A 36 -2.76 7.48 1.61
C LEU A 36 -3.46 8.35 0.57
N GLN A 37 -4.42 7.80 -0.19
CA GLN A 37 -5.28 8.56 -1.09
C GLN A 37 -6.18 9.54 -0.32
N ASP A 38 -6.64 9.18 0.87
CA ASP A 38 -7.32 10.09 1.78
C ASP A 38 -6.38 11.20 2.29
N ALA A 39 -5.12 10.88 2.60
CA ALA A 39 -4.09 11.89 2.88
C ALA A 39 -3.92 12.85 1.70
N GLN A 40 -3.84 12.29 0.49
CA GLN A 40 -3.70 13.02 -0.76
C GLN A 40 -4.93 13.86 -1.09
N ALA A 41 -6.12 13.53 -0.58
CA ALA A 41 -7.31 14.38 -0.63
C ALA A 41 -7.35 15.48 0.44
N ASN A 42 -6.86 15.22 1.66
CA ASN A 42 -6.65 16.30 2.63
C ASN A 42 -5.61 17.28 2.07
N LEU A 43 -4.63 16.73 1.35
CA LEU A 43 -3.67 17.46 0.56
C LEU A 43 -4.29 18.09 -0.69
N THR A 44 -5.26 17.46 -1.35
CA THR A 44 -5.89 18.05 -2.54
C THR A 44 -6.64 19.33 -2.17
N LYS A 45 -7.27 19.34 -0.99
CA LYS A 45 -7.93 20.53 -0.44
C LYS A 45 -6.98 21.70 -0.18
N ASN A 46 -5.72 21.42 0.16
CA ASN A 46 -4.63 22.38 0.24
C ASN A 46 -3.25 21.72 -0.03
N PRO A 47 -2.79 21.70 -1.31
CA PRO A 47 -1.63 20.93 -1.76
C PRO A 47 -0.33 21.04 -0.96
N SER A 48 -0.10 22.14 -0.23
CA SER A 48 1.00 22.28 0.70
C SER A 48 0.65 22.75 2.10
N ASP A 49 -0.58 22.46 2.53
CA ASP A 49 -0.97 22.61 3.94
C ASP A 49 -0.04 21.69 4.74
N PRO A 50 0.68 22.21 5.75
CA PRO A 50 1.75 21.45 6.38
C PRO A 50 1.31 20.28 7.24
N THR A 51 0.09 20.26 7.77
CA THR A 51 -0.48 19.08 8.45
C THR A 51 -1.00 18.07 7.45
N ALA A 52 -1.65 18.51 6.37
CA ALA A 52 -2.00 17.64 5.25
C ALA A 52 -0.77 16.96 4.66
N LEU A 53 0.32 17.72 4.52
CA LEU A 53 1.57 17.25 3.93
C LEU A 53 2.36 16.43 4.94
N ALA A 54 2.32 16.78 6.23
CA ALA A 54 2.84 15.95 7.32
C ALA A 54 2.09 14.61 7.39
N ASN A 55 0.77 14.64 7.23
CA ASN A 55 -0.11 13.48 7.25
C ASN A 55 0.18 12.55 6.07
N TYR A 56 0.17 13.11 4.86
CA TYR A 56 0.60 12.42 3.65
C TYR A 56 2.02 11.87 3.76
N GLN A 57 3.00 12.63 4.27
CA GLN A 57 4.37 12.11 4.46
C GLN A 57 4.44 10.99 5.51
N MET A 58 3.66 11.07 6.60
CA MET A 58 3.59 10.05 7.65
C MET A 58 2.95 8.75 7.16
N ILE A 59 1.79 8.85 6.49
CA ILE A 59 1.10 7.71 5.90
C ILE A 59 1.94 7.15 4.75
N MET A 60 2.65 7.99 3.99
CA MET A 60 3.55 7.54 2.92
C MET A 60 4.79 6.84 3.45
N SER A 61 5.32 7.26 4.59
CA SER A 61 6.41 6.57 5.31
C SER A 61 5.98 5.16 5.72
N GLU A 62 4.76 5.01 6.25
CA GLU A 62 4.17 3.70 6.55
C GLU A 62 3.87 2.88 5.29
N TYR A 63 3.29 3.51 4.26
CA TYR A 63 2.97 2.90 2.97
C TYR A 63 4.22 2.32 2.31
N ASN A 64 5.28 3.11 2.21
CA ASN A 64 6.47 2.75 1.45
C ASN A 64 7.26 1.63 2.15
N LEU A 65 7.38 1.70 3.48
CA LEU A 65 8.03 0.67 4.30
C LEU A 65 7.28 -0.68 4.25
N TYR A 66 5.96 -0.64 4.45
CA TYR A 66 5.12 -1.85 4.42
C TYR A 66 5.05 -2.46 3.01
N ARG A 67 4.95 -1.62 1.98
CA ARG A 67 5.03 -2.04 0.57
C ARG A 67 6.39 -2.64 0.22
N ASN A 68 7.49 -2.04 0.65
CA ASN A 68 8.84 -2.62 0.50
C ASN A 68 8.95 -4.00 1.15
N ALA A 69 8.43 -4.17 2.36
CA ALA A 69 8.44 -5.46 3.03
C ALA A 69 7.59 -6.53 2.31
N GLN A 70 6.43 -6.15 1.76
CA GLN A 70 5.61 -7.02 0.90
C GLN A 70 6.31 -7.36 -0.43
N SER A 71 6.97 -6.38 -1.06
CA SER A 71 7.73 -6.55 -2.32
C SER A 71 8.89 -7.53 -2.17
N SER A 72 9.56 -7.62 -1.01
CA SER A 72 10.62 -8.60 -0.75
C SER A 72 10.16 -10.06 -0.90
N ALA A 73 8.88 -10.36 -0.62
CA ALA A 73 8.29 -11.68 -0.88
C ALA A 73 7.86 -11.86 -2.35
N VAL A 74 7.22 -10.85 -2.94
CA VAL A 74 6.77 -10.84 -4.34
C VAL A 74 7.93 -10.90 -5.34
N LYS A 75 9.12 -10.39 -4.98
CA LYS A 75 10.38 -10.54 -5.72
C LYS A 75 10.71 -12.00 -6.06
N SER A 76 10.35 -12.95 -5.19
CA SER A 76 10.50 -14.40 -5.43
C SER A 76 9.77 -14.88 -6.70
N MET A 77 8.66 -14.23 -7.07
CA MET A 77 7.89 -14.52 -8.28
C MET A 77 8.26 -13.58 -9.44
N LYS A 78 8.53 -12.29 -9.19
CA LYS A 78 8.98 -11.35 -10.22
C LYS A 78 10.34 -11.71 -10.81
N ASP A 79 11.24 -12.33 -10.05
CA ASP A 79 12.51 -12.89 -10.54
C ASP A 79 12.32 -13.96 -11.63
N ILE A 80 11.17 -14.67 -11.63
CA ILE A 80 10.77 -15.59 -12.71
C ILE A 80 10.18 -14.80 -13.88
N ASP A 81 9.17 -13.96 -13.61
CA ASP A 81 8.38 -13.27 -14.63
C ASP A 81 9.19 -12.28 -15.49
N SER A 82 10.11 -11.53 -14.88
CA SER A 82 10.97 -10.53 -15.55
C SER A 82 12.01 -11.12 -16.51
N SER A 83 12.12 -12.45 -16.62
CA SER A 83 12.93 -13.11 -17.67
C SER A 83 12.39 -12.93 -19.10
N ILE A 84 11.12 -12.51 -19.25
CA ILE A 84 10.46 -12.23 -20.54
C ILE A 84 11.16 -11.11 -21.33
N LEU A 85 11.08 -11.16 -22.67
CA LEU A 85 11.65 -10.15 -23.58
C LEU A 85 10.80 -10.03 -24.86
N GLU A 86 9.62 -9.41 -24.73
CA GLU A 86 8.65 -9.21 -25.83
C GLU A 86 8.11 -7.77 -25.94
N HIS A 87 8.58 -6.85 -25.08
CA HIS A 87 8.08 -5.46 -24.95
C HIS A 87 9.22 -4.43 -24.80
N HIS A 88 10.46 -4.82 -25.12
CA HIS A 88 11.65 -3.95 -25.06
C HIS A 88 11.60 -2.76 -26.04
N HIS A 89 10.82 -2.88 -27.12
CA HIS A 89 10.60 -1.85 -28.15
C HIS A 89 9.10 -1.73 -28.49
N HIS A 90 8.67 -0.57 -29.00
CA HIS A 90 7.28 -0.29 -29.38
C HIS A 90 6.91 -0.76 -30.81
N HIS A 91 7.88 -1.33 -31.55
CA HIS A 91 7.70 -1.91 -32.89
C HIS A 91 8.68 -3.08 -33.10
N HIS A 92 8.37 -3.97 -34.05
CA HIS A 92 9.06 -5.26 -34.25
C HIS A 92 9.28 -5.56 -35.75
N MET A 1 9.95 -38.53 27.12
CA MET A 1 9.62 -37.15 27.54
C MET A 1 10.40 -36.14 26.70
N SER A 2 9.75 -35.05 26.28
CA SER A 2 10.30 -34.02 25.38
C SER A 2 9.82 -32.60 25.77
N ASN A 3 10.53 -31.57 25.31
CA ASN A 3 10.15 -30.16 25.51
C ASN A 3 8.79 -29.80 24.84
N PRO A 4 8.06 -28.81 25.35
CA PRO A 4 6.88 -28.25 24.68
C PRO A 4 7.20 -27.72 23.26
N PRO A 5 6.23 -27.70 22.34
CA PRO A 5 6.42 -27.16 20.99
C PRO A 5 6.55 -25.63 20.97
N THR A 6 7.13 -25.11 19.89
CA THR A 6 7.12 -23.67 19.58
C THR A 6 5.83 -23.29 18.86
N PRO A 7 5.45 -22.00 18.86
CA PRO A 7 4.27 -21.47 18.17
C PRO A 7 4.18 -21.83 16.68
N LEU A 8 5.33 -22.02 16.02
CA LEU A 8 5.45 -22.47 14.62
C LEU A 8 5.02 -23.94 14.40
N LEU A 9 4.90 -24.73 15.47
CA LEU A 9 4.56 -26.17 15.45
C LEU A 9 3.24 -26.45 16.21
N ALA A 10 2.94 -25.68 17.25
CA ALA A 10 1.66 -25.69 17.97
C ALA A 10 0.47 -25.18 17.14
N ASP A 11 0.72 -24.57 15.97
CA ASP A 11 -0.28 -23.94 15.10
C ASP A 11 -1.49 -24.83 14.73
N TYR A 12 -1.28 -26.15 14.66
CA TYR A 12 -2.33 -27.16 14.44
C TYR A 12 -3.48 -27.12 15.47
N GLU A 13 -3.23 -26.60 16.68
CA GLU A 13 -4.24 -26.43 17.74
C GLU A 13 -5.30 -25.34 17.43
N TRP A 14 -5.00 -24.42 16.50
CA TRP A 14 -5.84 -23.25 16.19
C TRP A 14 -5.95 -22.92 14.68
N SER A 15 -5.60 -23.87 13.81
CA SER A 15 -5.61 -23.78 12.33
C SER A 15 -7.00 -23.68 11.68
N GLY A 16 -7.84 -22.80 12.20
CA GLY A 16 -9.19 -22.46 11.71
C GLY A 16 -9.68 -21.12 12.27
N TYR A 17 -9.39 -20.84 13.55
CA TYR A 17 -9.74 -19.59 14.23
C TYR A 17 -8.96 -18.36 13.74
N LEU A 18 -7.75 -18.56 13.19
CA LEU A 18 -6.84 -17.51 12.73
C LEU A 18 -6.61 -17.52 11.20
N THR A 19 -7.08 -18.54 10.49
CA THR A 19 -6.89 -18.74 9.03
C THR A 19 -7.40 -17.58 8.16
N GLY A 20 -8.33 -16.76 8.68
CA GLY A 20 -8.78 -15.49 8.09
C GLY A 20 -7.66 -14.53 7.67
N ILE A 21 -6.50 -14.62 8.33
CA ILE A 21 -5.25 -13.90 8.00
C ILE A 21 -4.84 -14.06 6.51
N GLY A 22 -5.21 -15.18 5.87
CA GLY A 22 -4.87 -15.50 4.48
C GLY A 22 -5.22 -14.42 3.44
N ARG A 23 -6.36 -13.76 3.59
CA ARG A 23 -6.79 -12.63 2.74
C ARG A 23 -6.37 -11.25 3.25
N ALA A 24 -5.99 -11.13 4.53
CA ALA A 24 -5.60 -9.85 5.13
C ALA A 24 -4.28 -9.29 4.62
N PHE A 25 -3.46 -10.10 3.95
CA PHE A 25 -2.29 -9.60 3.22
C PHE A 25 -2.67 -8.79 1.95
N ASP A 26 -3.97 -8.65 1.67
CA ASP A 26 -4.55 -7.90 0.56
C ASP A 26 -5.68 -6.98 1.05
N ASP A 27 -6.78 -7.54 1.57
CA ASP A 27 -7.93 -6.77 2.09
C ASP A 27 -7.57 -5.91 3.32
N GLY A 28 -6.52 -6.29 4.06
CA GLY A 28 -6.00 -5.58 5.22
C GLY A 28 -4.86 -4.60 4.91
N VAL A 29 -4.47 -4.46 3.63
CA VAL A 29 -3.42 -3.51 3.17
C VAL A 29 -3.92 -2.58 2.08
N LYS A 30 -4.99 -2.92 1.36
CA LYS A 30 -5.71 -2.00 0.45
C LYS A 30 -6.10 -0.71 1.18
N ASP A 31 -6.38 -0.86 2.48
CA ASP A 31 -6.57 0.18 3.49
C ASP A 31 -5.46 1.25 3.53
N LEU A 32 -4.20 0.84 3.42
CA LEU A 32 -3.03 1.71 3.46
C LEU A 32 -3.01 2.64 2.23
N ASN A 33 -3.31 2.07 1.06
CA ASN A 33 -3.40 2.83 -0.20
C ASN A 33 -4.58 3.82 -0.18
N LYS A 34 -5.73 3.39 0.36
CA LYS A 34 -6.90 4.26 0.59
C LYS A 34 -6.59 5.40 1.56
N GLN A 35 -5.86 5.13 2.64
CA GLN A 35 -5.37 6.13 3.59
C GLN A 35 -4.44 7.16 2.91
N LEU A 36 -3.56 6.70 2.03
CA LEU A 36 -2.61 7.57 1.34
C LEU A 36 -3.26 8.44 0.26
N GLN A 37 -4.22 7.89 -0.49
CA GLN A 37 -5.02 8.68 -1.44
C GLN A 37 -5.95 9.67 -0.70
N ASP A 38 -6.48 9.30 0.48
CA ASP A 38 -7.19 10.23 1.35
C ASP A 38 -6.28 11.32 1.92
N ALA A 39 -5.03 10.98 2.25
CA ALA A 39 -4.00 11.98 2.59
C ALA A 39 -3.78 12.94 1.43
N GLN A 40 -3.62 12.39 0.22
CA GLN A 40 -3.39 13.12 -1.01
C GLN A 40 -4.60 13.98 -1.42
N ALA A 41 -5.82 13.63 -1.04
CA ALA A 41 -7.01 14.48 -1.19
C ALA A 41 -7.16 15.58 -0.13
N ASN A 42 -6.81 15.33 1.14
CA ASN A 42 -6.72 16.43 2.12
C ASN A 42 -5.60 17.39 1.67
N LEU A 43 -4.55 16.82 1.07
CA LEU A 43 -3.51 17.57 0.40
C LEU A 43 -4.02 18.20 -0.90
N THR A 44 -4.91 17.58 -1.67
CA THR A 44 -5.44 18.20 -2.88
C THR A 44 -6.25 19.46 -2.55
N LYS A 45 -7.01 19.41 -1.45
CA LYS A 45 -7.76 20.55 -0.91
C LYS A 45 -6.86 21.72 -0.49
N ASN A 46 -5.64 21.44 -0.04
CA ASN A 46 -4.59 22.42 0.22
C ASN A 46 -3.17 21.81 0.05
N PRO A 47 -2.58 21.87 -1.17
CA PRO A 47 -1.35 21.15 -1.55
C PRO A 47 -0.15 21.26 -0.62
N SER A 48 -0.04 22.31 0.19
CA SER A 48 0.97 22.43 1.22
C SER A 48 0.46 22.81 2.61
N ASP A 49 -0.79 22.46 2.91
CA ASP A 49 -1.32 22.52 4.27
C ASP A 49 -0.44 21.60 5.12
N PRO A 50 0.16 22.09 6.21
CA PRO A 50 1.19 21.35 6.91
C PRO A 50 0.72 20.10 7.65
N THR A 51 -0.53 20.03 8.10
CA THR A 51 -1.10 18.79 8.67
C THR A 51 -1.48 17.82 7.57
N ALA A 52 -2.05 18.28 6.46
CA ALA A 52 -2.26 17.45 5.27
C ALA A 52 -0.95 16.85 4.76
N LEU A 53 0.10 17.65 4.75
CA LEU A 53 1.41 17.25 4.25
C LEU A 53 2.16 16.40 5.28
N ALA A 54 2.02 16.69 6.57
CA ALA A 54 2.49 15.85 7.67
C ALA A 54 1.79 14.47 7.64
N ASN A 55 0.49 14.47 7.37
CA ASN A 55 -0.34 13.28 7.29
C ASN A 55 0.05 12.41 6.09
N TYR A 56 0.10 13.01 4.91
CA TYR A 56 0.64 12.40 3.69
C TYR A 56 2.06 11.88 3.87
N GLN A 57 2.97 12.63 4.49
CA GLN A 57 4.34 12.15 4.77
C GLN A 57 4.36 10.96 5.74
N MET A 58 3.53 10.98 6.79
CA MET A 58 3.44 9.89 7.78
C MET A 58 2.86 8.60 7.17
N ILE A 59 1.78 8.72 6.41
CA ILE A 59 1.14 7.60 5.73
C ILE A 59 2.03 7.10 4.58
N MET A 60 2.75 7.99 3.89
CA MET A 60 3.68 7.61 2.83
C MET A 60 4.92 6.89 3.37
N SER A 61 5.40 7.29 4.55
CA SER A 61 6.45 6.60 5.30
C SER A 61 6.05 5.14 5.62
N GLU A 62 4.79 4.91 5.98
CA GLU A 62 4.23 3.57 6.16
C GLU A 62 4.03 2.82 4.83
N TYR A 63 3.46 3.49 3.83
CA TYR A 63 3.23 2.94 2.49
C TYR A 63 4.50 2.41 1.83
N ASN A 64 5.57 3.19 1.89
CA ASN A 64 6.85 2.85 1.27
C ASN A 64 7.50 1.63 1.94
N LEU A 65 7.38 1.53 3.27
CA LEU A 65 7.86 0.41 4.09
C LEU A 65 7.12 -0.89 3.76
N TYR A 66 5.79 -0.84 3.69
CA TYR A 66 4.97 -2.00 3.30
C TYR A 66 5.24 -2.47 1.87
N ARG A 67 5.47 -1.53 0.93
CA ARG A 67 5.92 -1.84 -0.45
C ARG A 67 7.29 -2.52 -0.48
N ASN A 68 8.26 -2.07 0.33
CA ASN A 68 9.57 -2.74 0.47
C ASN A 68 9.45 -4.16 1.01
N ALA A 69 8.60 -4.37 2.01
CA ALA A 69 8.36 -5.71 2.55
C ALA A 69 7.68 -6.65 1.54
N GLN A 70 6.69 -6.17 0.79
CA GLN A 70 6.06 -6.91 -0.31
C GLN A 70 7.03 -7.23 -1.44
N SER A 71 7.91 -6.29 -1.81
CA SER A 71 8.92 -6.47 -2.88
C SER A 71 9.90 -7.61 -2.56
N SER A 72 10.26 -7.79 -1.28
CA SER A 72 11.11 -8.90 -0.83
C SER A 72 10.47 -10.28 -1.00
N ALA A 73 9.13 -10.36 -1.06
CA ALA A 73 8.40 -11.60 -1.37
C ALA A 73 8.14 -11.78 -2.87
N VAL A 74 7.94 -10.69 -3.63
CA VAL A 74 7.77 -10.71 -5.09
C VAL A 74 8.98 -11.36 -5.80
N LYS A 75 10.19 -11.21 -5.23
CA LYS A 75 11.42 -11.93 -5.66
C LYS A 75 11.28 -13.46 -5.75
N SER A 76 10.29 -14.06 -5.07
CA SER A 76 10.03 -15.51 -5.04
C SER A 76 8.60 -15.86 -5.47
N MET A 77 7.61 -15.04 -5.14
CA MET A 77 6.22 -15.22 -5.59
C MET A 77 6.06 -15.14 -7.12
N LYS A 78 6.99 -14.49 -7.84
CA LYS A 78 7.05 -14.52 -9.32
C LYS A 78 7.10 -15.94 -9.91
N ASP A 79 7.70 -16.89 -9.19
CA ASP A 79 7.79 -18.30 -9.59
C ASP A 79 6.42 -19.01 -9.55
N ILE A 80 5.51 -18.56 -8.67
CA ILE A 80 4.12 -19.02 -8.58
C ILE A 80 3.23 -18.26 -9.57
N ASP A 81 3.42 -16.94 -9.67
CA ASP A 81 2.67 -16.05 -10.57
C ASP A 81 2.74 -16.50 -12.04
N SER A 82 3.92 -16.95 -12.47
CA SER A 82 4.19 -17.52 -13.80
C SER A 82 3.37 -18.78 -14.16
N SER A 83 2.61 -19.33 -13.20
CA SER A 83 1.78 -20.54 -13.34
C SER A 83 0.30 -20.31 -13.01
N ILE A 84 -0.11 -19.05 -12.80
CA ILE A 84 -1.51 -18.66 -12.49
C ILE A 84 -1.98 -17.37 -13.21
N LEU A 85 -1.06 -16.56 -13.73
CA LEU A 85 -1.31 -15.34 -14.49
C LEU A 85 -0.31 -15.19 -15.66
N GLU A 86 -0.59 -14.29 -16.61
CA GLU A 86 0.16 -14.18 -17.88
C GLU A 86 0.61 -12.74 -18.23
N HIS A 87 0.49 -11.80 -17.29
CA HIS A 87 0.85 -10.37 -17.45
C HIS A 87 2.38 -10.08 -17.52
N HIS A 88 3.16 -11.02 -18.06
CA HIS A 88 4.62 -10.97 -18.16
C HIS A 88 5.16 -9.69 -18.80
N HIS A 89 6.29 -9.20 -18.30
CA HIS A 89 6.95 -7.95 -18.72
C HIS A 89 8.47 -8.02 -18.47
N HIS A 90 9.23 -7.15 -19.14
CA HIS A 90 10.71 -7.20 -19.19
C HIS A 90 11.41 -5.84 -19.00
N HIS A 91 10.68 -4.81 -18.55
CA HIS A 91 11.25 -3.50 -18.22
C HIS A 91 12.31 -3.59 -17.10
N HIS A 92 13.34 -2.73 -17.15
CA HIS A 92 14.50 -2.70 -16.25
C HIS A 92 15.03 -1.27 -16.06
N MET A 1 -3.18 -17.47 -16.63
CA MET A 1 -2.91 -16.02 -16.76
C MET A 1 -1.94 -15.56 -15.67
N SER A 2 -0.89 -14.82 -16.04
CA SER A 2 0.01 -14.12 -15.10
C SER A 2 0.65 -12.88 -15.76
N ASN A 3 0.92 -11.85 -14.96
CA ASN A 3 1.62 -10.63 -15.35
C ASN A 3 2.21 -9.91 -14.10
N PRO A 4 3.26 -9.08 -14.28
CA PRO A 4 3.75 -8.19 -13.22
C PRO A 4 2.91 -6.90 -13.11
N PRO A 5 3.01 -6.17 -11.98
CA PRO A 5 2.46 -4.81 -11.83
C PRO A 5 3.03 -3.81 -12.86
N THR A 6 2.48 -2.59 -12.88
CA THR A 6 2.96 -1.45 -13.70
C THR A 6 3.05 -0.15 -12.89
N PRO A 7 3.87 0.82 -13.34
CA PRO A 7 4.17 2.05 -12.63
C PRO A 7 2.95 2.83 -12.12
N LEU A 8 3.07 3.35 -10.90
CA LEU A 8 2.05 4.16 -10.19
C LEU A 8 1.99 5.61 -10.72
N LEU A 9 1.72 5.77 -12.02
CA LEU A 9 1.48 7.09 -12.66
C LEU A 9 0.30 7.83 -12.00
N ALA A 10 -0.69 7.06 -11.53
CA ALA A 10 -1.82 7.48 -10.68
C ALA A 10 -2.39 6.23 -9.98
N ASP A 11 -3.15 6.40 -8.89
CA ASP A 11 -3.73 5.32 -8.09
C ASP A 11 -4.73 4.39 -8.82
N TYR A 12 -5.11 4.74 -10.06
CA TYR A 12 -6.05 3.99 -10.90
C TYR A 12 -5.48 3.64 -12.30
N GLU A 13 -4.42 4.30 -12.77
CA GLU A 13 -3.85 4.07 -14.11
C GLU A 13 -3.29 2.64 -14.30
N TRP A 14 -2.69 2.09 -13.24
CA TRP A 14 -2.16 0.71 -13.16
C TRP A 14 -3.23 -0.39 -13.12
N SER A 15 -4.52 -0.06 -13.01
CA SER A 15 -5.63 -1.02 -12.83
C SER A 15 -5.75 -2.06 -13.96
N GLY A 16 -5.27 -1.75 -15.17
CA GLY A 16 -5.18 -2.67 -16.31
C GLY A 16 -4.35 -3.94 -16.07
N TYR A 17 -3.42 -3.87 -15.11
CA TYR A 17 -2.45 -4.93 -14.79
C TYR A 17 -2.58 -5.45 -13.36
N LEU A 18 -3.01 -4.60 -12.42
CA LEU A 18 -3.39 -5.02 -11.06
C LEU A 18 -4.74 -5.75 -11.02
N THR A 19 -5.61 -5.49 -12.01
CA THR A 19 -6.93 -6.06 -12.37
C THR A 19 -7.54 -7.19 -11.51
N GLY A 20 -6.79 -8.26 -11.27
CA GLY A 20 -7.19 -9.46 -10.52
C GLY A 20 -5.95 -10.26 -10.11
N ILE A 21 -5.01 -10.43 -11.04
CA ILE A 21 -3.70 -11.06 -10.83
C ILE A 21 -2.88 -10.31 -9.77
N GLY A 22 -2.73 -8.99 -9.94
CA GLY A 22 -1.82 -8.18 -9.15
C GLY A 22 -2.38 -7.82 -7.76
N ARG A 23 -3.65 -7.43 -7.69
CA ARG A 23 -4.36 -7.13 -6.43
C ARG A 23 -4.46 -8.32 -5.47
N ALA A 24 -4.33 -9.56 -5.94
CA ALA A 24 -4.54 -10.74 -5.09
C ALA A 24 -3.43 -11.02 -4.06
N PHE A 25 -2.30 -10.31 -4.13
CA PHE A 25 -1.25 -10.30 -3.11
C PHE A 25 -1.31 -8.99 -2.26
N ASP A 26 -2.42 -8.26 -2.37
CA ASP A 26 -2.60 -6.90 -1.84
C ASP A 26 -4.01 -6.59 -1.30
N ASP A 27 -4.99 -7.47 -1.50
CA ASP A 27 -6.42 -7.20 -1.23
C ASP A 27 -6.77 -6.95 0.26
N GLY A 28 -5.88 -7.32 1.18
CA GLY A 28 -5.94 -7.02 2.62
C GLY A 28 -5.01 -5.87 3.07
N VAL A 29 -4.35 -5.20 2.12
CA VAL A 29 -3.37 -4.11 2.36
C VAL A 29 -3.66 -2.86 1.52
N LYS A 30 -4.50 -2.95 0.48
CA LYS A 30 -5.07 -1.81 -0.28
C LYS A 30 -5.70 -0.73 0.60
N ASP A 31 -6.10 -1.08 1.82
CA ASP A 31 -6.53 -0.17 2.87
C ASP A 31 -5.49 0.94 3.15
N LEU A 32 -4.21 0.61 3.16
CA LEU A 32 -3.11 1.55 3.41
C LEU A 32 -2.96 2.53 2.23
N ASN A 33 -3.12 2.04 1.00
CA ASN A 33 -3.21 2.92 -0.18
C ASN A 33 -4.42 3.86 -0.09
N LYS A 34 -5.57 3.39 0.42
CA LYS A 34 -6.75 4.24 0.64
C LYS A 34 -6.56 5.28 1.74
N GLN A 35 -5.84 4.94 2.82
CA GLN A 35 -5.40 5.91 3.84
C GLN A 35 -4.51 7.00 3.22
N LEU A 36 -3.59 6.60 2.35
CA LEU A 36 -2.68 7.52 1.66
C LEU A 36 -3.40 8.38 0.62
N GLN A 37 -4.38 7.83 -0.10
CA GLN A 37 -5.24 8.58 -1.02
C GLN A 37 -6.14 9.57 -0.26
N ASP A 38 -6.60 9.22 0.94
CA ASP A 38 -7.28 10.15 1.85
C ASP A 38 -6.35 11.29 2.31
N ALA A 39 -5.07 10.97 2.60
CA ALA A 39 -4.05 11.98 2.85
C ALA A 39 -3.84 12.90 1.65
N GLN A 40 -3.72 12.30 0.47
CA GLN A 40 -3.53 12.96 -0.82
C GLN A 40 -4.74 13.82 -1.21
N ALA A 41 -5.95 13.52 -0.72
CA ALA A 41 -7.13 14.38 -0.83
C ALA A 41 -7.18 15.53 0.18
N ASN A 42 -6.74 15.33 1.44
CA ASN A 42 -6.56 16.47 2.36
C ASN A 42 -5.47 17.40 1.77
N LEU A 43 -4.47 16.78 1.15
CA LEU A 43 -3.47 17.46 0.36
C LEU A 43 -4.05 18.04 -0.93
N THR A 44 -4.99 17.39 -1.60
CA THR A 44 -5.60 17.98 -2.80
C THR A 44 -6.37 19.26 -2.46
N LYS A 45 -7.04 19.27 -1.31
CA LYS A 45 -7.75 20.43 -0.76
C LYS A 45 -6.82 21.62 -0.49
N ASN A 46 -5.57 21.37 -0.10
CA ASN A 46 -4.50 22.35 -0.01
C ASN A 46 -3.10 21.69 -0.20
N PRO A 47 -2.58 21.66 -1.46
CA PRO A 47 -1.38 20.90 -1.85
C PRO A 47 -0.13 21.03 -0.98
N SER A 48 0.03 22.13 -0.24
CA SER A 48 1.10 22.28 0.74
C SER A 48 0.66 22.77 2.12
N ASP A 49 -0.60 22.49 2.49
CA ASP A 49 -1.07 22.66 3.86
C ASP A 49 -0.19 21.75 4.73
N PRO A 50 0.42 22.27 5.81
CA PRO A 50 1.45 21.52 6.51
C PRO A 50 0.96 20.35 7.34
N THR A 51 -0.28 20.35 7.84
CA THR A 51 -0.89 19.16 8.46
C THR A 51 -1.27 18.14 7.41
N ALA A 52 -1.85 18.55 6.28
CA ALA A 52 -2.10 17.68 5.14
C ALA A 52 -0.82 17.01 4.64
N LEU A 53 0.26 17.77 4.57
CA LEU A 53 1.53 17.31 4.06
C LEU A 53 2.28 16.50 5.12
N ALA A 54 2.18 16.88 6.39
CA ALA A 54 2.64 16.08 7.53
C ALA A 54 1.92 14.73 7.58
N ASN A 55 0.61 14.74 7.35
CA ASN A 55 -0.26 13.57 7.34
C ASN A 55 0.10 12.64 6.18
N TYR A 56 0.14 13.18 4.97
CA TYR A 56 0.64 12.48 3.78
C TYR A 56 2.05 11.93 3.97
N GLN A 57 2.99 12.68 4.53
CA GLN A 57 4.34 12.17 4.82
C GLN A 57 4.35 11.05 5.86
N MET A 58 3.54 11.15 6.93
CA MET A 58 3.41 10.14 7.98
C MET A 58 2.78 8.84 7.46
N ILE A 59 1.70 8.94 6.69
CA ILE A 59 1.04 7.80 6.08
C ILE A 59 1.92 7.21 4.96
N MET A 60 2.64 8.04 4.23
CA MET A 60 3.58 7.58 3.20
C MET A 60 4.79 6.85 3.77
N SER A 61 5.26 7.25 4.95
CA SER A 61 6.29 6.53 5.72
C SER A 61 5.84 5.10 6.05
N GLU A 62 4.58 4.92 6.45
CA GLU A 62 3.96 3.60 6.65
C GLU A 62 3.71 2.85 5.34
N TYR A 63 3.22 3.53 4.31
CA TYR A 63 2.93 2.98 2.98
C TYR A 63 4.17 2.43 2.26
N ASN A 64 5.27 3.18 2.34
CA ASN A 64 6.52 2.85 1.66
C ASN A 64 7.17 1.58 2.26
N LEU A 65 7.02 1.35 3.57
CA LEU A 65 7.53 0.17 4.26
C LEU A 65 6.88 -1.13 3.78
N TYR A 66 5.55 -1.13 3.64
CA TYR A 66 4.81 -2.27 3.07
C TYR A 66 5.13 -2.49 1.57
N ARG A 67 5.31 -1.40 0.82
CA ARG A 67 5.81 -1.45 -0.57
C ARG A 67 7.21 -2.08 -0.65
N ASN A 68 8.13 -1.71 0.24
CA ASN A 68 9.46 -2.29 0.35
C ASN A 68 9.45 -3.77 0.71
N ALA A 69 8.56 -4.19 1.60
CA ALA A 69 8.42 -5.60 1.96
C ALA A 69 7.89 -6.46 0.78
N GLN A 70 6.90 -5.96 0.05
CA GLN A 70 6.41 -6.59 -1.19
C GLN A 70 7.50 -6.63 -2.29
N SER A 71 8.24 -5.53 -2.46
CA SER A 71 9.36 -5.44 -3.41
C SER A 71 10.50 -6.41 -3.06
N SER A 72 10.79 -6.60 -1.76
CA SER A 72 11.77 -7.58 -1.29
C SER A 72 11.35 -9.02 -1.59
N ALA A 73 10.07 -9.35 -1.45
CA ALA A 73 9.53 -10.68 -1.83
C ALA A 73 9.69 -10.96 -3.33
N VAL A 74 9.44 -9.97 -4.17
CA VAL A 74 9.64 -10.03 -5.63
C VAL A 74 11.13 -10.13 -5.98
N LYS A 75 12.02 -9.39 -5.29
CA LYS A 75 13.48 -9.47 -5.45
C LYS A 75 14.02 -10.87 -5.12
N SER A 76 13.49 -11.52 -4.07
CA SER A 76 13.77 -12.93 -3.76
C SER A 76 13.22 -13.89 -4.82
N MET A 77 12.00 -13.66 -5.34
CA MET A 77 11.41 -14.46 -6.42
C MET A 77 12.21 -14.38 -7.74
N LYS A 78 12.87 -13.24 -8.02
CA LYS A 78 13.75 -13.07 -9.20
C LYS A 78 14.92 -14.06 -9.23
N ASP A 79 15.40 -14.53 -8.07
CA ASP A 79 16.41 -15.60 -7.99
C ASP A 79 15.91 -16.95 -8.53
N ILE A 80 14.60 -17.22 -8.41
CA ILE A 80 13.94 -18.41 -8.98
C ILE A 80 13.77 -18.21 -10.50
N ASP A 81 13.29 -17.04 -10.92
CA ASP A 81 13.11 -16.66 -12.33
C ASP A 81 14.42 -16.70 -13.16
N SER A 82 15.57 -16.47 -12.50
CA SER A 82 16.92 -16.62 -13.07
C SER A 82 17.20 -18.03 -13.64
N SER A 83 16.47 -19.06 -13.18
CA SER A 83 16.58 -20.45 -13.66
C SER A 83 15.89 -20.72 -15.02
N ILE A 84 15.31 -19.71 -15.68
CA ILE A 84 14.64 -19.83 -16.99
C ILE A 84 15.51 -20.53 -18.06
N LEU A 85 14.87 -21.36 -18.88
CA LEU A 85 15.53 -22.18 -19.91
C LEU A 85 16.06 -21.40 -21.13
N GLU A 86 15.61 -20.15 -21.33
CA GLU A 86 16.01 -19.29 -22.44
C GLU A 86 17.46 -18.77 -22.32
N HIS A 87 18.04 -18.37 -23.46
CA HIS A 87 19.35 -17.70 -23.53
C HIS A 87 19.35 -16.32 -22.83
N HIS A 88 20.54 -15.82 -22.50
CA HIS A 88 20.76 -14.54 -21.81
C HIS A 88 22.07 -13.86 -22.27
N HIS A 89 22.16 -12.53 -22.10
CA HIS A 89 23.35 -11.74 -22.44
C HIS A 89 24.50 -11.95 -21.42
N HIS A 90 25.73 -11.64 -21.83
CA HIS A 90 26.97 -11.81 -21.05
C HIS A 90 26.99 -11.13 -19.67
N HIS A 91 26.15 -10.10 -19.47
CA HIS A 91 25.92 -9.44 -18.18
C HIS A 91 25.46 -10.41 -17.06
N HIS A 92 24.68 -11.44 -17.42
CA HIS A 92 23.96 -12.33 -16.49
C HIS A 92 23.25 -11.54 -15.37
N MET A 1 -3.60 -23.26 -6.56
CA MET A 1 -3.37 -21.78 -6.50
C MET A 1 -4.53 -21.03 -7.16
N SER A 2 -4.81 -19.80 -6.70
CA SER A 2 -5.85 -18.92 -7.23
C SER A 2 -5.59 -18.40 -8.66
N ASN A 3 -4.35 -18.50 -9.15
CA ASN A 3 -3.95 -18.22 -10.54
C ASN A 3 -2.85 -19.20 -11.01
N PRO A 4 -2.69 -19.42 -12.33
CA PRO A 4 -1.58 -20.19 -12.88
C PRO A 4 -0.27 -19.39 -12.87
N PRO A 5 0.91 -20.05 -12.96
CA PRO A 5 2.20 -19.37 -13.11
C PRO A 5 2.44 -18.82 -14.53
N THR A 6 1.76 -19.37 -15.54
CA THR A 6 2.00 -19.09 -16.96
C THR A 6 1.38 -17.77 -17.45
N PRO A 7 1.88 -17.21 -18.56
CA PRO A 7 1.34 -16.03 -19.24
C PRO A 7 -0.13 -16.21 -19.67
N LEU A 8 -0.86 -15.10 -19.79
CA LEU A 8 -2.20 -15.05 -20.38
C LEU A 8 -2.21 -15.53 -21.84
N LEU A 9 -1.21 -15.11 -22.62
CA LEU A 9 -1.04 -15.41 -24.04
C LEU A 9 0.45 -15.53 -24.38
N ALA A 10 0.92 -16.75 -24.69
CA ALA A 10 2.31 -17.04 -25.03
C ALA A 10 2.80 -16.29 -26.30
N ASP A 11 1.89 -15.98 -27.24
CA ASP A 11 2.15 -15.16 -28.44
C ASP A 11 2.44 -13.67 -28.12
N TYR A 12 2.28 -13.25 -26.86
CA TYR A 12 2.45 -11.87 -26.37
C TYR A 12 3.11 -11.84 -24.98
N GLU A 13 3.92 -12.85 -24.67
CA GLU A 13 4.51 -13.16 -23.35
C GLU A 13 5.12 -11.97 -22.59
N TRP A 14 5.77 -11.06 -23.30
CA TRP A 14 6.38 -9.82 -22.79
C TRP A 14 5.42 -8.88 -22.03
N SER A 15 4.11 -9.04 -22.24
CA SER A 15 3.04 -8.39 -21.46
C SER A 15 2.03 -9.41 -20.89
N GLY A 16 1.94 -10.61 -21.47
CA GLY A 16 1.11 -11.73 -21.01
C GLY A 16 1.38 -12.17 -19.57
N TYR A 17 2.62 -12.08 -19.10
CA TYR A 17 3.00 -12.31 -17.70
C TYR A 17 2.42 -11.30 -16.69
N LEU A 18 1.97 -10.13 -17.15
CA LEU A 18 1.54 -8.99 -16.32
C LEU A 18 0.26 -8.30 -16.87
N THR A 19 -0.62 -9.12 -17.44
CA THR A 19 -1.99 -8.77 -17.90
C THR A 19 -2.86 -8.06 -16.83
N GLY A 20 -2.61 -8.37 -15.55
CA GLY A 20 -3.39 -7.96 -14.38
C GLY A 20 -3.15 -8.91 -13.19
N ILE A 21 -3.03 -10.22 -13.47
CA ILE A 21 -2.58 -11.25 -12.52
C ILE A 21 -1.24 -10.87 -11.86
N GLY A 22 -0.33 -10.31 -12.66
CA GLY A 22 0.97 -9.76 -12.24
C GLY A 22 0.91 -8.69 -11.15
N ARG A 23 -0.19 -7.92 -11.10
CA ARG A 23 -0.48 -6.84 -10.12
C ARG A 23 -1.39 -7.30 -8.98
N ALA A 24 -2.15 -8.39 -9.16
CA ALA A 24 -3.08 -8.92 -8.16
C ALA A 24 -2.48 -9.28 -6.80
N PHE A 25 -1.16 -9.50 -6.72
CA PHE A 25 -0.48 -9.69 -5.44
C PHE A 25 -0.46 -8.43 -4.54
N ASP A 26 -0.63 -7.24 -5.13
CA ASP A 26 -0.66 -5.94 -4.42
C ASP A 26 -2.02 -5.65 -3.74
N ASP A 27 -3.03 -6.50 -3.96
CA ASP A 27 -4.38 -6.40 -3.39
C ASP A 27 -4.43 -6.34 -1.85
N GLY A 28 -3.39 -6.83 -1.16
CA GLY A 28 -3.25 -6.77 0.30
C GLY A 28 -2.67 -5.46 0.84
N VAL A 29 -2.33 -4.49 -0.01
CA VAL A 29 -1.80 -3.17 0.40
C VAL A 29 -2.63 -1.99 -0.12
N LYS A 30 -3.69 -2.24 -0.90
CA LYS A 30 -4.69 -1.24 -1.28
C LYS A 30 -5.31 -0.51 -0.08
N ASP A 31 -5.37 -1.19 1.07
CA ASP A 31 -5.83 -0.66 2.36
C ASP A 31 -5.02 0.55 2.86
N LEU A 32 -3.71 0.48 2.76
CA LEU A 32 -2.78 1.57 3.09
C LEU A 32 -2.72 2.60 1.96
N ASN A 33 -2.83 2.16 0.71
CA ASN A 33 -2.92 3.07 -0.45
C ASN A 33 -4.17 3.96 -0.38
N LYS A 34 -5.28 3.45 0.12
CA LYS A 34 -6.52 4.23 0.35
C LYS A 34 -6.37 5.24 1.48
N GLN A 35 -5.67 4.88 2.55
CA GLN A 35 -5.27 5.82 3.61
C GLN A 35 -4.38 6.96 3.07
N LEU A 36 -3.47 6.62 2.17
CA LEU A 36 -2.60 7.59 1.49
C LEU A 36 -3.36 8.47 0.49
N GLN A 37 -4.33 7.92 -0.23
CA GLN A 37 -5.23 8.69 -1.10
C GLN A 37 -6.12 9.65 -0.28
N ASP A 38 -6.56 9.24 0.91
CA ASP A 38 -7.25 10.12 1.87
C ASP A 38 -6.33 11.24 2.37
N ALA A 39 -5.04 10.94 2.60
CA ALA A 39 -4.04 11.97 2.87
C ALA A 39 -3.90 12.94 1.70
N GLN A 40 -3.81 12.40 0.48
CA GLN A 40 -3.68 13.14 -0.76
C GLN A 40 -4.93 13.96 -1.08
N ALA A 41 -6.11 13.61 -0.56
CA ALA A 41 -7.32 14.44 -0.62
C ALA A 41 -7.37 15.55 0.43
N ASN A 42 -6.89 15.33 1.66
CA ASN A 42 -6.70 16.44 2.61
C ASN A 42 -5.65 17.41 2.01
N LEU A 43 -4.65 16.84 1.34
CA LEU A 43 -3.70 17.57 0.54
C LEU A 43 -4.34 18.18 -0.71
N THR A 44 -5.30 17.53 -1.35
CA THR A 44 -5.95 18.13 -2.52
C THR A 44 -6.75 19.38 -2.12
N LYS A 45 -7.39 19.33 -0.94
CA LYS A 45 -8.11 20.46 -0.35
C LYS A 45 -7.19 21.65 -0.06
N ASN A 46 -5.93 21.41 0.29
CA ASN A 46 -4.87 22.40 0.38
C ASN A 46 -3.48 21.81 0.12
N PRO A 47 -2.98 21.85 -1.15
CA PRO A 47 -1.78 21.15 -1.60
C PRO A 47 -0.50 21.28 -0.77
N SER A 48 -0.35 22.35 0.01
CA SER A 48 0.73 22.50 0.96
C SER A 48 0.32 22.92 2.38
N ASP A 49 -0.90 22.57 2.77
CA ASP A 49 -1.34 22.66 4.17
C ASP A 49 -0.40 21.75 4.97
N PRO A 50 0.24 22.25 6.04
CA PRO A 50 1.31 21.52 6.68
C PRO A 50 0.88 20.29 7.46
N THR A 51 -0.32 20.22 8.03
CA THR A 51 -0.86 19.00 8.62
C THR A 51 -1.25 18.00 7.53
N ALA A 52 -1.89 18.44 6.44
CA ALA A 52 -2.15 17.60 5.28
C ALA A 52 -0.88 16.99 4.71
N LEU A 53 0.18 17.80 4.62
CA LEU A 53 1.45 17.39 4.04
C LEU A 53 2.28 16.57 5.04
N ALA A 54 2.20 16.89 6.33
CA ALA A 54 2.74 16.07 7.41
C ALA A 54 2.06 14.69 7.44
N ASN A 55 0.74 14.67 7.26
CA ASN A 55 -0.09 13.48 7.25
C ASN A 55 0.26 12.60 6.04
N TYR A 56 0.22 13.18 4.85
CA TYR A 56 0.70 12.54 3.62
C TYR A 56 2.14 12.04 3.73
N GLN A 57 3.07 12.82 4.26
CA GLN A 57 4.46 12.36 4.45
C GLN A 57 4.57 11.19 5.45
N MET A 58 3.81 11.23 6.55
CA MET A 58 3.78 10.17 7.56
C MET A 58 3.18 8.87 7.00
N ILE A 59 2.03 8.95 6.35
CA ILE A 59 1.36 7.82 5.73
C ILE A 59 2.18 7.30 4.55
N MET A 60 2.87 8.17 3.81
CA MET A 60 3.75 7.76 2.70
C MET A 60 5.02 7.04 3.17
N SER A 61 5.60 7.50 4.29
CA SER A 61 6.70 6.83 4.99
C SER A 61 6.32 5.39 5.37
N GLU A 62 5.11 5.21 5.92
CA GLU A 62 4.53 3.88 6.17
C GLU A 62 4.24 3.10 4.88
N TYR A 63 3.56 3.72 3.91
CA TYR A 63 3.15 3.11 2.64
C TYR A 63 4.31 2.48 1.89
N ASN A 64 5.40 3.24 1.74
CA ASN A 64 6.52 2.83 0.90
C ASN A 64 7.38 1.74 1.55
N LEU A 65 7.61 1.84 2.87
CA LEU A 65 8.39 0.88 3.65
C LEU A 65 7.64 -0.44 3.89
N TYR A 66 6.37 -0.34 4.28
CA TYR A 66 5.53 -1.49 4.61
C TYR A 66 5.10 -2.31 3.38
N ARG A 67 5.17 -1.75 2.16
CA ARG A 67 4.86 -2.43 0.89
C ARG A 67 5.54 -3.81 0.77
N ASN A 68 6.84 -3.85 1.08
CA ASN A 68 7.66 -5.07 1.09
C ASN A 68 7.24 -6.05 2.18
N ALA A 69 7.02 -5.56 3.40
CA ALA A 69 6.70 -6.41 4.53
C ALA A 69 5.28 -7.01 4.44
N GLN A 70 4.29 -6.22 4.06
CA GLN A 70 2.89 -6.65 3.91
C GLN A 70 2.73 -7.77 2.86
N SER A 71 3.49 -7.71 1.76
CA SER A 71 3.50 -8.74 0.71
C SER A 71 3.89 -10.14 1.22
N SER A 72 4.63 -10.23 2.34
CA SER A 72 4.93 -11.48 3.04
C SER A 72 4.01 -11.72 4.24
N ALA A 73 3.66 -10.68 5.00
CA ALA A 73 2.79 -10.76 6.17
C ALA A 73 1.38 -11.31 5.86
N VAL A 74 0.84 -10.99 4.68
CA VAL A 74 -0.45 -11.47 4.18
C VAL A 74 -0.52 -13.01 4.12
N LYS A 75 0.60 -13.70 3.87
CA LYS A 75 0.70 -15.18 3.85
C LYS A 75 0.57 -15.82 5.25
N SER A 76 0.76 -15.03 6.32
CA SER A 76 0.88 -15.49 7.71
C SER A 76 0.09 -14.64 8.72
N MET A 77 -0.91 -13.88 8.26
CA MET A 77 -1.61 -12.86 9.06
C MET A 77 -2.22 -13.39 10.38
N LYS A 78 -2.71 -14.63 10.43
CA LYS A 78 -3.26 -15.24 11.65
C LYS A 78 -2.16 -15.64 12.64
N ASP A 79 -1.02 -16.12 12.17
CA ASP A 79 0.15 -16.40 13.01
C ASP A 79 0.74 -15.11 13.62
N ILE A 80 0.76 -14.02 12.84
CA ILE A 80 1.15 -12.68 13.31
C ILE A 80 0.16 -12.15 14.35
N ASP A 81 -1.14 -12.22 14.06
CA ASP A 81 -2.22 -11.80 14.96
C ASP A 81 -2.19 -12.54 16.32
N SER A 82 -1.78 -13.80 16.31
CA SER A 82 -1.57 -14.63 17.52
C SER A 82 -0.37 -14.22 18.39
N SER A 83 0.49 -13.31 17.90
CA SER A 83 1.79 -12.96 18.50
C SER A 83 2.10 -11.43 18.51
N ILE A 84 1.07 -10.59 18.33
CA ILE A 84 1.17 -9.11 18.28
C ILE A 84 0.21 -8.42 19.27
N LEU A 85 -0.37 -9.19 20.21
CA LEU A 85 -1.28 -8.73 21.25
C LEU A 85 -0.63 -7.70 22.21
N GLU A 86 -1.47 -6.93 22.91
CA GLU A 86 -1.07 -5.84 23.82
C GLU A 86 -1.92 -5.85 25.11
N HIS A 87 -1.54 -5.02 26.09
CA HIS A 87 -2.21 -4.87 27.39
C HIS A 87 -2.42 -3.39 27.75
N HIS A 88 -3.25 -3.13 28.76
CA HIS A 88 -3.55 -1.79 29.29
C HIS A 88 -3.74 -1.81 30.82
N HIS A 89 -3.48 -0.67 31.47
CA HIS A 89 -3.41 -0.55 32.93
C HIS A 89 -4.22 0.66 33.49
N HIS A 90 -5.09 1.24 32.66
CA HIS A 90 -5.98 2.36 33.03
C HIS A 90 -6.97 1.98 34.15
N HIS A 91 -7.36 2.96 34.96
CA HIS A 91 -8.34 2.81 36.05
C HIS A 91 -9.09 4.14 36.32
N HIS A 92 -10.32 4.03 36.85
CA HIS A 92 -11.24 5.15 37.11
C HIS A 92 -12.14 4.87 38.33
#